data_1UJZ
# 
_entry.id   1UJZ 
# 
_audit_conform.dict_name       mmcif_pdbx.dic 
_audit_conform.dict_version    5.380 
_audit_conform.dict_location   http://mmcif.pdb.org/dictionaries/ascii/mmcif_pdbx.dic 
# 
loop_
_database_2.database_id 
_database_2.database_code 
_database_2.pdbx_database_accession 
_database_2.pdbx_DOI 
PDB   1UJZ         pdb_00001ujz 10.2210/pdb1ujz/pdb 
RCSB  RCSB005911   ?            ?                   
WWPDB D_1000005911 ?            ?                   
# 
_pdbx_database_related.db_name        PDB 
_pdbx_database_related.db_id          7CEI 
_pdbx_database_related.details        'The endonuclease domain of colicin E7 in complex with its inhibitor IM7 protein' 
_pdbx_database_related.content_type   unspecified 
# 
_pdbx_database_status.status_code                     REL 
_pdbx_database_status.entry_id                        1UJZ 
_pdbx_database_status.recvd_initial_deposition_date   2003-08-13 
_pdbx_database_status.deposit_site                    PDBJ 
_pdbx_database_status.process_site                    PDBJ 
_pdbx_database_status.status_code_sf                  REL 
_pdbx_database_status.SG_entry                        . 
_pdbx_database_status.pdb_format_compatible           Y 
_pdbx_database_status.status_code_mr                  ? 
_pdbx_database_status.status_code_cs                  ? 
_pdbx_database_status.status_code_nmr_data            ? 
_pdbx_database_status.methods_development_category    ? 
# 
loop_
_audit_author.name 
_audit_author.pdbx_ordinal 
'Kortemme, T.'     1 
'Joachimiak, L.A.' 2 
'Bullock, A.N.'    3 
'Schuler, A.D.'    4 
'Stoddard, B.L.'   5 
'Baker, D.'        6 
# 
_citation.id                        primary 
_citation.title                     'Computational redesign of protein-protein interaction specificity' 
_citation.journal_abbrev            NAT.STRUCT.MOL.BIOL. 
_citation.journal_volume            11 
_citation.page_first                371 
_citation.page_last                 379 
_citation.year                      2004 
_citation.journal_id_ASTM           ? 
_citation.country                   US 
_citation.journal_id_ISSN           1545-9993 
_citation.journal_id_CSD            ? 
_citation.book_publisher            ? 
_citation.pdbx_database_id_PubMed   15034550 
_citation.pdbx_database_id_DOI      10.1038/nsmb749 
# 
loop_
_citation_author.citation_id 
_citation_author.name 
_citation_author.ordinal 
_citation_author.identifier_ORCID 
primary 'Kortemme, T.'     1 ? 
primary 'Joachimiak, L.A.' 2 ? 
primary 'Bullock, A.N.'    3 ? 
primary 'Schuler, A.D.'    4 ? 
primary 'Stoddard, B.L.'   5 ? 
primary 'Baker, D.'        6 ? 
# 
_cell.entry_id           1UJZ 
_cell.length_a           62.882 
_cell.length_b           74.552 
_cell.length_c           120.444 
_cell.angle_alpha        90.00 
_cell.angle_beta         90.00 
_cell.angle_gamma        90.00 
_cell.Z_PDB              8 
_cell.pdbx_unique_axis   ? 
# 
_symmetry.entry_id                         1UJZ 
_symmetry.space_group_name_H-M             'I 2 2 2' 
_symmetry.pdbx_full_space_group_name_H-M   ? 
_symmetry.cell_setting                     ? 
_symmetry.Int_Tables_number                23 
# 
loop_
_entity.id 
_entity.type 
_entity.src_method 
_entity.pdbx_description 
_entity.formula_weight 
_entity.pdbx_number_of_molecules 
_entity.pdbx_ec 
_entity.pdbx_mutation 
_entity.pdbx_fragment 
_entity.details 
1 polymer man 'Designed Colicin E7 immunity protein' 9955.049  1  ?       D35Y,                 ?                  ? 
2 polymer man 'Designed Colicin E7 DNase'            14706.647 1  3.1.-.- 'K528Q, T539R, H569A' 'residues 446-573' ? 
3 water   nat water                                  18.015    91 ?       ?                     ?                  ? 
# 
loop_
_entity_name_com.entity_id 
_entity_name_com.name 
1 'dC immunity protein, Im7' 
2 'dC DNase'                 
# 
loop_
_entity_poly.entity_id 
_entity_poly.type 
_entity_poly.nstd_linkage 
_entity_poly.nstd_monomer 
_entity_poly.pdbx_seq_one_letter_code 
_entity_poly.pdbx_seq_one_letter_code_can 
_entity_poly.pdbx_strand_id 
_entity_poly.pdbx_target_identifier 
1 'polypeptide(L)' no no 
;MELKNSISDYTEAEFVQLLKEIEKENVAATDDVLYVLLEHFVKITEHPDGTDLIYYPSDNRDDSPEGIVKEIKEWRAANG
KPGFKQG
;
;MELKNSISDYTEAEFVQLLKEIEKENVAATDDVLYVLLEHFVKITEHPDGTDLIYYPSDNRDDSPEGIVKEIKEWRAANG
KPGFKQG
;
A ? 
2 'polypeptide(L)' no no 
;KRNKPGKATGKGKPVNNKWLNNAGKDLGSPVPDRIANKLRDKEFKSFDDFRKKFWEEVSKDPELSKQFSRNNNDRMKVGK
APQTRTQDVSGKRRSFELHHEKPISQNGGVYDMDNISVVTPKRAIDIH
;
;KRNKPGKATGKGKPVNNKWLNNAGKDLGSPVPDRIANKLRDKEFKSFDDFRKKFWEEVSKDPELSKQFSRNNNDRMKVGK
APQTRTQDVSGKRRSFELHHEKPISQNGGVYDMDNISVVTPKRAIDIH
;
B ? 
# 
loop_
_entity_poly_seq.entity_id 
_entity_poly_seq.num 
_entity_poly_seq.mon_id 
_entity_poly_seq.hetero 
1 1   MET n 
1 2   GLU n 
1 3   LEU n 
1 4   LYS n 
1 5   ASN n 
1 6   SER n 
1 7   ILE n 
1 8   SER n 
1 9   ASP n 
1 10  TYR n 
1 11  THR n 
1 12  GLU n 
1 13  ALA n 
1 14  GLU n 
1 15  PHE n 
1 16  VAL n 
1 17  GLN n 
1 18  LEU n 
1 19  LEU n 
1 20  LYS n 
1 21  GLU n 
1 22  ILE n 
1 23  GLU n 
1 24  LYS n 
1 25  GLU n 
1 26  ASN n 
1 27  VAL n 
1 28  ALA n 
1 29  ALA n 
1 30  THR n 
1 31  ASP n 
1 32  ASP n 
1 33  VAL n 
1 34  LEU n 
1 35  TYR n 
1 36  VAL n 
1 37  LEU n 
1 38  LEU n 
1 39  GLU n 
1 40  HIS n 
1 41  PHE n 
1 42  VAL n 
1 43  LYS n 
1 44  ILE n 
1 45  THR n 
1 46  GLU n 
1 47  HIS n 
1 48  PRO n 
1 49  ASP n 
1 50  GLY n 
1 51  THR n 
1 52  ASP n 
1 53  LEU n 
1 54  ILE n 
1 55  TYR n 
1 56  TYR n 
1 57  PRO n 
1 58  SER n 
1 59  ASP n 
1 60  ASN n 
1 61  ARG n 
1 62  ASP n 
1 63  ASP n 
1 64  SER n 
1 65  PRO n 
1 66  GLU n 
1 67  GLY n 
1 68  ILE n 
1 69  VAL n 
1 70  LYS n 
1 71  GLU n 
1 72  ILE n 
1 73  LYS n 
1 74  GLU n 
1 75  TRP n 
1 76  ARG n 
1 77  ALA n 
1 78  ALA n 
1 79  ASN n 
1 80  GLY n 
1 81  LYS n 
1 82  PRO n 
1 83  GLY n 
1 84  PHE n 
1 85  LYS n 
1 86  GLN n 
1 87  GLY n 
2 1   LYS n 
2 2   ARG n 
2 3   ASN n 
2 4   LYS n 
2 5   PRO n 
2 6   GLY n 
2 7   LYS n 
2 8   ALA n 
2 9   THR n 
2 10  GLY n 
2 11  LYS n 
2 12  GLY n 
2 13  LYS n 
2 14  PRO n 
2 15  VAL n 
2 16  ASN n 
2 17  ASN n 
2 18  LYS n 
2 19  TRP n 
2 20  LEU n 
2 21  ASN n 
2 22  ASN n 
2 23  ALA n 
2 24  GLY n 
2 25  LYS n 
2 26  ASP n 
2 27  LEU n 
2 28  GLY n 
2 29  SER n 
2 30  PRO n 
2 31  VAL n 
2 32  PRO n 
2 33  ASP n 
2 34  ARG n 
2 35  ILE n 
2 36  ALA n 
2 37  ASN n 
2 38  LYS n 
2 39  LEU n 
2 40  ARG n 
2 41  ASP n 
2 42  LYS n 
2 43  GLU n 
2 44  PHE n 
2 45  LYS n 
2 46  SER n 
2 47  PHE n 
2 48  ASP n 
2 49  ASP n 
2 50  PHE n 
2 51  ARG n 
2 52  LYS n 
2 53  LYS n 
2 54  PHE n 
2 55  TRP n 
2 56  GLU n 
2 57  GLU n 
2 58  VAL n 
2 59  SER n 
2 60  LYS n 
2 61  ASP n 
2 62  PRO n 
2 63  GLU n 
2 64  LEU n 
2 65  SER n 
2 66  LYS n 
2 67  GLN n 
2 68  PHE n 
2 69  SER n 
2 70  ARG n 
2 71  ASN n 
2 72  ASN n 
2 73  ASN n 
2 74  ASP n 
2 75  ARG n 
2 76  MET n 
2 77  LYS n 
2 78  VAL n 
2 79  GLY n 
2 80  LYS n 
2 81  ALA n 
2 82  PRO n 
2 83  GLN n 
2 84  THR n 
2 85  ARG n 
2 86  THR n 
2 87  GLN n 
2 88  ASP n 
2 89  VAL n 
2 90  SER n 
2 91  GLY n 
2 92  LYS n 
2 93  ARG n 
2 94  ARG n 
2 95  SER n 
2 96  PHE n 
2 97  GLU n 
2 98  LEU n 
2 99  HIS n 
2 100 HIS n 
2 101 GLU n 
2 102 LYS n 
2 103 PRO n 
2 104 ILE n 
2 105 SER n 
2 106 GLN n 
2 107 ASN n 
2 108 GLY n 
2 109 GLY n 
2 110 VAL n 
2 111 TYR n 
2 112 ASP n 
2 113 MET n 
2 114 ASP n 
2 115 ASN n 
2 116 ILE n 
2 117 SER n 
2 118 VAL n 
2 119 VAL n 
2 120 THR n 
2 121 PRO n 
2 122 LYS n 
2 123 ARG n 
2 124 ALA n 
2 125 ILE n 
2 126 ASP n 
2 127 ILE n 
2 128 HIS n 
# 
loop_
_entity_src_gen.entity_id 
_entity_src_gen.pdbx_src_id 
_entity_src_gen.pdbx_alt_source_flag 
_entity_src_gen.pdbx_seq_type 
_entity_src_gen.pdbx_beg_seq_num 
_entity_src_gen.pdbx_end_seq_num 
_entity_src_gen.gene_src_common_name 
_entity_src_gen.gene_src_genus 
_entity_src_gen.pdbx_gene_src_gene 
_entity_src_gen.gene_src_species 
_entity_src_gen.gene_src_strain 
_entity_src_gen.gene_src_tissue 
_entity_src_gen.gene_src_tissue_fraction 
_entity_src_gen.gene_src_details 
_entity_src_gen.pdbx_gene_src_fragment 
_entity_src_gen.pdbx_gene_src_scientific_name 
_entity_src_gen.pdbx_gene_src_ncbi_taxonomy_id 
_entity_src_gen.pdbx_gene_src_variant 
_entity_src_gen.pdbx_gene_src_cell_line 
_entity_src_gen.pdbx_gene_src_atcc 
_entity_src_gen.pdbx_gene_src_organ 
_entity_src_gen.pdbx_gene_src_organelle 
_entity_src_gen.pdbx_gene_src_cell 
_entity_src_gen.pdbx_gene_src_cellular_location 
_entity_src_gen.host_org_common_name 
_entity_src_gen.pdbx_host_org_scientific_name 
_entity_src_gen.pdbx_host_org_ncbi_taxonomy_id 
_entity_src_gen.host_org_genus 
_entity_src_gen.pdbx_host_org_gene 
_entity_src_gen.pdbx_host_org_organ 
_entity_src_gen.host_org_species 
_entity_src_gen.pdbx_host_org_tissue 
_entity_src_gen.pdbx_host_org_tissue_fraction 
_entity_src_gen.pdbx_host_org_strain 
_entity_src_gen.pdbx_host_org_variant 
_entity_src_gen.pdbx_host_org_cell_line 
_entity_src_gen.pdbx_host_org_atcc 
_entity_src_gen.pdbx_host_org_culture_collection 
_entity_src_gen.pdbx_host_org_cell 
_entity_src_gen.pdbx_host_org_organelle 
_entity_src_gen.pdbx_host_org_cellular_location 
_entity_src_gen.pdbx_host_org_vector_type 
_entity_src_gen.pdbx_host_org_vector 
_entity_src_gen.host_org_details 
_entity_src_gen.expression_system_id 
_entity_src_gen.plasmid_name 
_entity_src_gen.plasmid_details 
_entity_src_gen.pdbx_description 
1 1 sample ? ? ? ? Escherichia CEIE7 ? ? ? ? ? ? 'Escherichia coli' 562 ? ? ? ? ? ? ? ? 'Escherichia coli' 562 Escherichia ? ? ? ? 
? SG13009 ? ? ? ? ? ? ? PLASMID ? ? ? PHBH ? ? 
2 1 sample ? ? ? ? Escherichia CEIE7 ? ? ? ? ? ? 'Escherichia coli' 562 ? ? ? ? ? ? ? ? 'Escherichia coli' 562 Escherichia ? ? ? ? 
? SG13009 ? ? ? ? ? ? ? PLASMID ? ? ? PHBH ? ? 
# 
loop_
_struct_ref.id 
_struct_ref.db_name 
_struct_ref.db_code 
_struct_ref.pdbx_db_accession 
_struct_ref.entity_id 
_struct_ref.pdbx_seq_one_letter_code 
_struct_ref.pdbx_align_begin 
_struct_ref.pdbx_db_isoform 
1 UNP IMM7_ECOLI Q03708 1 
;MELKNSISDYTEAEFVQLLKEIEKENVAATDDVLDVLLEHFVKITEHPDGTDLIYYPSDNRDDSPEGIVKEIKEWRAANG
KPGFKQG
;
1   ? 
2 UNP CEA7_ECOLI Q47112 2 
;KRNKPGKATGKGKPVNNKWLNNAGKDLGSPVPDRIANKLRDKEFKSFDDFRKKFWEEVSKDPELSKQFSRNNNDRMKVGK
APKTRTQDVSGKRTSFELHHEKPISQNGGVYDMDNISVVTPKRHIDIH
;
446 ? 
# 
loop_
_struct_ref_seq.align_id 
_struct_ref_seq.ref_id 
_struct_ref_seq.pdbx_PDB_id_code 
_struct_ref_seq.pdbx_strand_id 
_struct_ref_seq.seq_align_beg 
_struct_ref_seq.pdbx_seq_align_beg_ins_code 
_struct_ref_seq.seq_align_end 
_struct_ref_seq.pdbx_seq_align_end_ins_code 
_struct_ref_seq.pdbx_db_accession 
_struct_ref_seq.db_align_beg 
_struct_ref_seq.pdbx_db_align_beg_ins_code 
_struct_ref_seq.db_align_end 
_struct_ref_seq.pdbx_db_align_end_ins_code 
_struct_ref_seq.pdbx_auth_seq_align_beg 
_struct_ref_seq.pdbx_auth_seq_align_end 
1 1 1UJZ A 1 ? 87  ? Q03708 1   ? 87  ? 1   87  
2 2 1UJZ B 1 ? 128 ? Q47112 446 ? 573 ? 446 573 
# 
loop_
_struct_ref_seq_dif.align_id 
_struct_ref_seq_dif.pdbx_pdb_id_code 
_struct_ref_seq_dif.mon_id 
_struct_ref_seq_dif.pdbx_pdb_strand_id 
_struct_ref_seq_dif.seq_num 
_struct_ref_seq_dif.pdbx_pdb_ins_code 
_struct_ref_seq_dif.pdbx_seq_db_name 
_struct_ref_seq_dif.pdbx_seq_db_accession_code 
_struct_ref_seq_dif.db_mon_id 
_struct_ref_seq_dif.pdbx_seq_db_seq_num 
_struct_ref_seq_dif.details 
_struct_ref_seq_dif.pdbx_auth_seq_num 
_struct_ref_seq_dif.pdbx_ordinal 
1 1UJZ TYR A 35  ? UNP Q03708 ASP 35  'engineered mutation' 35  1 
2 1UJZ GLN B 83  ? UNP Q47112 LYS 528 'engineered mutation' 528 2 
2 1UJZ ARG B 94  ? UNP Q47112 THR 539 'engineered mutation' 539 3 
2 1UJZ ALA B 124 ? UNP Q47112 HIS 569 'engineered mutation' 569 4 
# 
loop_
_chem_comp.id 
_chem_comp.type 
_chem_comp.mon_nstd_flag 
_chem_comp.name 
_chem_comp.pdbx_synonyms 
_chem_comp.formula 
_chem_comp.formula_weight 
ALA 'L-peptide linking' y ALANINE         ? 'C3 H7 N O2'     89.093  
ARG 'L-peptide linking' y ARGININE        ? 'C6 H15 N4 O2 1' 175.209 
ASN 'L-peptide linking' y ASPARAGINE      ? 'C4 H8 N2 O3'    132.118 
ASP 'L-peptide linking' y 'ASPARTIC ACID' ? 'C4 H7 N O4'     133.103 
GLN 'L-peptide linking' y GLUTAMINE       ? 'C5 H10 N2 O3'   146.144 
GLU 'L-peptide linking' y 'GLUTAMIC ACID' ? 'C5 H9 N O4'     147.129 
GLY 'peptide linking'   y GLYCINE         ? 'C2 H5 N O2'     75.067  
HIS 'L-peptide linking' y HISTIDINE       ? 'C6 H10 N3 O2 1' 156.162 
HOH non-polymer         . WATER           ? 'H2 O'           18.015  
ILE 'L-peptide linking' y ISOLEUCINE      ? 'C6 H13 N O2'    131.173 
LEU 'L-peptide linking' y LEUCINE         ? 'C6 H13 N O2'    131.173 
LYS 'L-peptide linking' y LYSINE          ? 'C6 H15 N2 O2 1' 147.195 
MET 'L-peptide linking' y METHIONINE      ? 'C5 H11 N O2 S'  149.211 
PHE 'L-peptide linking' y PHENYLALANINE   ? 'C9 H11 N O2'    165.189 
PRO 'L-peptide linking' y PROLINE         ? 'C5 H9 N O2'     115.130 
SER 'L-peptide linking' y SERINE          ? 'C3 H7 N O3'     105.093 
THR 'L-peptide linking' y THREONINE       ? 'C4 H9 N O3'     119.119 
TRP 'L-peptide linking' y TRYPTOPHAN      ? 'C11 H12 N2 O2'  204.225 
TYR 'L-peptide linking' y TYROSINE        ? 'C9 H11 N O3'    181.189 
VAL 'L-peptide linking' y VALINE          ? 'C5 H11 N O2'    117.146 
# 
_exptl.entry_id          1UJZ 
_exptl.method            'X-RAY DIFFRACTION' 
_exptl.crystals_number   1 
# 
_exptl_crystal.id                    1 
_exptl_crystal.density_meas          ? 
_exptl_crystal.density_Matthews      2.77 
_exptl_crystal.density_percent_sol   55.27 
_exptl_crystal.description           ? 
# 
_exptl_crystal_grow.crystal_id      1 
_exptl_crystal_grow.method          'VAPOR DIFFUSION, HANGING DROP' 
_exptl_crystal_grow.temp            298 
_exptl_crystal_grow.temp_details    ? 
_exptl_crystal_grow.pH              4.6 
_exptl_crystal_grow.pdbx_details    
'PEGMME 2000, ammonium sulfate, Sodium Acetate, Glycerol, DMSO, pH 4.6, VAPOR DIFFUSION, HANGING DROP, temperature 298K' 
_exptl_crystal_grow.pdbx_pH_range   . 
# 
_diffrn.id                     1 
_diffrn.ambient_temp           100 
_diffrn.ambient_temp_details   ? 
_diffrn.crystal_id             1 
# 
_diffrn_detector.diffrn_id              1 
_diffrn_detector.detector               CCD 
_diffrn_detector.type                   'ADSC QUANTUM 4' 
_diffrn_detector.pdbx_collection_date   2002-09-11 
_diffrn_detector.details                ? 
# 
_diffrn_radiation.diffrn_id                        1 
_diffrn_radiation.wavelength_id                    1 
_diffrn_radiation.pdbx_monochromatic_or_laue_m_l   M 
_diffrn_radiation.monochromator                    'Si(220)' 
_diffrn_radiation.pdbx_diffrn_protocol             'SINGLE WAVELENGTH' 
_diffrn_radiation.pdbx_scattering_type             x-ray 
# 
_diffrn_radiation_wavelength.id           1 
_diffrn_radiation_wavelength.wavelength   1 
_diffrn_radiation_wavelength.wt           1.0 
# 
_diffrn_source.diffrn_id                   1 
_diffrn_source.source                      SYNCHROTRON 
_diffrn_source.type                        'ALS BEAMLINE 5.0.1' 
_diffrn_source.pdbx_synchrotron_site       ALS 
_diffrn_source.pdbx_synchrotron_beamline   5.0.1 
_diffrn_source.pdbx_wavelength             ? 
_diffrn_source.pdbx_wavelength_list        1 
# 
_reflns.entry_id                     1UJZ 
_reflns.observed_criterion_sigma_I   0 
_reflns.observed_criterion_sigma_F   0 
_reflns.d_resolution_low             50 
_reflns.d_resolution_high            2.07 
_reflns.number_obs                   19513 
_reflns.number_all                   33148 
_reflns.percent_possible_obs         99.5 
_reflns.pdbx_Rmerge_I_obs            ? 
_reflns.pdbx_Rsym_value              ? 
_reflns.pdbx_netI_over_sigmaI        39.8 
_reflns.B_iso_Wilson_estimate        18.1 
_reflns.pdbx_redundancy              ? 
_reflns.R_free_details               ? 
_reflns.limit_h_max                  ? 
_reflns.limit_h_min                  ? 
_reflns.limit_k_max                  ? 
_reflns.limit_k_min                  ? 
_reflns.limit_l_max                  ? 
_reflns.limit_l_min                  ? 
_reflns.observed_criterion_F_max     ? 
_reflns.observed_criterion_F_min     ? 
_reflns.pdbx_diffrn_id               1 
_reflns.pdbx_ordinal                 1 
# 
_reflns_shell.d_res_high             2.07 
_reflns_shell.d_res_low              2.15 
_reflns_shell.percent_possible_all   99.9 
_reflns_shell.Rmerge_I_obs           ? 
_reflns_shell.pdbx_Rsym_value        ? 
_reflns_shell.meanI_over_sigI_obs    ? 
_reflns_shell.pdbx_redundancy        ? 
_reflns_shell.percent_possible_obs   ? 
_reflns_shell.number_unique_all      ? 
_reflns_shell.pdbx_diffrn_id         ? 
_reflns_shell.pdbx_ordinal           1 
# 
_refine.entry_id                                 1UJZ 
_refine.ls_number_reflns_obs                     16460 
_refine.ls_number_reflns_all                     ? 
_refine.pdbx_ls_sigma_I                          0 
_refine.pdbx_ls_sigma_F                          0 
_refine.pdbx_data_cutoff_high_absF               274027.32 
_refine.pdbx_data_cutoff_low_absF                0.000000 
_refine.pdbx_data_cutoff_high_rms_absF           ? 
_refine.ls_d_res_low                             37.57 
_refine.ls_d_res_high                            2.10 
_refine.ls_percent_reflns_obs                    97.3 
_refine.ls_R_factor_obs                          0.242 
_refine.ls_R_factor_all                          0.262 
_refine.ls_R_factor_R_work                       0.242 
_refine.ls_R_factor_R_free                       0.27 
_refine.ls_R_factor_R_free_error                 0.007 
_refine.ls_R_factor_R_free_error_details         ? 
_refine.ls_percent_reflns_R_free                 9.8 
_refine.ls_number_reflns_R_free                  1615 
_refine.ls_number_parameters                     ? 
_refine.ls_number_restraints                     ? 
_refine.occupancy_min                            ? 
_refine.occupancy_max                            ? 
_refine.correlation_coeff_Fo_to_Fc               ? 
_refine.correlation_coeff_Fo_to_Fc_free          ? 
_refine.B_iso_mean                               39.9 
_refine.aniso_B[1][1]                            2.45 
_refine.aniso_B[2][2]                            4.60 
_refine.aniso_B[3][3]                            -7.05 
_refine.aniso_B[1][2]                            0.00 
_refine.aniso_B[1][3]                            0.00 
_refine.aniso_B[2][3]                            0.00 
_refine.solvent_model_details                    'FLAT MODEL' 
_refine.solvent_model_param_ksol                 0.38722 
_refine.solvent_model_param_bsol                 53.576 
_refine.pdbx_solvent_vdw_probe_radii             ? 
_refine.pdbx_solvent_ion_probe_radii             ? 
_refine.pdbx_solvent_shrinkage_radii             ? 
_refine.pdbx_ls_cross_valid_method               THROUGHOUT 
_refine.details                                  ? 
_refine.pdbx_starting_model                      7cei 
_refine.pdbx_method_to_determine_struct          'MOLECULAR REPLACEMENT' 
_refine.pdbx_isotropic_thermal_model             RESTRAINED 
_refine.pdbx_stereochemistry_target_values       ? 
_refine.pdbx_stereochem_target_val_spec_case     ? 
_refine.pdbx_R_Free_selection_details            RANDOM 
_refine.pdbx_overall_ESU_R                       ? 
_refine.pdbx_overall_ESU_R_Free                  ? 
_refine.overall_SU_ML                            ? 
_refine.overall_SU_B                             ? 
_refine.ls_redundancy_reflns_obs                 ? 
_refine.B_iso_min                                ? 
_refine.B_iso_max                                ? 
_refine.overall_SU_R_Cruickshank_DPI             ? 
_refine.overall_SU_R_free                        ? 
_refine.pdbx_refine_id                           'X-RAY DIFFRACTION' 
_refine.pdbx_diffrn_id                           1 
_refine.pdbx_TLS_residual_ADP_flag               ? 
_refine.pdbx_overall_phase_error                 ? 
_refine.pdbx_overall_SU_R_free_Cruickshank_DPI   ? 
_refine.pdbx_overall_SU_R_Blow_DPI               ? 
_refine.pdbx_overall_SU_R_free_Blow_DPI          ? 
# 
_refine_analyze.entry_id                        1UJZ 
_refine_analyze.Luzzati_coordinate_error_obs    0.28 
_refine_analyze.Luzzati_sigma_a_obs             0.12 
_refine_analyze.Luzzati_d_res_low_obs           5.00 
_refine_analyze.Luzzati_coordinate_error_free   0.33 
_refine_analyze.Luzzati_sigma_a_free            0.17 
_refine_analyze.Luzzati_d_res_low_free          ? 
_refine_analyze.number_disordered_residues      ? 
_refine_analyze.occupancy_sum_hydrogen          ? 
_refine_analyze.occupancy_sum_non_hydrogen      ? 
_refine_analyze.pdbx_Luzzati_d_res_high_obs     ? 
_refine_analyze.pdbx_refine_id                  'X-RAY DIFFRACTION' 
# 
_refine_hist.pdbx_refine_id                   'X-RAY DIFFRACTION' 
_refine_hist.cycle_id                         LAST 
_refine_hist.pdbx_number_atoms_protein        1728 
_refine_hist.pdbx_number_atoms_nucleic_acid   0 
_refine_hist.pdbx_number_atoms_ligand         0 
_refine_hist.number_atoms_solvent             91 
_refine_hist.number_atoms_total               1819 
_refine_hist.d_res_high                       2.10 
_refine_hist.d_res_low                        37.57 
# 
loop_
_refine_ls_restr.type 
_refine_ls_restr.dev_ideal 
_refine_ls_restr.dev_ideal_target 
_refine_ls_restr.weight 
_refine_ls_restr.number 
_refine_ls_restr.pdbx_refine_id 
_refine_ls_restr.pdbx_restraint_function 
c_bond_d           0.006 ? ? ? 'X-RAY DIFFRACTION' ? 
c_angle_deg        1.0   ? ? ? 'X-RAY DIFFRACTION' ? 
c_dihedral_angle_d 20.5  ? ? ? 'X-RAY DIFFRACTION' ? 
c_improper_angle_d 0.84  ? ? ? 'X-RAY DIFFRACTION' ? 
# 
_refine_ls_shell.pdbx_total_number_of_bins_used   6 
_refine_ls_shell.d_res_high                       2.10 
_refine_ls_shell.d_res_low                        2.23 
_refine_ls_shell.number_reflns_R_work             2328 
_refine_ls_shell.R_factor_R_work                  0.245 
_refine_ls_shell.percent_reflns_obs               93.8 
_refine_ls_shell.R_factor_R_free                  0.277 
_refine_ls_shell.R_factor_R_free_error            0.017 
_refine_ls_shell.percent_reflns_R_free            10.3 
_refine_ls_shell.number_reflns_R_free             268 
_refine_ls_shell.number_reflns_obs                2734 
_refine_ls_shell.redundancy_reflns_obs            ? 
_refine_ls_shell.number_reflns_all                ? 
_refine_ls_shell.pdbx_refine_id                   'X-RAY DIFFRACTION' 
_refine_ls_shell.R_factor_all                     ? 
# 
loop_
_pdbx_xplor_file.serial_no 
_pdbx_xplor_file.param_file 
_pdbx_xplor_file.topol_file 
_pdbx_xplor_file.pdbx_refine_id 
1 PROTEIN_REP.PARAM PROTEIN.TOP 'X-RAY DIFFRACTION' 
2 WATER_REP.PARAM   WATER.TOP   'X-RAY DIFFRACTION' 
# 
_struct.entry_id                  1UJZ 
_struct.title                     
;Crystal structure of the E7_C/Im7_C complex; a computationally designed interface between the colicin E7 DNase and the Im7 Immunity protein
;
_struct.pdbx_model_details        ? 
_struct.pdbx_CASP_flag            ? 
_struct.pdbx_model_type_details   ? 
# 
_struct_keywords.entry_id        1UJZ 
_struct_keywords.pdbx_keywords   'IMMUNE SYSTEM' 
_struct_keywords.text            
'computational design, redesigned protein-protein interface, specificity, molecular recognition, protein complex, IMMUNE SYSTEM' 
# 
loop_
_struct_asym.id 
_struct_asym.pdbx_blank_PDB_chainid_flag 
_struct_asym.pdbx_modified 
_struct_asym.entity_id 
_struct_asym.details 
A N N 1 ? 
B N N 2 ? 
C N N 3 ? 
D N N 3 ? 
# 
loop_
_struct_conf.conf_type_id 
_struct_conf.id 
_struct_conf.pdbx_PDB_helix_id 
_struct_conf.beg_label_comp_id 
_struct_conf.beg_label_asym_id 
_struct_conf.beg_label_seq_id 
_struct_conf.pdbx_beg_PDB_ins_code 
_struct_conf.end_label_comp_id 
_struct_conf.end_label_asym_id 
_struct_conf.end_label_seq_id 
_struct_conf.pdbx_end_PDB_ins_code 
_struct_conf.beg_auth_comp_id 
_struct_conf.beg_auth_asym_id 
_struct_conf.beg_auth_seq_id 
_struct_conf.end_auth_comp_id 
_struct_conf.end_auth_asym_id 
_struct_conf.end_auth_seq_id 
_struct_conf.pdbx_PDB_helix_class 
_struct_conf.details 
_struct_conf.pdbx_PDB_helix_length 
HELX_P HELX_P1  1  SER A 6   ? TYR A 10  ? SER A 6   TYR A 10  5 ? 5  
HELX_P HELX_P2  2  THR A 11  ? VAL A 27  ? THR A 11  VAL A 27  1 ? 17 
HELX_P HELX_P3  3  ASP A 31  ? GLU A 46  ? ASP A 31  GLU A 46  1 ? 16 
HELX_P HELX_P4  4  THR A 51  ? TYR A 56  ? THR A 51  TYR A 56  1 ? 6  
HELX_P HELX_P5  5  SER A 64  ? ASN A 79  ? SER A 64  ASN A 79  1 ? 16 
HELX_P HELX_P6  6  LYS B 18  ? ALA B 23  ? LYS B 463 ALA B 468 5 ? 6  
HELX_P HELX_P7  7  PRO B 32  ? ARG B 40  ? PRO B 477 ARG B 485 1 ? 9  
HELX_P HELX_P8  8  SER B 46  ? ASP B 61  ? SER B 491 ASP B 506 1 ? 16 
HELX_P HELX_P9  9  ASP B 61  ? LYS B 66  ? ASP B 506 LYS B 511 1 ? 6  
HELX_P HELX_P10 10 SER B 69  ? VAL B 78  ? SER B 514 VAL B 523 1 ? 10 
HELX_P HELX_P11 11 ARG B 85  ? VAL B 89  ? ARG B 530 VAL B 534 5 ? 5  
HELX_P HELX_P12 12 ASP B 112 ? ASP B 114 ? ASP B 557 ASP B 559 5 ? 3  
HELX_P HELX_P13 13 THR B 120 ? ILE B 127 ? THR B 565 ILE B 572 1 ? 8  
# 
_struct_conf_type.id          HELX_P 
_struct_conf_type.criteria    ? 
_struct_conf_type.reference   ? 
# 
loop_
_struct_sheet.id 
_struct_sheet.type 
_struct_sheet.number_strands 
_struct_sheet.details 
A ? 2 ? 
B ? 3 ? 
# 
loop_
_struct_sheet_order.sheet_id 
_struct_sheet_order.range_id_1 
_struct_sheet_order.range_id_2 
_struct_sheet_order.offset 
_struct_sheet_order.sense 
A 1 2 ? anti-parallel 
B 1 2 ? anti-parallel 
B 2 3 ? anti-parallel 
# 
loop_
_struct_sheet_range.sheet_id 
_struct_sheet_range.id 
_struct_sheet_range.beg_label_comp_id 
_struct_sheet_range.beg_label_asym_id 
_struct_sheet_range.beg_label_seq_id 
_struct_sheet_range.pdbx_beg_PDB_ins_code 
_struct_sheet_range.end_label_comp_id 
_struct_sheet_range.end_label_asym_id 
_struct_sheet_range.end_label_seq_id 
_struct_sheet_range.pdbx_end_PDB_ins_code 
_struct_sheet_range.beg_auth_comp_id 
_struct_sheet_range.beg_auth_asym_id 
_struct_sheet_range.beg_auth_seq_id 
_struct_sheet_range.end_auth_comp_id 
_struct_sheet_range.end_auth_asym_id 
_struct_sheet_range.end_auth_seq_id 
A 1 GLY B 6   ? LYS B 7   ? GLY B 451 LYS B 452 
A 2 GLU B 43  ? PHE B 44  ? GLU B 488 PHE B 489 
B 1 SER B 29  ? PRO B 30  ? SER B 474 PRO B 475 
B 2 ILE B 116 ? VAL B 119 ? ILE B 561 VAL B 564 
B 3 GLU B 97  ? HIS B 100 ? GLU B 542 HIS B 545 
# 
loop_
_pdbx_struct_sheet_hbond.sheet_id 
_pdbx_struct_sheet_hbond.range_id_1 
_pdbx_struct_sheet_hbond.range_id_2 
_pdbx_struct_sheet_hbond.range_1_label_atom_id 
_pdbx_struct_sheet_hbond.range_1_label_comp_id 
_pdbx_struct_sheet_hbond.range_1_label_asym_id 
_pdbx_struct_sheet_hbond.range_1_label_seq_id 
_pdbx_struct_sheet_hbond.range_1_PDB_ins_code 
_pdbx_struct_sheet_hbond.range_1_auth_atom_id 
_pdbx_struct_sheet_hbond.range_1_auth_comp_id 
_pdbx_struct_sheet_hbond.range_1_auth_asym_id 
_pdbx_struct_sheet_hbond.range_1_auth_seq_id 
_pdbx_struct_sheet_hbond.range_2_label_atom_id 
_pdbx_struct_sheet_hbond.range_2_label_comp_id 
_pdbx_struct_sheet_hbond.range_2_label_asym_id 
_pdbx_struct_sheet_hbond.range_2_label_seq_id 
_pdbx_struct_sheet_hbond.range_2_PDB_ins_code 
_pdbx_struct_sheet_hbond.range_2_auth_atom_id 
_pdbx_struct_sheet_hbond.range_2_auth_comp_id 
_pdbx_struct_sheet_hbond.range_2_auth_asym_id 
_pdbx_struct_sheet_hbond.range_2_auth_seq_id 
A 1 2 N GLY B 6   ? N GLY B 451 O PHE B 44  ? O PHE B 489 
B 1 2 N SER B 29  ? N SER B 474 O VAL B 118 ? O VAL B 563 
B 2 3 O SER B 117 ? O SER B 562 N HIS B 99  ? N HIS B 544 
# 
_atom_sites.entry_id                    1UJZ 
_atom_sites.fract_transf_matrix[1][1]   0.00918869 
_atom_sites.fract_transf_matrix[1][2]   -0.00877487 
_atom_sites.fract_transf_matrix[1][3]   0.00956426 
_atom_sites.fract_transf_matrix[2][1]   0.00982847 
_atom_sites.fract_transf_matrix[2][2]   0.00035081 
_atom_sites.fract_transf_matrix[2][3]   -0.00912067 
_atom_sites.fract_transf_matrix[3][1]   0.00298468 
_atom_sites.fract_transf_matrix[3][2]   0.00692124 
_atom_sites.fract_transf_matrix[3][3]   0.00348252 
_atom_sites.fract_transf_vector[1]      0.721836 
_atom_sites.fract_transf_vector[2]      0.917160 
_atom_sites.fract_transf_vector[3]      0.139332 
# 
loop_
_atom_type.symbol 
C 
N 
O 
S 
# 
loop_
_atom_site.group_PDB 
_atom_site.id 
_atom_site.type_symbol 
_atom_site.label_atom_id 
_atom_site.label_alt_id 
_atom_site.label_comp_id 
_atom_site.label_asym_id 
_atom_site.label_entity_id 
_atom_site.label_seq_id 
_atom_site.pdbx_PDB_ins_code 
_atom_site.Cartn_x 
_atom_site.Cartn_y 
_atom_site.Cartn_z 
_atom_site.occupancy 
_atom_site.B_iso_or_equiv 
_atom_site.pdbx_formal_charge 
_atom_site.auth_seq_id 
_atom_site.auth_comp_id 
_atom_site.auth_asym_id 
_atom_site.auth_atom_id 
_atom_site.pdbx_PDB_model_num 
ATOM   1    N N   . MET A 1 1   ? -3.180  -8.189  -20.894 1.00 64.81 ? 1   MET A N   1 
ATOM   2    C CA  . MET A 1 1   ? -2.402  -7.782  -22.103 1.00 64.18 ? 1   MET A CA  1 
ATOM   3    C C   . MET A 1 1   ? -1.270  -8.763  -22.388 1.00 62.82 ? 1   MET A C   1 
ATOM   4    O O   . MET A 1 1   ? -1.278  -9.901  -21.913 1.00 63.06 ? 1   MET A O   1 
ATOM   5    C CB  . MET A 1 1   ? -1.816  -6.383  -21.903 1.00 66.06 ? 1   MET A CB  1 
ATOM   6    C CG  . MET A 1 1   ? -0.966  -6.250  -20.649 1.00 67.90 ? 1   MET A CG  1 
ATOM   7    S SD  . MET A 1 1   ? -0.044  -4.705  -20.581 1.00 69.93 ? 1   MET A SD  1 
ATOM   8    C CE  . MET A 1 1   ? 1.658   -5.308  -20.724 1.00 68.81 ? 1   MET A CE  1 
ATOM   9    N N   . GLU A 1 2   ? -0.298  -8.310  -23.172 1.00 60.47 ? 2   GLU A N   1 
ATOM   10   C CA  . GLU A 1 2   ? 0.851   -9.135  -23.516 1.00 57.95 ? 2   GLU A CA  1 
ATOM   11   C C   . GLU A 1 2   ? 2.071   -8.668  -22.721 1.00 54.93 ? 2   GLU A C   1 
ATOM   12   O O   . GLU A 1 2   ? 2.522   -7.534  -22.862 1.00 54.90 ? 2   GLU A O   1 
ATOM   13   C CB  . GLU A 1 2   ? 1.139   -9.046  -25.019 1.00 58.67 ? 2   GLU A CB  1 
ATOM   14   C CG  . GLU A 1 2   ? -0.026  -9.479  -25.914 1.00 60.01 ? 2   GLU A CG  1 
ATOM   15   C CD  . GLU A 1 2   ? -0.403  -10.945 -25.740 1.00 58.70 ? 2   GLU A CD  1 
ATOM   16   O OE1 . GLU A 1 2   ? -0.890  -11.317 -24.651 1.00 56.28 ? 2   GLU A OE1 1 
ATOM   17   O OE2 . GLU A 1 2   ? -0.208  -11.724 -26.697 1.00 59.78 ? 2   GLU A OE2 1 
ATOM   18   N N   . LEU A 1 3   ? 2.592   -9.553  -21.880 1.00 51.73 ? 3   LEU A N   1 
ATOM   19   C CA  . LEU A 1 3   ? 3.754   -9.245  -21.056 1.00 47.91 ? 3   LEU A CA  1 
ATOM   20   C C   . LEU A 1 3   ? 5.034   -9.705  -21.752 1.00 46.60 ? 3   LEU A C   1 
ATOM   21   O O   . LEU A 1 3   ? 5.269   -10.906 -21.889 1.00 46.54 ? 3   LEU A O   1 
ATOM   22   C CB  . LEU A 1 3   ? 3.609   -9.942  -19.698 1.00 46.77 ? 3   LEU A CB  1 
ATOM   23   C CG  . LEU A 1 3   ? 2.332   -9.614  -18.901 1.00 46.10 ? 3   LEU A CG  1 
ATOM   24   C CD1 . LEU A 1 3   ? 2.184   -10.564 -17.723 1.00 43.28 ? 3   LEU A CD1 1 
ATOM   25   C CD2 . LEU A 1 3   ? 2.383   -8.169  -18.418 1.00 43.81 ? 3   LEU A CD2 1 
ATOM   26   N N   . LYS A 1 4   ? 5.851   -8.750  -22.195 1.00 44.76 ? 4   LYS A N   1 
ATOM   27   C CA  . LYS A 1 4   ? 7.111   -9.058  -22.883 1.00 43.89 ? 4   LYS A CA  1 
ATOM   28   C C   . LYS A 1 4   ? 8.126   -9.564  -21.862 1.00 42.97 ? 4   LYS A C   1 
ATOM   29   O O   . LYS A 1 4   ? 7.954   -9.371  -20.662 1.00 41.64 ? 4   LYS A O   1 
ATOM   30   C CB  . LYS A 1 4   ? 7.691   -7.810  -23.548 1.00 44.39 ? 4   LYS A CB  1 
ATOM   31   C CG  . LYS A 1 4   ? 6.707   -6.932  -24.301 1.00 45.13 ? 4   LYS A CG  1 
ATOM   32   C CD  . LYS A 1 4   ? 6.219   -7.565  -25.579 1.00 45.52 ? 4   LYS A CD  1 
ATOM   33   C CE  . LYS A 1 4   ? 5.368   -6.579  -26.356 1.00 44.61 ? 4   LYS A CE  1 
ATOM   34   N NZ  . LYS A 1 4   ? 6.138   -5.375  -26.760 1.00 42.58 ? 4   LYS A NZ  1 
ATOM   35   N N   . ASN A 1 5   ? 9.204   -10.177 -22.331 1.00 42.34 ? 5   ASN A N   1 
ATOM   36   C CA  . ASN A 1 5   ? 10.194  -10.705 -21.407 1.00 43.55 ? 5   ASN A CA  1 
ATOM   37   C C   . ASN A 1 5   ? 11.269  -9.698  -21.034 1.00 42.20 ? 5   ASN A C   1 
ATOM   38   O O   . ASN A 1 5   ? 11.882  -9.808  -19.976 1.00 41.85 ? 5   ASN A O   1 
ATOM   39   C CB  . ASN A 1 5   ? 10.858  -11.948 -22.000 1.00 48.28 ? 5   ASN A CB  1 
ATOM   40   C CG  . ASN A 1 5   ? 11.609  -11.649 -23.277 1.00 52.16 ? 5   ASN A CG  1 
ATOM   41   O OD1 . ASN A 1 5   ? 11.004  -11.399 -24.323 1.00 54.16 ? 5   ASN A OD1 1 
ATOM   42   N ND2 . ASN A 1 5   ? 12.936  -11.654 -23.199 1.00 54.37 ? 5   ASN A ND2 1 
ATOM   43   N N   . SER A 1 6   ? 11.484  -8.708  -21.892 1.00 40.44 ? 6   SER A N   1 
ATOM   44   C CA  . SER A 1 6   ? 12.525  -7.715  -21.650 1.00 40.26 ? 6   SER A CA  1 
ATOM   45   C C   . SER A 1 6   ? 12.058  -6.277  -21.855 1.00 38.95 ? 6   SER A C   1 
ATOM   46   O O   . SER A 1 6   ? 11.142  -6.013  -22.631 1.00 39.22 ? 6   SER A O   1 
ATOM   47   C CB  . SER A 1 6   ? 13.721  -8.010  -22.563 1.00 38.36 ? 6   SER A CB  1 
ATOM   48   O OG  . SER A 1 6   ? 14.656  -6.955  -22.537 1.00 42.29 ? 6   SER A OG  1 
ATOM   49   N N   . ILE A 1 7   ? 12.701  -5.351  -21.153 1.00 38.53 ? 7   ILE A N   1 
ATOM   50   C CA  . ILE A 1 7   ? 12.361  -3.935  -21.254 1.00 37.82 ? 7   ILE A CA  1 
ATOM   51   C C   . ILE A 1 7   ? 12.643  -3.442  -22.674 1.00 36.97 ? 7   ILE A C   1 
ATOM   52   O O   . ILE A 1 7   ? 11.983  -2.524  -23.178 1.00 34.35 ? 7   ILE A O   1 
ATOM   53   C CB  . ILE A 1 7   ? 13.165  -3.117  -20.213 1.00 37.71 ? 7   ILE A CB  1 
ATOM   54   C CG1 . ILE A 1 7   ? 12.727  -1.651  -20.224 1.00 40.56 ? 7   ILE A CG1 1 
ATOM   55   C CG2 . ILE A 1 7   ? 14.656  -3.258  -20.479 1.00 40.33 ? 7   ILE A CG2 1 
ATOM   56   C CD1 . ILE A 1 7   ? 13.467  -0.780  -21.213 1.00 39.07 ? 7   ILE A CD1 1 
ATOM   57   N N   . SER A 1 8   ? 13.620  -4.078  -23.318 1.00 37.57 ? 8   SER A N   1 
ATOM   58   C CA  . SER A 1 8   ? 14.006  -3.749  -24.689 1.00 38.37 ? 8   SER A CA  1 
ATOM   59   C C   . SER A 1 8   ? 12.897  -4.086  -25.685 1.00 36.11 ? 8   SER A C   1 
ATOM   60   O O   . SER A 1 8   ? 12.931  -3.630  -26.821 1.00 34.62 ? 8   SER A O   1 
ATOM   61   C CB  . SER A 1 8   ? 15.274  -4.515  -25.090 1.00 41.52 ? 8   SER A CB  1 
ATOM   62   O OG  . SER A 1 8   ? 16.385  -4.136  -24.292 1.00 48.19 ? 8   SER A OG  1 
ATOM   63   N N   . ASP A 1 9   ? 11.926  -4.894  -25.264 1.00 35.79 ? 9   ASP A N   1 
ATOM   64   C CA  . ASP A 1 9   ? 10.825  -5.265  -26.149 1.00 33.77 ? 9   ASP A CA  1 
ATOM   65   C C   . ASP A 1 9   ? 9.702   -4.244  -26.071 1.00 32.54 ? 9   ASP A C   1 
ATOM   66   O O   . ASP A 1 9   ? 8.778   -4.265  -26.883 1.00 30.80 ? 9   ASP A O   1 
ATOM   67   C CB  . ASP A 1 9   ? 10.258  -6.640  -25.777 1.00 35.03 ? 9   ASP A CB  1 
ATOM   68   C CG  . ASP A 1 9   ? 11.278  -7.751  -25.902 1.00 36.96 ? 9   ASP A CG  1 
ATOM   69   O OD1 . ASP A 1 9   ? 11.902  -7.877  -26.973 1.00 37.76 ? 9   ASP A OD1 1 
ATOM   70   O OD2 . ASP A 1 9   ? 11.443  -8.508  -24.923 1.00 37.71 ? 9   ASP A OD2 1 
ATOM   71   N N   . TYR A 1 10  ? 9.790   -3.353  -25.087 1.00 31.48 ? 10  TYR A N   1 
ATOM   72   C CA  . TYR A 1 10  ? 8.773   -2.322  -24.850 1.00 30.14 ? 10  TYR A CA  1 
ATOM   73   C C   . TYR A 1 10  ? 9.109   -0.924  -25.333 1.00 29.49 ? 10  TYR A C   1 
ATOM   74   O O   . TYR A 1 10  ? 10.179  -0.401  -25.033 1.00 25.73 ? 10  TYR A O   1 
ATOM   75   C CB  . TYR A 1 10  ? 8.497   -2.177  -23.351 1.00 27.49 ? 10  TYR A CB  1 
ATOM   76   C CG  . TYR A 1 10  ? 7.702   -3.275  -22.700 1.00 27.24 ? 10  TYR A CG  1 
ATOM   77   C CD1 . TYR A 1 10  ? 6.313   -3.292  -22.772 1.00 26.42 ? 10  TYR A CD1 1 
ATOM   78   C CD2 . TYR A 1 10  ? 8.335   -4.260  -21.959 1.00 24.53 ? 10  TYR A CD2 1 
ATOM   79   C CE1 . TYR A 1 10  ? 5.572   -4.263  -22.112 1.00 28.31 ? 10  TYR A CE1 1 
ATOM   80   C CE2 . TYR A 1 10  ? 7.617   -5.233  -21.293 1.00 25.38 ? 10  TYR A CE2 1 
ATOM   81   C CZ  . TYR A 1 10  ? 6.239   -5.232  -21.370 1.00 27.28 ? 10  TYR A CZ  1 
ATOM   82   O OH  . TYR A 1 10  ? 5.534   -6.195  -20.700 1.00 27.31 ? 10  TYR A OH  1 
ATOM   83   N N   . THR A 1 11  ? 8.181   -0.303  -26.059 1.00 30.07 ? 11  THR A N   1 
ATOM   84   C CA  . THR A 1 11  ? 8.386   1.077   -26.468 1.00 30.48 ? 11  THR A CA  1 
ATOM   85   C C   . THR A 1 11  ? 8.013   1.821   -25.191 1.00 31.31 ? 11  THR A C   1 
ATOM   86   O O   . THR A 1 11  ? 7.447   1.228   -24.271 1.00 29.99 ? 11  THR A O   1 
ATOM   87   C CB  . THR A 1 11  ? 7.411   1.513   -27.569 1.00 31.14 ? 11  THR A CB  1 
ATOM   88   O OG1 . THR A 1 11  ? 6.072   1.486   -27.062 1.00 29.80 ? 11  THR A OG1 1 
ATOM   89   C CG2 . THR A 1 11  ? 7.517   0.590   -28.765 1.00 33.40 ? 11  THR A CG2 1 
ATOM   90   N N   . GLU A 1 12  ? 8.331   3.102   -25.100 1.00 31.62 ? 12  GLU A N   1 
ATOM   91   C CA  . GLU A 1 12  ? 7.956   3.811   -23.892 1.00 32.20 ? 12  GLU A CA  1 
ATOM   92   C C   . GLU A 1 12  ? 6.428   3.828   -23.760 1.00 31.60 ? 12  GLU A C   1 
ATOM   93   O O   . GLU A 1 12  ? 5.897   3.610   -22.679 1.00 30.99 ? 12  GLU A O   1 
ATOM   94   C CB  . GLU A 1 12  ? 8.526   5.235   -23.893 1.00 33.46 ? 12  GLU A CB  1 
ATOM   95   C CG  . GLU A 1 12  ? 10.019  5.296   -23.578 1.00 34.99 ? 12  GLU A CG  1 
ATOM   96   C CD  . GLU A 1 12  ? 10.508  6.706   -23.337 1.00 37.61 ? 12  GLU A CD  1 
ATOM   97   O OE1 . GLU A 1 12  ? 9.751   7.492   -22.729 1.00 38.78 ? 12  GLU A OE1 1 
ATOM   98   O OE2 . GLU A 1 12  ? 11.649  7.032   -23.732 1.00 43.38 ? 12  GLU A OE2 1 
ATOM   99   N N   . ALA A 1 13  ? 5.724   4.058   -24.866 1.00 31.32 ? 13  ALA A N   1 
ATOM   100  C CA  . ALA A 1 13  ? 4.259   4.101   -24.848 1.00 29.27 ? 13  ALA A CA  1 
ATOM   101  C C   . ALA A 1 13  ? 3.649   2.780   -24.374 1.00 29.06 ? 13  ALA A C   1 
ATOM   102  O O   . ALA A 1 13  ? 2.628   2.762   -23.672 1.00 28.25 ? 13  ALA A O   1 
ATOM   103  C CB  . ALA A 1 13  ? 3.726   4.456   -26.244 1.00 29.03 ? 13  ALA A CB  1 
ATOM   104  N N   . GLU A 1 14  ? 4.275   1.678   -24.772 1.00 26.61 ? 14  GLU A N   1 
ATOM   105  C CA  . GLU A 1 14  ? 3.818   0.344   -24.388 1.00 27.33 ? 14  GLU A CA  1 
ATOM   106  C C   . GLU A 1 14  ? 4.014   0.074   -22.897 1.00 24.38 ? 14  GLU A C   1 
ATOM   107  O O   . GLU A 1 14  ? 3.231   -0.646  -22.281 1.00 22.46 ? 14  GLU A O   1 
ATOM   108  C CB  . GLU A 1 14  ? 4.570   -0.737  -25.173 1.00 29.90 ? 14  GLU A CB  1 
ATOM   109  C CG  . GLU A 1 14  ? 4.088   -0.927  -26.603 1.00 34.15 ? 14  GLU A CG  1 
ATOM   110  C CD  . GLU A 1 14  ? 4.898   -1.966  -27.359 1.00 36.18 ? 14  GLU A CD  1 
ATOM   111  O OE1 . GLU A 1 14  ? 4.377   -2.526  -28.345 1.00 39.51 ? 14  GLU A OE1 1 
ATOM   112  O OE2 . GLU A 1 14  ? 6.059   -2.213  -26.972 1.00 36.43 ? 14  GLU A OE2 1 
ATOM   113  N N   . PHE A 1 15  ? 5.069   0.639   -22.323 1.00 23.52 ? 15  PHE A N   1 
ATOM   114  C CA  . PHE A 1 15  ? 5.342   0.429   -20.910 1.00 23.45 ? 15  PHE A CA  1 
ATOM   115  C C   . PHE A 1 15  ? 4.306   1.172   -20.094 1.00 22.39 ? 15  PHE A C   1 
ATOM   116  O O   . PHE A 1 15  ? 3.913   0.736   -19.009 1.00 23.15 ? 15  PHE A O   1 
ATOM   117  C CB  . PHE A 1 15  ? 6.748   0.924   -20.549 1.00 24.36 ? 15  PHE A CB  1 
ATOM   118  C CG  . PHE A 1 15  ? 7.201   0.475   -19.185 1.00 23.96 ? 15  PHE A CG  1 
ATOM   119  C CD1 . PHE A 1 15  ? 7.658   -0.821  -18.973 1.00 23.53 ? 15  PHE A CD1 1 
ATOM   120  C CD2 . PHE A 1 15  ? 7.137   1.348   -18.102 1.00 25.25 ? 15  PHE A CD2 1 
ATOM   121  C CE1 . PHE A 1 15  ? 8.026   -1.247  -17.696 1.00 25.87 ? 15  PHE A CE1 1 
ATOM   122  C CE2 . PHE A 1 15  ? 7.501   0.937   -16.826 1.00 23.99 ? 15  PHE A CE2 1 
ATOM   123  C CZ  . PHE A 1 15  ? 7.952   -0.360  -16.623 1.00 26.59 ? 15  PHE A CZ  1 
ATOM   124  N N   . VAL A 1 16  ? 3.877   2.316   -20.611 1.00 21.68 ? 16  VAL A N   1 
ATOM   125  C CA  . VAL A 1 16  ? 2.865   3.109   -19.940 1.00 22.05 ? 16  VAL A CA  1 
ATOM   126  C C   . VAL A 1 16  ? 1.550   2.314   -19.898 1.00 23.00 ? 16  VAL A C   1 
ATOM   127  O O   . VAL A 1 16  ? 0.808   2.376   -18.911 1.00 21.32 ? 16  VAL A O   1 
ATOM   128  C CB  . VAL A 1 16  ? 2.678   4.474   -20.662 1.00 23.23 ? 16  VAL A CB  1 
ATOM   129  C CG1 . VAL A 1 16  ? 1.449   5.211   -20.134 1.00 23.17 ? 16  VAL A CG1 1 
ATOM   130  C CG2 . VAL A 1 16  ? 3.919   5.321   -20.447 1.00 23.20 ? 16  VAL A CG2 1 
ATOM   131  N N   . GLN A 1 17  ? 1.278   1.532   -20.946 1.00 21.87 ? 17  GLN A N   1 
ATOM   132  C CA  . GLN A 1 17  ? 0.041   0.739   -20.973 1.00 21.32 ? 17  GLN A CA  1 
ATOM   133  C C   . GLN A 1 17  ? 0.072   -0.328  -19.882 1.00 20.42 ? 17  GLN A C   1 
ATOM   134  O O   . GLN A 1 17  ? -0.972  -0.732  -19.360 1.00 20.38 ? 17  GLN A O   1 
ATOM   135  C CB  . GLN A 1 17  ? -0.168  0.093   -22.349 1.00 20.72 ? 17  GLN A CB  1 
ATOM   136  C CG  . GLN A 1 17  ? -0.353  1.117   -23.481 1.00 24.82 ? 17  GLN A CG  1 
ATOM   137  C CD  . GLN A 1 17  ? -0.367  0.475   -24.859 1.00 29.07 ? 17  GLN A CD  1 
ATOM   138  O OE1 . GLN A 1 17  ? 0.244   -0.571  -25.066 1.00 32.62 ? 17  GLN A OE1 1 
ATOM   139  N NE2 . GLN A 1 17  ? -1.024  1.121   -25.817 1.00 29.72 ? 17  GLN A NE2 1 
ATOM   140  N N   . LEU A 1 18  ? 1.272   -0.791  -19.543 1.00 21.62 ? 18  LEU A N   1 
ATOM   141  C CA  . LEU A 1 18  ? 1.430   -1.788  -18.484 1.00 20.83 ? 18  LEU A CA  1 
ATOM   142  C C   . LEU A 1 18  ? 1.160   -1.115  -17.135 1.00 19.06 ? 18  LEU A C   1 
ATOM   143  O O   . LEU A 1 18  ? 0.544   -1.705  -16.237 1.00 18.39 ? 18  LEU A O   1 
ATOM   144  C CB  . LEU A 1 18  ? 2.851   -2.362  -18.489 1.00 20.75 ? 18  LEU A CB  1 
ATOM   145  C CG  . LEU A 1 18  ? 3.258   -3.201  -17.261 1.00 23.39 ? 18  LEU A CG  1 
ATOM   146  C CD1 . LEU A 1 18  ? 2.402   -4.465  -17.158 1.00 24.52 ? 18  LEU A CD1 1 
ATOM   147  C CD2 . LEU A 1 18  ? 4.747   -3.574  -17.350 1.00 23.83 ? 18  LEU A CD2 1 
ATOM   148  N N   . LEU A 1 19  ? 1.633   0.118   -16.987 1.00 18.52 ? 19  LEU A N   1 
ATOM   149  C CA  . LEU A 1 19  ? 1.424   0.863   -15.748 1.00 17.50 ? 19  LEU A CA  1 
ATOM   150  C C   . LEU A 1 19  ? -0.068  1.129   -15.508 1.00 16.63 ? 19  LEU A C   1 
ATOM   151  O O   . LEU A 1 19  ? -0.546  1.046   -14.383 1.00 18.17 ? 19  LEU A O   1 
ATOM   152  C CB  . LEU A 1 19  ? 2.213   2.185   -15.786 1.00 17.94 ? 19  LEU A CB  1 
ATOM   153  C CG  . LEU A 1 19  ? 3.748   2.027   -15.708 1.00 21.05 ? 19  LEU A CG  1 
ATOM   154  C CD1 . LEU A 1 19  ? 4.449   3.367   -15.869 1.00 18.77 ? 19  LEU A CD1 1 
ATOM   155  C CD2 . LEU A 1 19  ? 4.133   1.391   -14.372 1.00 19.91 ? 19  LEU A CD2 1 
ATOM   156  N N   . LYS A 1 20  ? -0.804  1.464   -16.560 1.00 16.84 ? 20  LYS A N   1 
ATOM   157  C CA  . LYS A 1 20  ? -2.228  1.708   -16.375 1.00 18.31 ? 20  LYS A CA  1 
ATOM   158  C C   . LYS A 1 20  ? -2.936  0.391   -16.050 1.00 17.95 ? 20  LYS A C   1 
ATOM   159  O O   . LYS A 1 20  ? -3.900  0.381   -15.292 1.00 17.22 ? 20  LYS A O   1 
ATOM   160  C CB  . LYS A 1 20  ? -2.855  2.361   -17.612 1.00 18.69 ? 20  LYS A CB  1 
ATOM   161  C CG  . LYS A 1 20  ? -2.152  3.650   -18.083 1.00 23.20 ? 20  LYS A CG  1 
ATOM   162  C CD  . LYS A 1 20  ? -1.920  4.694   -16.972 1.00 24.45 ? 20  LYS A CD  1 
ATOM   163  C CE  . LYS A 1 20  ? -3.198  5.384   -16.537 1.00 24.72 ? 20  LYS A CE  1 
ATOM   164  N NZ  . LYS A 1 20  ? -2.956  6.449   -15.518 1.00 23.64 ? 20  LYS A NZ  1 
ATOM   165  N N   . GLU A 1 21  ? -2.447  -0.717  -16.608 1.00 17.85 ? 21  GLU A N   1 
ATOM   166  C CA  . GLU A 1 21  ? -3.040  -2.036  -16.333 1.00 22.37 ? 21  GLU A CA  1 
ATOM   167  C C   . GLU A 1 21  ? -2.835  -2.303  -14.844 1.00 19.67 ? 21  GLU A C   1 
ATOM   168  O O   . GLU A 1 21  ? -3.722  -2.794  -14.155 1.00 21.30 ? 21  GLU A O   1 
ATOM   169  C CB  . GLU A 1 21  ? -2.358  -3.144  -17.155 1.00 25.70 ? 21  GLU A CB  1 
ATOM   170  C CG  . GLU A 1 21  ? -3.158  -4.425  -17.184 1.00 32.99 ? 21  GLU A CG  1 
ATOM   171  C CD  . GLU A 1 21  ? -4.562  -4.189  -17.711 1.00 35.97 ? 21  GLU A CD  1 
ATOM   172  O OE1 . GLU A 1 21  ? -4.694  -3.671  -18.841 1.00 39.06 ? 21  GLU A OE1 1 
ATOM   173  O OE2 . GLU A 1 21  ? -5.536  -4.502  -16.993 1.00 39.17 ? 21  GLU A OE2 1 
ATOM   174  N N   . ILE A 1 22  ? -1.654  -1.968  -14.341 1.00 19.80 ? 22  ILE A N   1 
ATOM   175  C CA  . ILE A 1 22  ? -1.377  -2.136  -12.920 1.00 17.68 ? 22  ILE A CA  1 
ATOM   176  C C   . ILE A 1 22  ? -2.278  -1.196  -12.111 1.00 18.12 ? 22  ILE A C   1 
ATOM   177  O O   . ILE A 1 22  ? -2.799  -1.579  -11.062 1.00 20.53 ? 22  ILE A O   1 
ATOM   178  C CB  . ILE A 1 22  ? 0.121   -1.848  -12.602 1.00 20.45 ? 22  ILE A CB  1 
ATOM   179  C CG1 . ILE A 1 22  ? 0.982   -3.022  -13.096 1.00 20.52 ? 22  ILE A CG1 1 
ATOM   180  C CG2 . ILE A 1 22  ? 0.320   -1.636  -11.111 1.00 17.31 ? 22  ILE A CG2 1 
ATOM   181  C CD1 . ILE A 1 22  ? 2.476   -2.690  -13.160 1.00 20.90 ? 22  ILE A CD1 1 
ATOM   182  N N   . GLU A 1 23  ? -2.467  0.030   -12.585 1.00 17.48 ? 23  GLU A N   1 
ATOM   183  C CA  . GLU A 1 23  ? -3.319  0.990   -11.876 1.00 20.04 ? 23  GLU A CA  1 
ATOM   184  C C   . GLU A 1 23  ? -4.766  0.474   -11.789 1.00 21.45 ? 23  GLU A C   1 
ATOM   185  O O   . GLU A 1 23  ? -5.476  0.715   -10.810 1.00 21.61 ? 23  GLU A O   1 
ATOM   186  C CB  . GLU A 1 23  ? -3.268  2.356   -12.574 1.00 18.82 ? 23  GLU A CB  1 
ATOM   187  C CG  . GLU A 1 23  ? -2.011  3.153   -12.237 1.00 18.61 ? 23  GLU A CG  1 
ATOM   188  C CD  . GLU A 1 23  ? -2.000  4.569   -12.820 1.00 23.69 ? 23  GLU A CD  1 
ATOM   189  O OE1 . GLU A 1 23  ? -3.003  5.288   -12.679 1.00 25.24 ? 23  GLU A OE1 1 
ATOM   190  O OE2 . GLU A 1 23  ? -1.001  4.973   -13.436 1.00 28.08 ? 23  GLU A OE2 1 
ATOM   191  N N   . LYS A 1 24  ? -5.192  -0.249  -12.820 1.00 19.73 ? 24  LYS A N   1 
ATOM   192  C CA  . LYS A 1 24  ? -6.538  -0.834  -12.852 1.00 19.94 ? 24  LYS A CA  1 
ATOM   193  C C   . LYS A 1 24  ? -6.700  -1.962  -11.796 1.00 19.79 ? 24  LYS A C   1 
ATOM   194  O O   . LYS A 1 24  ? -7.682  -1.990  -11.040 1.00 17.33 ? 24  LYS A O   1 
ATOM   195  C CB  . LYS A 1 24  ? -6.818  -1.351  -14.278 1.00 25.32 ? 24  LYS A CB  1 
ATOM   196  C CG  . LYS A 1 24  ? -8.110  -2.155  -14.491 1.00 28.69 ? 24  LYS A CG  1 
ATOM   197  C CD  . LYS A 1 24  ? -7.850  -3.648  -14.312 1.00 35.90 ? 24  LYS A CD  1 
ATOM   198  C CE  . LYS A 1 24  ? -8.818  -4.502  -15.121 1.00 39.30 ? 24  LYS A CE  1 
ATOM   199  N NZ  . LYS A 1 24  ? -10.235 -4.132  -14.850 1.00 41.03 ? 24  LYS A NZ  1 
ATOM   200  N N   . GLU A 1 25  ? -5.731  -2.874  -11.735 1.00 16.69 ? 25  GLU A N   1 
ATOM   201  C CA  . GLU A 1 25  ? -5.782  -3.985  -10.783 1.00 19.77 ? 25  GLU A CA  1 
ATOM   202  C C   . GLU A 1 25  ? -5.608  -3.490  -9.360  1.00 19.86 ? 25  GLU A C   1 
ATOM   203  O O   . GLU A 1 25  ? -6.040  -4.132  -8.414  1.00 21.13 ? 25  GLU A O   1 
ATOM   204  C CB  . GLU A 1 25  ? -4.702  -5.013  -11.121 1.00 19.28 ? 25  GLU A CB  1 
ATOM   205  C CG  . GLU A 1 25  ? -5.027  -5.828  -12.368 1.00 20.48 ? 25  GLU A CG  1 
ATOM   206  C CD  . GLU A 1 25  ? -6.389  -6.489  -12.243 1.00 22.87 ? 25  GLU A CD  1 
ATOM   207  O OE1 . GLU A 1 25  ? -6.694  -7.032  -11.155 1.00 22.43 ? 25  GLU A OE1 1 
ATOM   208  O OE2 . GLU A 1 25  ? -7.160  -6.491  -13.225 1.00 29.20 ? 25  GLU A OE2 1 
ATOM   209  N N   . ASN A 1 26  ? -4.993  -2.323  -9.233  1.00 22.29 ? 26  ASN A N   1 
ATOM   210  C CA  . ASN A 1 26  ? -4.755  -1.688  -7.948  1.00 24.22 ? 26  ASN A CA  1 
ATOM   211  C C   . ASN A 1 26  ? -6.076  -1.406  -7.258  1.00 23.94 ? 26  ASN A C   1 
ATOM   212  O O   . ASN A 1 26  ? -6.175  -1.496  -6.037  1.00 23.38 ? 26  ASN A O   1 
ATOM   213  C CB  . ASN A 1 26  ? -3.994  -0.389  -8.182  1.00 27.33 ? 26  ASN A CB  1 
ATOM   214  C CG  . ASN A 1 26  ? -3.081  -0.048  -7.055  1.00 28.37 ? 26  ASN A CG  1 
ATOM   215  O OD1 . ASN A 1 26  ? -2.281  -0.872  -6.613  1.00 23.35 ? 26  ASN A OD1 1 
ATOM   216  N ND2 . ASN A 1 26  ? -3.187  1.179   -6.573  1.00 32.63 ? 26  ASN A ND2 1 
ATOM   217  N N   . VAL A 1 27  ? -7.095  -1.071  -8.049  1.00 21.78 ? 27  VAL A N   1 
ATOM   218  C CA  . VAL A 1 27  ? -8.413  -0.771  -7.503  1.00 21.07 ? 27  VAL A CA  1 
ATOM   219  C C   . VAL A 1 27  ? -9.376  -1.963  -7.582  1.00 23.80 ? 27  VAL A C   1 
ATOM   220  O O   . VAL A 1 27  ? -10.565 -1.834  -7.278  1.00 21.72 ? 27  VAL A O   1 
ATOM   221  C CB  . VAL A 1 27  ? -9.075  0.460   -8.203  1.00 23.31 ? 27  VAL A CB  1 
ATOM   222  C CG1 . VAL A 1 27  ? -8.208  1.717   -7.978  1.00 22.26 ? 27  VAL A CG1 1 
ATOM   223  C CG2 . VAL A 1 27  ? -9.240  0.214   -9.701  1.00 23.02 ? 27  VAL A CG2 1 
ATOM   224  N N   . ALA A 1 28  ? -8.867  -3.125  -7.999  1.00 22.59 ? 28  ALA A N   1 
ATOM   225  C CA  . ALA A 1 28  ? -9.697  -4.320  -8.083  1.00 24.01 ? 28  ALA A CA  1 
ATOM   226  C C   . ALA A 1 28  ? -9.957  -4.843  -6.674  1.00 24.32 ? 28  ALA A C   1 
ATOM   227  O O   . ALA A 1 28  ? -9.203  -4.561  -5.739  1.00 26.14 ? 28  ALA A O   1 
ATOM   228  C CB  . ALA A 1 28  ? -9.006  -5.404  -8.929  1.00 21.65 ? 28  ALA A CB  1 
ATOM   229  N N   . ALA A 1 29  ? -11.027 -5.619  -6.546  1.00 25.88 ? 29  ALA A N   1 
ATOM   230  C CA  . ALA A 1 29  ? -11.441 -6.214  -5.270  1.00 28.35 ? 29  ALA A CA  1 
ATOM   231  C C   . ALA A 1 29  ? -10.317 -6.947  -4.537  1.00 28.67 ? 29  ALA A C   1 
ATOM   232  O O   . ALA A 1 29  ? -10.213 -6.862  -3.304  1.00 27.63 ? 29  ALA A O   1 
ATOM   233  C CB  . ALA A 1 29  ? -12.618 -7.177  -5.499  1.00 30.18 ? 29  ALA A CB  1 
ATOM   234  N N   . THR A 1 30  ? -9.495  -7.680  -5.290  1.00 27.63 ? 30  THR A N   1 
ATOM   235  C CA  . THR A 1 30  ? -8.373  -8.414  -4.706  1.00 28.04 ? 30  THR A CA  1 
ATOM   236  C C   . THR A 1 30  ? -7.047  -8.016  -5.361  1.00 25.59 ? 30  THR A C   1 
ATOM   237  O O   . THR A 1 30  ? -7.022  -7.241  -6.324  1.00 24.72 ? 30  THR A O   1 
ATOM   238  C CB  . THR A 1 30  ? -8.546  -9.939  -4.864  1.00 31.00 ? 30  THR A CB  1 
ATOM   239  O OG1 . THR A 1 30  ? -8.464  -10.290 -6.251  1.00 30.34 ? 30  THR A OG1 1 
ATOM   240  C CG2 . THR A 1 30  ? -9.895  -10.381 -4.310  1.00 31.72 ? 30  THR A CG2 1 
ATOM   241  N N   . ASP A 1 31  ? -5.952  -8.552  -4.830  1.00 23.96 ? 31  ASP A N   1 
ATOM   242  C CA  . ASP A 1 31  ? -4.616  -8.277  -5.349  1.00 24.75 ? 31  ASP A CA  1 
ATOM   243  C C   . ASP A 1 31  ? -4.001  -9.447  -6.112  1.00 24.09 ? 31  ASP A C   1 
ATOM   244  O O   . ASP A 1 31  ? -2.850  -9.373  -6.524  1.00 24.49 ? 31  ASP A O   1 
ATOM   245  C CB  . ASP A 1 31  ? -3.655  -7.903  -4.209  1.00 23.29 ? 31  ASP A CB  1 
ATOM   246  C CG  . ASP A 1 31  ? -3.948  -6.534  -3.613  1.00 23.46 ? 31  ASP A CG  1 
ATOM   247  O OD1 . ASP A 1 31  ? -4.326  -5.616  -4.364  1.00 18.28 ? 31  ASP A OD1 1 
ATOM   248  O OD2 . ASP A 1 31  ? -3.776  -6.380  -2.390  1.00 24.58 ? 31  ASP A OD2 1 
ATOM   249  N N   . ASP A 1 32  ? -4.757  -10.524 -6.292  1.00 24.01 ? 32  ASP A N   1 
ATOM   250  C CA  . ASP A 1 32  ? -4.233  -11.703 -6.985  1.00 25.02 ? 32  ASP A CA  1 
ATOM   251  C C   . ASP A 1 32  ? -3.580  -11.398 -8.334  1.00 24.00 ? 32  ASP A C   1 
ATOM   252  O O   . ASP A 1 32  ? -2.431  -11.758 -8.565  1.00 22.90 ? 32  ASP A O   1 
ATOM   253  C CB  . ASP A 1 32  ? -5.348  -12.733 -7.158  1.00 29.09 ? 32  ASP A CB  1 
ATOM   254  C CG  . ASP A 1 32  ? -6.002  -13.090 -5.834  1.00 31.62 ? 32  ASP A CG  1 
ATOM   255  O OD1 . ASP A 1 32  ? -5.343  -13.717 -4.983  1.00 33.86 ? 32  ASP A OD1 1 
ATOM   256  O OD2 . ASP A 1 32  ? -7.168  -12.715 -5.625  1.00 37.63 ? 32  ASP A OD2 1 
ATOM   257  N N   . VAL A 1 33  ? -4.301  -10.716 -9.214  1.00 20.07 ? 33  VAL A N   1 
ATOM   258  C CA  . VAL A 1 33  ? -3.759  -10.387 -10.521 1.00 18.80 ? 33  VAL A CA  1 
ATOM   259  C C   . VAL A 1 33  ? -2.701  -9.285  -10.386 1.00 18.22 ? 33  VAL A C   1 
ATOM   260  O O   . VAL A 1 33  ? -1.661  -9.328  -11.049 1.00 16.49 ? 33  VAL A O   1 
ATOM   261  C CB  . VAL A 1 33  ? -4.891  -9.957  -11.478 1.00 19.11 ? 33  VAL A CB  1 
ATOM   262  C CG1 . VAL A 1 33  ? -4.317  -9.486  -12.806 1.00 19.87 ? 33  VAL A CG1 1 
ATOM   263  C CG2 . VAL A 1 33  ? -5.857  -11.149 -11.693 1.00 17.60 ? 33  VAL A CG2 1 
ATOM   264  N N   . LEU A 1 34  ? -2.960  -8.307  -9.524  1.00 18.77 ? 34  LEU A N   1 
ATOM   265  C CA  . LEU A 1 34  ? -2.019  -7.212  -9.310  1.00 19.47 ? 34  LEU A CA  1 
ATOM   266  C C   . LEU A 1 34  ? -0.611  -7.707  -8.980  1.00 19.56 ? 34  LEU A C   1 
ATOM   267  O O   . LEU A 1 34  ? 0.368   -7.250  -9.574  1.00 18.24 ? 34  LEU A O   1 
ATOM   268  C CB  . LEU A 1 34  ? -2.492  -6.303  -8.167  1.00 18.38 ? 34  LEU A CB  1 
ATOM   269  C CG  . LEU A 1 34  ? -1.453  -5.274  -7.680  1.00 18.60 ? 34  LEU A CG  1 
ATOM   270  C CD1 . LEU A 1 34  ? -1.168  -4.250  -8.780  1.00 17.86 ? 34  LEU A CD1 1 
ATOM   271  C CD2 . LEU A 1 34  ? -1.975  -4.570  -6.433  1.00 17.90 ? 34  LEU A CD2 1 
ATOM   272  N N   . TYR A 1 35  ? -0.510  -8.651  -8.048  1.00 19.81 ? 35  TYR A N   1 
ATOM   273  C CA  . TYR A 1 35  ? 0.803   -9.153  -7.661  1.00 23.58 ? 35  TYR A CA  1 
ATOM   274  C C   . TYR A 1 35  ? 1.561   -9.805  -8.816  1.00 23.47 ? 35  TYR A C   1 
ATOM   275  O O   . TYR A 1 35  ? 2.784   -9.714  -8.894  1.00 24.35 ? 35  TYR A O   1 
ATOM   276  C CB  . TYR A 1 35  ? 0.680   -10.081 -6.440  1.00 29.51 ? 35  TYR A CB  1 
ATOM   277  C CG  . TYR A 1 35  ? 0.401   -9.283  -5.159  1.00 34.26 ? 35  TYR A CG  1 
ATOM   278  C CD1 . TYR A 1 35  ? 0.293   -9.903  -3.910  1.00 35.43 ? 35  TYR A CD1 1 
ATOM   279  C CD2 . TYR A 1 35  ? 0.238   -7.893  -5.215  1.00 34.74 ? 35  TYR A CD2 1 
ATOM   280  C CE1 . TYR A 1 35  ? 0.024   -9.153  -2.754  1.00 37.10 ? 35  TYR A CE1 1 
ATOM   281  C CE2 . TYR A 1 35  ? -0.023  -7.144  -4.078  1.00 37.91 ? 35  TYR A CE2 1 
ATOM   282  C CZ  . TYR A 1 35  ? -0.130  -7.773  -2.851  1.00 38.81 ? 35  TYR A CZ  1 
ATOM   283  O OH  . TYR A 1 35  ? -0.388  -7.004  -1.737  1.00 39.06 ? 35  TYR A OH  1 
ATOM   284  N N   . VAL A 1 36  ? 0.837   -10.433 -9.739  1.00 21.63 ? 36  VAL A N   1 
ATOM   285  C CA  . VAL A 1 36  ? 1.483   -11.041 -10.891 1.00 22.42 ? 36  VAL A CA  1 
ATOM   286  C C   . VAL A 1 36  ? 2.047   -9.934  -11.771 1.00 21.60 ? 36  VAL A C   1 
ATOM   287  O O   . VAL A 1 36  ? 3.153   -10.062 -12.307 1.00 21.19 ? 36  VAL A O   1 
ATOM   288  C CB  . VAL A 1 36  ? 0.494   -11.886 -11.730 1.00 24.00 ? 36  VAL A CB  1 
ATOM   289  C CG1 . VAL A 1 36  ? 1.188   -12.427 -12.971 1.00 26.12 ? 36  VAL A CG1 1 
ATOM   290  C CG2 . VAL A 1 36  ? -0.046  -13.034 -10.883 1.00 27.00 ? 36  VAL A CG2 1 
ATOM   291  N N   . LEU A 1 37  ? 1.286   -8.849  -11.940 1.00 19.77 ? 37  LEU A N   1 
ATOM   292  C CA  . LEU A 1 37  ? 1.750   -7.738  -12.769 1.00 19.97 ? 37  LEU A CA  1 
ATOM   293  C C   . LEU A 1 37  ? 2.934   -7.020  -12.117 1.00 18.88 ? 37  LEU A C   1 
ATOM   294  O O   . LEU A 1 37  ? 3.866   -6.599  -12.795 1.00 18.34 ? 37  LEU A O   1 
ATOM   295  C CB  . LEU A 1 37  ? 0.603   -6.742  -13.034 1.00 20.13 ? 37  LEU A CB  1 
ATOM   296  C CG  . LEU A 1 37  ? -0.665  -7.262  -13.739 1.00 22.24 ? 37  LEU A CG  1 
ATOM   297  C CD1 . LEU A 1 37  ? -1.646  -6.114  -13.953 1.00 24.35 ? 37  LEU A CD1 1 
ATOM   298  C CD2 . LEU A 1 37  ? -0.297  -7.887  -15.079 1.00 22.50 ? 37  LEU A CD2 1 
ATOM   299  N N   . LEU A 1 38  ? 2.886   -6.875  -10.797 1.00 20.59 ? 38  LEU A N   1 
ATOM   300  C CA  . LEU A 1 38  ? 3.969   -6.220  -10.067 1.00 20.16 ? 38  LEU A CA  1 
ATOM   301  C C   . LEU A 1 38  ? 5.255   -7.043  -10.135 1.00 20.22 ? 38  LEU A C   1 
ATOM   302  O O   . LEU A 1 38  ? 6.352   -6.486  -10.234 1.00 21.74 ? 38  LEU A O   1 
ATOM   303  C CB  . LEU A 1 38  ? 3.565   -5.989  -8.607  1.00 17.00 ? 38  LEU A CB  1 
ATOM   304  C CG  . LEU A 1 38  ? 2.421   -4.983  -8.409  1.00 18.38 ? 38  LEU A CG  1 
ATOM   305  C CD1 . LEU A 1 38  ? 2.093   -4.848  -6.911  1.00 16.82 ? 38  LEU A CD1 1 
ATOM   306  C CD2 . LEU A 1 38  ? 2.825   -3.620  -8.980  1.00 18.30 ? 38  LEU A CD2 1 
ATOM   307  N N   . GLU A 1 39  ? 5.128   -8.364  -10.074 1.00 23.19 ? 39  GLU A N   1 
ATOM   308  C CA  . GLU A 1 39  ? 6.305   -9.233  -10.169 1.00 25.66 ? 39  GLU A CA  1 
ATOM   309  C C   . GLU A 1 39  ? 6.965   -9.042  -11.532 1.00 25.07 ? 39  GLU A C   1 
ATOM   310  O O   . GLU A 1 39  ? 8.190   -8.982  -11.642 1.00 23.08 ? 39  GLU A O   1 
ATOM   311  C CB  . GLU A 1 39  ? 5.923   -10.709 -10.025 1.00 28.22 ? 39  GLU A CB  1 
ATOM   312  C CG  . GLU A 1 39  ? 5.459   -11.137 -8.643  1.00 35.87 ? 39  GLU A CG  1 
ATOM   313  C CD  . GLU A 1 39  ? 4.968   -12.573 -8.639  1.00 42.27 ? 39  GLU A CD  1 
ATOM   314  O OE1 . GLU A 1 39  ? 5.764   -13.465 -9.014  1.00 43.68 ? 39  GLU A OE1 1 
ATOM   315  O OE2 . GLU A 1 39  ? 3.792   -12.810 -8.278  1.00 45.46 ? 39  GLU A OE2 1 
ATOM   316  N N   . HIS A 1 40  ? 6.147   -8.939  -12.577 1.00 25.09 ? 40  HIS A N   1 
ATOM   317  C CA  . HIS A 1 40  ? 6.681   -8.765  -13.921 1.00 25.00 ? 40  HIS A CA  1 
ATOM   318  C C   . HIS A 1 40  ? 7.352   -7.407  -14.050 1.00 26.07 ? 40  HIS A C   1 
ATOM   319  O O   . HIS A 1 40  ? 8.405   -7.284  -14.691 1.00 24.96 ? 40  HIS A O   1 
ATOM   320  C CB  . HIS A 1 40  ? 5.563   -8.905  -14.962 1.00 27.47 ? 40  HIS A CB  1 
ATOM   321  C CG  . HIS A 1 40  ? 6.042   -8.839  -16.379 1.00 29.28 ? 40  HIS A CG  1 
ATOM   322  N ND1 . HIS A 1 40  ? 5.911   -7.709  -17.159 1.00 30.00 ? 40  HIS A ND1 1 
ATOM   323  C CD2 . HIS A 1 40  ? 6.677   -9.757  -17.145 1.00 27.43 ? 40  HIS A CD2 1 
ATOM   324  C CE1 . HIS A 1 40  ? 6.452   -7.933  -18.344 1.00 27.94 ? 40  HIS A CE1 1 
ATOM   325  N NE2 . HIS A 1 40  ? 6.922   -9.166  -18.360 1.00 27.86 ? 40  HIS A NE2 1 
ATOM   326  N N   . PHE A 1 41  ? 6.742   -6.383  -13.451 1.00 23.37 ? 41  PHE A N   1 
ATOM   327  C CA  . PHE A 1 41  ? 7.310   -5.037  -13.495 1.00 24.47 ? 41  PHE A CA  1 
ATOM   328  C C   . PHE A 1 41  ? 8.692   -5.067  -12.837 1.00 23.53 ? 41  PHE A C   1 
ATOM   329  O O   . PHE A 1 41  ? 9.659   -4.504  -13.351 1.00 25.33 ? 41  PHE A O   1 
ATOM   330  C CB  . PHE A 1 41  ? 6.387   -4.059  -12.748 1.00 22.84 ? 41  PHE A CB  1 
ATOM   331  C CG  . PHE A 1 41  ? 6.992   -2.705  -12.495 1.00 21.30 ? 41  PHE A CG  1 
ATOM   332  C CD1 . PHE A 1 41  ? 7.688   -2.457  -11.308 1.00 22.88 ? 41  PHE A CD1 1 
ATOM   333  C CD2 . PHE A 1 41  ? 6.830   -1.665  -13.415 1.00 18.88 ? 41  PHE A CD2 1 
ATOM   334  C CE1 . PHE A 1 41  ? 8.223   -1.198  -11.042 1.00 21.28 ? 41  PHE A CE1 1 
ATOM   335  C CE2 . PHE A 1 41  ? 7.362   -0.401  -13.161 1.00 22.23 ? 41  PHE A CE2 1 
ATOM   336  C CZ  . PHE A 1 41  ? 8.055   -0.163  -11.972 1.00 22.35 ? 41  PHE A CZ  1 
ATOM   337  N N   . VAL A 1 42  ? 8.783   -5.741  -11.701 1.00 24.34 ? 42  VAL A N   1 
ATOM   338  C CA  . VAL A 1 42  ? 10.051  -5.822  -10.990 1.00 26.07 ? 42  VAL A CA  1 
ATOM   339  C C   . VAL A 1 42  ? 11.101  -6.579  -11.802 1.00 27.33 ? 42  VAL A C   1 
ATOM   340  O O   . VAL A 1 42  ? 12.236  -6.120  -11.953 1.00 26.88 ? 42  VAL A O   1 
ATOM   341  C CB  . VAL A 1 42  ? 9.854   -6.498  -9.612  1.00 27.30 ? 42  VAL A CB  1 
ATOM   342  C CG1 . VAL A 1 42  ? 11.206  -6.781  -8.959  1.00 30.64 ? 42  VAL A CG1 1 
ATOM   343  C CG2 . VAL A 1 42  ? 9.031   -5.577  -8.711  1.00 24.96 ? 42  VAL A CG2 1 
ATOM   344  N N   . LYS A 1 43  ? 10.724  -7.724  -12.354 1.00 27.64 ? 43  LYS A N   1 
ATOM   345  C CA  . LYS A 1 43  ? 11.681  -8.494  -13.130 1.00 32.05 ? 43  LYS A CA  1 
ATOM   346  C C   . LYS A 1 43  ? 12.266  -7.805  -14.359 1.00 31.01 ? 43  LYS A C   1 
ATOM   347  O O   . LYS A 1 43  ? 13.472  -7.872  -14.590 1.00 31.21 ? 43  LYS A O   1 
ATOM   348  C CB  . LYS A 1 43  ? 11.079  -9.844  -13.520 1.00 34.27 ? 43  LYS A CB  1 
ATOM   349  C CG  . LYS A 1 43  ? 10.895  -10.748 -12.315 1.00 40.83 ? 43  LYS A CG  1 
ATOM   350  C CD  . LYS A 1 43  ? 12.159  -10.752 -11.443 1.00 44.02 ? 43  LYS A CD  1 
ATOM   351  C CE  . LYS A 1 43  ? 11.987  -11.627 -10.206 1.00 46.66 ? 43  LYS A CE  1 
ATOM   352  N NZ  . LYS A 1 43  ? 13.204  -11.652 -9.340  1.00 48.29 ? 43  LYS A NZ  1 
ATOM   353  N N   . ILE A 1 44  ? 11.439  -7.116  -15.138 1.00 29.38 ? 44  ILE A N   1 
ATOM   354  C CA  . ILE A 1 44  ? 11.946  -6.461  -16.337 1.00 29.13 ? 44  ILE A CA  1 
ATOM   355  C C   . ILE A 1 44  ? 12.676  -5.140  -16.126 1.00 28.01 ? 44  ILE A C   1 
ATOM   356  O O   . ILE A 1 44  ? 13.578  -4.812  -16.891 1.00 26.66 ? 44  ILE A O   1 
ATOM   357  C CB  . ILE A 1 44  ? 10.819  -6.241  -17.357 1.00 30.50 ? 44  ILE A CB  1 
ATOM   358  C CG1 . ILE A 1 44  ? 9.738   -5.360  -16.743 1.00 32.63 ? 44  ILE A CG1 1 
ATOM   359  C CG2 . ILE A 1 44  ? 10.258  -7.595  -17.802 1.00 32.63 ? 44  ILE A CG2 1 
ATOM   360  C CD1 . ILE A 1 44  ? 8.533   -5.159  -17.648 1.00 35.85 ? 44  ILE A CD1 1 
ATOM   361  N N   . THR A 1 45  ? 12.286  -4.373  -15.110 1.00 26.78 ? 45  THR A N   1 
ATOM   362  C CA  . THR A 1 45  ? 12.941  -3.085  -14.859 1.00 27.58 ? 45  THR A CA  1 
ATOM   363  C C   . THR A 1 45  ? 14.297  -3.293  -14.191 1.00 29.29 ? 45  THR A C   1 
ATOM   364  O O   . THR A 1 45  ? 15.230  -2.503  -14.387 1.00 29.95 ? 45  THR A O   1 
ATOM   365  C CB  . THR A 1 45  ? 12.078  -2.171  -13.959 1.00 28.32 ? 45  THR A CB  1 
ATOM   366  O OG1 . THR A 1 45  ? 11.954  -2.752  -12.655 1.00 30.71 ? 45  THR A OG1 1 
ATOM   367  C CG2 . THR A 1 45  ? 10.692  -1.998  -14.565 1.00 24.15 ? 45  THR A CG2 1 
ATOM   368  N N   . GLU A 1 46  ? 14.387  -4.361  -13.405 1.00 29.54 ? 46  GLU A N   1 
ATOM   369  C CA  . GLU A 1 46  ? 15.605  -4.719  -12.686 1.00 33.31 ? 46  GLU A CA  1 
ATOM   370  C C   . GLU A 1 46  ? 16.008  -3.661  -11.656 1.00 33.47 ? 46  GLU A C   1 
ATOM   371  O O   . GLU A 1 46  ? 17.057  -3.767  -11.023 1.00 35.46 ? 46  GLU A O   1 
ATOM   372  C CB  . GLU A 1 46  ? 16.759  -4.945  -13.672 1.00 33.54 ? 46  GLU A CB  1 
ATOM   373  C CG  . GLU A 1 46  ? 16.444  -5.909  -14.808 1.00 35.73 ? 46  GLU A CG  1 
ATOM   374  C CD  . GLU A 1 46  ? 17.666  -6.214  -15.670 1.00 37.06 ? 46  GLU A CD  1 
ATOM   375  O OE1 . GLU A 1 46  ? 18.569  -6.920  -15.184 1.00 40.11 ? 46  GLU A OE1 1 
ATOM   376  O OE2 . GLU A 1 46  ? 17.729  -5.755  -16.826 1.00 38.41 ? 46  GLU A OE2 1 
ATOM   377  N N   . HIS A 1 47  ? 15.180  -2.635  -11.493 1.00 33.93 ? 47  HIS A N   1 
ATOM   378  C CA  . HIS A 1 47  ? 15.491  -1.578  -10.534 1.00 32.11 ? 47  HIS A CA  1 
ATOM   379  C C   . HIS A 1 47  ? 15.510  -2.148  -9.112  1.00 32.35 ? 47  HIS A C   1 
ATOM   380  O O   . HIS A 1 47  ? 14.611  -2.883  -8.711  1.00 31.02 ? 47  HIS A O   1 
ATOM   381  C CB  . HIS A 1 47  ? 14.468  -0.448  -10.649 1.00 32.14 ? 47  HIS A CB  1 
ATOM   382  C CG  . HIS A 1 47  ? 14.899  0.823   -9.986  1.00 30.48 ? 47  HIS A CG  1 
ATOM   383  N ND1 . HIS A 1 47  ? 14.945  0.965   -8.618  1.00 29.99 ? 47  HIS A ND1 1 
ATOM   384  C CD2 . HIS A 1 47  ? 15.351  1.990   -10.503 1.00 31.27 ? 47  HIS A CD2 1 
ATOM   385  C CE1 . HIS A 1 47  ? 15.410  2.167   -8.317  1.00 29.71 ? 47  HIS A CE1 1 
ATOM   386  N NE2 . HIS A 1 47  ? 15.665  2.807   -9.444  1.00 31.10 ? 47  HIS A NE2 1 
ATOM   387  N N   . PRO A 1 48  ? 16.545  -1.813  -8.326  1.00 33.56 ? 48  PRO A N   1 
ATOM   388  C CA  . PRO A 1 48  ? 16.678  -2.304  -6.950  1.00 33.54 ? 48  PRO A CA  1 
ATOM   389  C C   . PRO A 1 48  ? 15.527  -1.982  -6.009  1.00 33.71 ? 48  PRO A C   1 
ATOM   390  O O   . PRO A 1 48  ? 15.248  -2.746  -5.090  1.00 34.32 ? 48  PRO A O   1 
ATOM   391  C CB  . PRO A 1 48  ? 17.990  -1.671  -6.481  1.00 34.60 ? 48  PRO A CB  1 
ATOM   392  C CG  . PRO A 1 48  ? 18.019  -0.384  -7.228  1.00 36.10 ? 48  PRO A CG  1 
ATOM   393  C CD  . PRO A 1 48  ? 17.588  -0.818  -8.621  1.00 35.13 ? 48  PRO A CD  1 
ATOM   394  N N   . ASP A 1 49  ? 14.853  -0.859  -6.225  1.00 31.54 ? 49  ASP A N   1 
ATOM   395  C CA  . ASP A 1 49  ? 13.759  -0.506  -5.336  1.00 31.08 ? 49  ASP A CA  1 
ATOM   396  C C   . ASP A 1 49  ? 12.417  -1.110  -5.738  1.00 29.65 ? 49  ASP A C   1 
ATOM   397  O O   . ASP A 1 49  ? 11.402  -0.883  -5.077  1.00 27.89 ? 49  ASP A O   1 
ATOM   398  C CB  . ASP A 1 49  ? 13.667  1.010   -5.210  1.00 33.61 ? 49  ASP A CB  1 
ATOM   399  C CG  . ASP A 1 49  ? 14.875  1.590   -4.490  1.00 35.00 ? 49  ASP A CG  1 
ATOM   400  O OD1 . ASP A 1 49  ? 15.264  1.016   -3.450  1.00 36.39 ? 49  ASP A OD1 1 
ATOM   401  O OD2 . ASP A 1 49  ? 15.436  2.600   -4.965  1.00 37.97 ? 49  ASP A OD2 1 
ATOM   402  N N   . GLY A 1 50  ? 12.434  -1.901  -6.809  1.00 27.09 ? 50  GLY A N   1 
ATOM   403  C CA  . GLY A 1 50  ? 11.232  -2.576  -7.280  1.00 26.45 ? 50  GLY A CA  1 
ATOM   404  C C   . GLY A 1 50  ? 9.958   -1.753  -7.304  1.00 24.88 ? 50  GLY A C   1 
ATOM   405  O O   . GLY A 1 50  ? 9.921   -0.677  -7.896  1.00 23.61 ? 50  GLY A O   1 
ATOM   406  N N   . THR A 1 51  ? 8.916   -2.246  -6.644  1.00 24.36 ? 51  THR A N   1 
ATOM   407  C CA  . THR A 1 51  ? 7.633   -1.554  -6.653  1.00 26.78 ? 51  THR A CA  1 
ATOM   408  C C   . THR A 1 51  ? 7.640   -0.171  -6.022  1.00 26.35 ? 51  THR A C   1 
ATOM   409  O O   . THR A 1 51  ? 6.677   0.577   -6.166  1.00 26.72 ? 51  THR A O   1 
ATOM   410  C CB  . THR A 1 51  ? 6.516   -2.409  -6.004  1.00 25.64 ? 51  THR A CB  1 
ATOM   411  O OG1 . THR A 1 51  ? 6.838   -2.683  -4.638  1.00 29.35 ? 51  THR A OG1 1 
ATOM   412  C CG2 . THR A 1 51  ? 6.342   -3.730  -6.756  1.00 28.26 ? 51  THR A CG2 1 
ATOM   413  N N   . ASP A 1 52  ? 8.727   0.197   -5.344  1.00 26.88 ? 52  ASP A N   1 
ATOM   414  C CA  . ASP A 1 52  ? 8.784   1.525   -4.729  1.00 23.83 ? 52  ASP A CA  1 
ATOM   415  C C   . ASP A 1 52  ? 8.648   2.616   -5.785  1.00 21.75 ? 52  ASP A C   1 
ATOM   416  O O   . ASP A 1 52  ? 8.156   3.714   -5.501  1.00 20.39 ? 52  ASP A O   1 
ATOM   417  C CB  . ASP A 1 52  ? 10.097  1.723   -3.950  1.00 28.29 ? 52  ASP A CB  1 
ATOM   418  C CG  . ASP A 1 52  ? 10.149  0.902   -2.669  1.00 31.29 ? 52  ASP A CG  1 
ATOM   419  O OD1 . ASP A 1 52  ? 9.124   0.271   -2.313  1.00 35.09 ? 52  ASP A OD1 1 
ATOM   420  O OD2 . ASP A 1 52  ? 11.206  0.910   -1.992  1.00 33.84 ? 52  ASP A OD2 1 
ATOM   421  N N   . LEU A 1 53  ? 9.108   2.333   -7.002  1.00 22.71 ? 53  LEU A N   1 
ATOM   422  C CA  . LEU A 1 53  ? 9.011   3.310   -8.093  1.00 23.41 ? 53  LEU A CA  1 
ATOM   423  C C   . LEU A 1 53  ? 7.542   3.665   -8.341  1.00 23.54 ? 53  LEU A C   1 
ATOM   424  O O   . LEU A 1 53  ? 7.222   4.770   -8.775  1.00 24.03 ? 53  LEU A O   1 
ATOM   425  C CB  . LEU A 1 53  ? 9.612   2.734   -9.380  1.00 25.94 ? 53  LEU A CB  1 
ATOM   426  C CG  . LEU A 1 53  ? 11.131  2.538   -9.433  1.00 27.65 ? 53  LEU A CG  1 
ATOM   427  C CD1 . LEU A 1 53  ? 11.514  1.753   -10.676 1.00 29.07 ? 53  LEU A CD1 1 
ATOM   428  C CD2 . LEU A 1 53  ? 11.814  3.889   -9.416  1.00 28.24 ? 53  LEU A CD2 1 
ATOM   429  N N   . ILE A 1 54  ? 6.658   2.717   -8.050  1.00 22.88 ? 54  ILE A N   1 
ATOM   430  C CA  . ILE A 1 54  ? 5.231   2.910   -8.261  1.00 23.90 ? 54  ILE A CA  1 
ATOM   431  C C   . ILE A 1 54  ? 4.507   3.458   -7.035  1.00 23.54 ? 54  ILE A C   1 
ATOM   432  O O   . ILE A 1 54  ? 3.785   4.441   -7.139  1.00 23.52 ? 54  ILE A O   1 
ATOM   433  C CB  . ILE A 1 54  ? 4.550   1.583   -8.659  1.00 23.27 ? 54  ILE A CB  1 
ATOM   434  C CG1 . ILE A 1 54  ? 5.063   1.119   -10.021 1.00 19.63 ? 54  ILE A CG1 1 
ATOM   435  C CG2 . ILE A 1 54  ? 3.041   1.764   -8.728  1.00 22.89 ? 54  ILE A CG2 1 
ATOM   436  C CD1 . ILE A 1 54  ? 4.602   -0.297  -10.383 1.00 23.53 ? 54  ILE A CD1 1 
ATOM   437  N N   . TYR A 1 55  ? 4.721   2.830   -5.884  1.00 22.40 ? 55  TYR A N   1 
ATOM   438  C CA  . TYR A 1 55  ? 4.045   3.220   -4.655  1.00 23.34 ? 55  TYR A CA  1 
ATOM   439  C C   . TYR A 1 55  ? 4.782   4.215   -3.762  1.00 22.89 ? 55  TYR A C   1 
ATOM   440  O O   . TYR A 1 55  ? 4.178   4.782   -2.854  1.00 24.14 ? 55  TYR A O   1 
ATOM   441  C CB  . TYR A 1 55  ? 3.687   1.955   -3.865  1.00 22.82 ? 55  TYR A CB  1 
ATOM   442  C CG  . TYR A 1 55  ? 2.756   1.020   -4.638  1.00 22.37 ? 55  TYR A CG  1 
ATOM   443  C CD1 . TYR A 1 55  ? 1.394   1.304   -4.765  1.00 23.21 ? 55  TYR A CD1 1 
ATOM   444  C CD2 . TYR A 1 55  ? 3.245   -0.124  -5.255  1.00 22.94 ? 55  TYR A CD2 1 
ATOM   445  C CE1 . TYR A 1 55  ? 0.532   0.466   -5.495  1.00 21.83 ? 55  TYR A CE1 1 
ATOM   446  C CE2 . TYR A 1 55  ? 2.404   -0.978  -5.986  1.00 23.71 ? 55  TYR A CE2 1 
ATOM   447  C CZ  . TYR A 1 55  ? 1.050   -0.676  -6.104  1.00 25.18 ? 55  TYR A CZ  1 
ATOM   448  O OH  . TYR A 1 55  ? 0.240   -1.506  -6.840  1.00 24.26 ? 55  TYR A OH  1 
ATOM   449  N N   . TYR A 1 56  ? 6.071   4.441   -4.022  1.00 25.27 ? 56  TYR A N   1 
ATOM   450  C CA  . TYR A 1 56  ? 6.867   5.385   -3.219  1.00 25.92 ? 56  TYR A CA  1 
ATOM   451  C C   . TYR A 1 56  ? 7.806   6.217   -4.078  1.00 26.56 ? 56  TYR A C   1 
ATOM   452  O O   . TYR A 1 56  ? 9.018   6.199   -3.877  1.00 26.28 ? 56  TYR A O   1 
ATOM   453  C CB  . TYR A 1 56  ? 7.684   4.617   -2.172  1.00 26.75 ? 56  TYR A CB  1 
ATOM   454  C CG  . TYR A 1 56  ? 6.819   4.016   -1.099  1.00 25.93 ? 56  TYR A CG  1 
ATOM   455  C CD1 . TYR A 1 56  ? 6.411   4.776   -0.004  1.00 27.05 ? 56  TYR A CD1 1 
ATOM   456  C CD2 . TYR A 1 56  ? 6.322   2.719   -1.230  1.00 26.21 ? 56  TYR A CD2 1 
ATOM   457  C CE1 . TYR A 1 56  ? 5.519   4.265   0.934   1.00 25.67 ? 56  TYR A CE1 1 
ATOM   458  C CE2 . TYR A 1 56  ? 5.429   2.189   -0.304  1.00 24.81 ? 56  TYR A CE2 1 
ATOM   459  C CZ  . TYR A 1 56  ? 5.031   2.975   0.777   1.00 26.85 ? 56  TYR A CZ  1 
ATOM   460  O OH  . TYR A 1 56  ? 4.136   2.474   1.691   1.00 25.32 ? 56  TYR A OH  1 
ATOM   461  N N   . PRO A 1 57  ? 7.253   6.968   -5.043  1.00 27.64 ? 57  PRO A N   1 
ATOM   462  C CA  . PRO A 1 57  ? 8.070   7.798   -5.926  1.00 28.58 ? 57  PRO A CA  1 
ATOM   463  C C   . PRO A 1 57  ? 8.819   8.904   -5.187  1.00 32.90 ? 57  PRO A C   1 
ATOM   464  O O   . PRO A 1 57  ? 8.325   9.464   -4.199  1.00 31.06 ? 57  PRO A O   1 
ATOM   465  C CB  . PRO A 1 57  ? 7.049   8.363   -6.901  1.00 27.60 ? 57  PRO A CB  1 
ATOM   466  C CG  . PRO A 1 57  ? 5.847   8.539   -6.025  1.00 26.30 ? 57  PRO A CG  1 
ATOM   467  C CD  . PRO A 1 57  ? 5.817   7.217   -5.278  1.00 26.83 ? 57  PRO A CD  1 
ATOM   468  N N   . SER A 1 58  ? 10.013  9.217   -5.686  1.00 35.90 ? 58  SER A N   1 
ATOM   469  C CA  . SER A 1 58  ? 10.850  10.267  -5.104  1.00 40.42 ? 58  SER A CA  1 
ATOM   470  C C   . SER A 1 58  ? 10.170  11.607  -5.341  1.00 42.10 ? 58  SER A C   1 
ATOM   471  O O   . SER A 1 58  ? 9.417   11.765  -6.298  1.00 41.68 ? 58  SER A O   1 
ATOM   472  C CB  . SER A 1 58  ? 12.220  10.289  -5.781  1.00 41.87 ? 58  SER A CB  1 
ATOM   473  O OG  . SER A 1 58  ? 12.815  8.995   -5.813  1.00 47.46 ? 58  SER A OG  1 
ATOM   474  N N   . ASP A 1 59  ? 10.450  12.572  -4.474  1.00 45.17 ? 59  ASP A N   1 
ATOM   475  C CA  . ASP A 1 59  ? 9.858   13.898  -4.589  1.00 47.01 ? 59  ASP A CA  1 
ATOM   476  C C   . ASP A 1 59  ? 10.498  14.678  -5.725  1.00 46.86 ? 59  ASP A C   1 
ATOM   477  O O   . ASP A 1 59  ? 9.933   15.664  -6.199  1.00 47.91 ? 59  ASP A O   1 
ATOM   478  C CB  . ASP A 1 59  ? 10.048  14.669  -3.285  1.00 50.58 ? 59  ASP A CB  1 
ATOM   479  C CG  . ASP A 1 59  ? 9.564   13.896  -2.078  1.00 54.17 ? 59  ASP A CG  1 
ATOM   480  O OD1 . ASP A 1 59  ? 8.347   13.600  -2.010  1.00 55.18 ? 59  ASP A OD1 1 
ATOM   481  O OD2 . ASP A 1 59  ? 10.402  13.579  -1.203  1.00 55.07 ? 59  ASP A OD2 1 
ATOM   482  N N   . ASN A 1 60  ? 11.674  14.232  -6.165  1.00 46.66 ? 60  ASN A N   1 
ATOM   483  C CA  . ASN A 1 60  ? 12.404  14.905  -7.239  1.00 46.55 ? 60  ASN A CA  1 
ATOM   484  C C   . ASN A 1 60  ? 11.830  14.610  -8.622  1.00 44.41 ? 60  ASN A C   1 
ATOM   485  O O   . ASN A 1 60  ? 12.370  15.069  -9.633  1.00 43.72 ? 60  ASN A O   1 
ATOM   486  C CB  . ASN A 1 60  ? 13.890  14.504  -7.214  1.00 49.42 ? 60  ASN A CB  1 
ATOM   487  C CG  . ASN A 1 60  ? 14.109  13.027  -7.532  1.00 51.89 ? 60  ASN A CG  1 
ATOM   488  O OD1 . ASN A 1 60  ? 13.616  12.517  -8.538  1.00 53.32 ? 60  ASN A OD1 1 
ATOM   489  N ND2 . ASN A 1 60  ? 14.867  12.341  -6.680  1.00 55.53 ? 60  ASN A ND2 1 
ATOM   490  N N   . ARG A 1 61  ? 10.743  13.841  -8.666  1.00 41.51 ? 61  ARG A N   1 
ATOM   491  C CA  . ARG A 1 61  ? 10.103  13.486  -9.932  1.00 38.24 ? 61  ARG A CA  1 
ATOM   492  C C   . ARG A 1 61  ? 8.585   13.419  -9.784  1.00 35.71 ? 61  ARG A C   1 
ATOM   493  O O   . ARG A 1 61  ? 8.068   13.309  -8.673  1.00 34.96 ? 61  ARG A O   1 
ATOM   494  C CB  . ARG A 1 61  ? 10.626  12.133  -10.441 1.00 39.05 ? 61  ARG A CB  1 
ATOM   495  C CG  . ARG A 1 61  ? 10.855  11.086  -9.355  1.00 38.86 ? 61  ARG A CG  1 
ATOM   496  C CD  . ARG A 1 61  ? 10.577  9.655   -9.831  1.00 39.26 ? 61  ARG A CD  1 
ATOM   497  N NE  . ARG A 1 61  ? 9.165   9.471   -10.121 1.00 34.61 ? 61  ARG A NE  1 
ATOM   498  C CZ  . ARG A 1 61  ? 8.504   8.319   -10.041 1.00 33.35 ? 61  ARG A CZ  1 
ATOM   499  N NH1 . ARG A 1 61  ? 9.108   7.187   -9.679  1.00 31.19 ? 61  ARG A NH1 1 
ATOM   500  N NH2 . ARG A 1 61  ? 7.204   8.318   -10.295 1.00 27.23 ? 61  ARG A NH2 1 
ATOM   501  N N   . ASP A 1 62  ? 7.876   13.482  -10.907 1.00 32.83 ? 62  ASP A N   1 
ATOM   502  C CA  . ASP A 1 62  ? 6.420   13.426  -10.896 1.00 30.41 ? 62  ASP A CA  1 
ATOM   503  C C   . ASP A 1 62  ? 5.925   12.024  -10.595 1.00 28.03 ? 62  ASP A C   1 
ATOM   504  O O   . ASP A 1 62  ? 6.463   11.037  -11.102 1.00 25.64 ? 62  ASP A O   1 
ATOM   505  C CB  . ASP A 1 62  ? 5.835   13.848  -12.248 1.00 31.79 ? 62  ASP A CB  1 
ATOM   506  C CG  . ASP A 1 62  ? 6.201   15.266  -12.626 1.00 36.17 ? 62  ASP A CG  1 
ATOM   507  O OD1 . ASP A 1 62  ? 6.607   16.030  -11.722 1.00 38.08 ? 62  ASP A OD1 1 
ATOM   508  O OD2 . ASP A 1 62  ? 6.069   15.606  -13.825 1.00 34.64 ? 62  ASP A OD2 1 
ATOM   509  N N   . ASP A 1 63  ? 4.897   11.951  -9.763  1.00 24.45 ? 63  ASP A N   1 
ATOM   510  C CA  . ASP A 1 63  ? 4.282   10.682  -9.407  1.00 24.49 ? 63  ASP A CA  1 
ATOM   511  C C   . ASP A 1 63  ? 3.221   10.464  -10.482 1.00 23.79 ? 63  ASP A C   1 
ATOM   512  O O   . ASP A 1 63  ? 2.060   10.842  -10.319 1.00 25.59 ? 63  ASP A O   1 
ATOM   513  C CB  . ASP A 1 63  ? 3.666   10.802  -8.011  1.00 25.12 ? 63  ASP A CB  1 
ATOM   514  C CG  . ASP A 1 63  ? 2.783   9.625   -7.649  1.00 25.26 ? 63  ASP A CG  1 
ATOM   515  O OD1 . ASP A 1 63  ? 2.835   8.587   -8.343  1.00 21.48 ? 63  ASP A OD1 1 
ATOM   516  O OD2 . ASP A 1 63  ? 2.028   9.745   -6.664  1.00 24.26 ? 63  ASP A OD2 1 
ATOM   517  N N   . SER A 1 64  ? 3.649   9.880   -11.599 1.00 20.99 ? 64  SER A N   1 
ATOM   518  C CA  . SER A 1 64  ? 2.778   9.620   -12.745 1.00 22.53 ? 64  SER A CA  1 
ATOM   519  C C   . SER A 1 64  ? 3.456   8.590   -13.646 1.00 21.76 ? 64  SER A C   1 
ATOM   520  O O   . SER A 1 64  ? 4.641   8.305   -13.480 1.00 19.44 ? 64  SER A O   1 
ATOM   521  C CB  . SER A 1 64  ? 2.571   10.909  -13.545 1.00 22.80 ? 64  SER A CB  1 
ATOM   522  O OG  . SER A 1 64  ? 3.797   11.268  -14.188 1.00 23.90 ? 64  SER A OG  1 
ATOM   523  N N   . PRO A 1 65  ? 2.710   8.023   -14.612 1.00 21.64 ? 65  PRO A N   1 
ATOM   524  C CA  . PRO A 1 65  ? 3.291   7.024   -15.514 1.00 21.30 ? 65  PRO A CA  1 
ATOM   525  C C   . PRO A 1 65  ? 4.537   7.552   -16.229 1.00 20.23 ? 65  PRO A C   1 
ATOM   526  O O   . PRO A 1 65  ? 5.522   6.827   -16.421 1.00 19.49 ? 65  PRO A O   1 
ATOM   527  C CB  . PRO A 1 65  ? 2.149   6.737   -16.483 1.00 22.53 ? 65  PRO A CB  1 
ATOM   528  C CG  . PRO A 1 65  ? 0.932   6.923   -15.647 1.00 22.59 ? 65  PRO A CG  1 
ATOM   529  C CD  . PRO A 1 65  ? 1.275   8.210   -14.891 1.00 24.17 ? 65  PRO A CD  1 
ATOM   530  N N   . GLU A 1 66  ? 4.464   8.815   -16.637 1.00 19.70 ? 66  GLU A N   1 
ATOM   531  C CA  . GLU A 1 66  ? 5.567   9.472   -17.321 1.00 22.75 ? 66  GLU A CA  1 
ATOM   532  C C   . GLU A 1 66  ? 6.762   9.623   -16.381 1.00 23.34 ? 66  GLU A C   1 
ATOM   533  O O   . GLU A 1 66  ? 7.910   9.480   -16.806 1.00 23.03 ? 66  GLU A O   1 
ATOM   534  C CB  . GLU A 1 66  ? 5.133   10.847  -17.837 1.00 22.12 ? 66  GLU A CB  1 
ATOM   535  C CG  . GLU A 1 66  ? 4.042   10.825  -18.929 1.00 26.18 ? 66  GLU A CG  1 
ATOM   536  C CD  . GLU A 1 66  ? 2.649   10.515  -18.382 1.00 26.27 ? 66  GLU A CD  1 
ATOM   537  O OE1 . GLU A 1 66  ? 2.340   10.932  -17.243 1.00 21.87 ? 66  GLU A OE1 1 
ATOM   538  O OE2 . GLU A 1 66  ? 1.842   9.891   -19.100 1.00 29.16 ? 66  GLU A OE2 1 
ATOM   539  N N   . GLY A 1 67  ? 6.491   9.909   -15.109 1.00 23.04 ? 67  GLY A N   1 
ATOM   540  C CA  . GLY A 1 67  ? 7.563   10.061  -14.136 1.00 24.07 ? 67  GLY A CA  1 
ATOM   541  C C   . GLY A 1 67  ? 8.263   8.741   -13.884 1.00 24.48 ? 67  GLY A C   1 
ATOM   542  O O   . GLY A 1 67  ? 9.477   8.698   -13.705 1.00 23.34 ? 67  GLY A O   1 
ATOM   543  N N   . ILE A 1 68  ? 7.485   7.661   -13.858 1.00 23.82 ? 68  ILE A N   1 
ATOM   544  C CA  . ILE A 1 68  ? 8.019   6.321   -13.644 1.00 23.19 ? 68  ILE A CA  1 
ATOM   545  C C   . ILE A 1 68  ? 8.945   5.949   -14.783 1.00 22.20 ? 68  ILE A C   1 
ATOM   546  O O   . ILE A 1 68  ? 10.057  5.480   -14.572 1.00 22.27 ? 68  ILE A O   1 
ATOM   547  C CB  . ILE A 1 68  ? 6.903   5.238   -13.642 1.00 24.52 ? 68  ILE A CB  1 
ATOM   548  C CG1 . ILE A 1 68  ? 5.823   5.572   -12.620 1.00 23.79 ? 68  ILE A CG1 1 
ATOM   549  C CG2 . ILE A 1 68  ? 7.513   3.863   -13.385 1.00 21.52 ? 68  ILE A CG2 1 
ATOM   550  C CD1 . ILE A 1 68  ? 6.315   5.727   -11.239 1.00 28.64 ? 68  ILE A CD1 1 
ATOM   551  N N   . VAL A 1 69  ? 8.450   6.131   -16.003 1.00 21.89 ? 69  VAL A N   1 
ATOM   552  C CA  . VAL A 1 69  ? 9.203   5.802   -17.205 1.00 24.42 ? 69  VAL A CA  1 
ATOM   553  C C   . VAL A 1 69  ? 10.514  6.594   -17.191 1.00 27.65 ? 69  VAL A C   1 
ATOM   554  O O   . VAL A 1 69  ? 11.588  6.033   -17.433 1.00 26.56 ? 69  VAL A O   1 
ATOM   555  C CB  . VAL A 1 69  ? 8.391   6.149   -18.482 1.00 24.38 ? 69  VAL A CB  1 
ATOM   556  C CG1 . VAL A 1 69  ? 9.259   6.041   -19.721 1.00 25.36 ? 69  VAL A CG1 1 
ATOM   557  C CG2 . VAL A 1 69  ? 7.203   5.192   -18.609 1.00 23.36 ? 69  VAL A CG2 1 
ATOM   558  N N   . LYS A 1 70  ? 10.425  7.888   -16.895 1.00 26.63 ? 70  LYS A N   1 
ATOM   559  C CA  . LYS A 1 70  ? 11.611  8.748   -16.850 1.00 30.21 ? 70  LYS A CA  1 
ATOM   560  C C   . LYS A 1 70  ? 12.669  8.218   -15.872 1.00 29.43 ? 70  LYS A C   1 
ATOM   561  O O   . LYS A 1 70  ? 13.841  8.110   -16.228 1.00 32.48 ? 70  LYS A O   1 
ATOM   562  C CB  . LYS A 1 70  ? 11.210  10.175  -16.455 1.00 30.87 ? 70  LYS A CB  1 
ATOM   563  C CG  . LYS A 1 70  ? 12.340  11.208  -16.558 1.00 33.24 ? 70  LYS A CG  1 
ATOM   564  C CD  . LYS A 1 70  ? 11.844  12.580  -16.114 1.00 37.34 ? 70  LYS A CD  1 
ATOM   565  C CE  . LYS A 1 70  ? 12.783  13.697  -16.550 1.00 41.26 ? 70  LYS A CE  1 
ATOM   566  N NZ  . LYS A 1 70  ? 14.147  13.523  -15.981 1.00 45.51 ? 70  LYS A NZ  1 
ATOM   567  N N   . GLU A 1 71  ? 12.268  7.886   -14.647 1.00 30.72 ? 71  GLU A N   1 
ATOM   568  C CA  . GLU A 1 71  ? 13.226  7.387   -13.671 1.00 29.64 ? 71  GLU A CA  1 
ATOM   569  C C   . GLU A 1 71  ? 13.873  6.087   -14.144 1.00 29.81 ? 71  GLU A C   1 
ATOM   570  O O   . GLU A 1 71  ? 15.078  5.890   -13.966 1.00 28.30 ? 71  GLU A O   1 
ATOM   571  C CB  . GLU A 1 71  ? 12.571  7.155   -12.310 1.00 32.02 ? 71  GLU A CB  1 
ATOM   572  C CG  . GLU A 1 71  ? 13.458  7.591   -11.146 1.00 36.78 ? 71  GLU A CG  1 
ATOM   573  C CD  . GLU A 1 71  ? 13.044  7.013   -9.809  1.00 37.54 ? 71  GLU A CD  1 
ATOM   574  O OE1 . GLU A 1 71  ? 11.849  7.074   -9.468  1.00 38.00 ? 71  GLU A OE1 1 
ATOM   575  O OE2 . GLU A 1 71  ? 13.926  6.496   -9.090  1.00 38.21 ? 71  GLU A OE2 1 
ATOM   576  N N   . ILE A 1 72  ? 13.073  5.198   -14.729 1.00 26.68 ? 72  ILE A N   1 
ATOM   577  C CA  . ILE A 1 72  ? 13.587  3.921   -15.237 1.00 27.28 ? 72  ILE A CA  1 
ATOM   578  C C   . ILE A 1 72  ? 14.624  4.158   -16.334 1.00 28.11 ? 72  ILE A C   1 
ATOM   579  O O   . ILE A 1 72  ? 15.695  3.539   -16.341 1.00 29.29 ? 72  ILE A O   1 
ATOM   580  C CB  . ILE A 1 72  ? 12.443  3.031   -15.804 1.00 26.99 ? 72  ILE A CB  1 
ATOM   581  C CG1 . ILE A 1 72  ? 11.496  2.601   -14.667 1.00 25.34 ? 72  ILE A CG1 1 
ATOM   582  C CG2 . ILE A 1 72  ? 13.035  1.786   -16.491 1.00 25.30 ? 72  ILE A CG2 1 
ATOM   583  C CD1 . ILE A 1 72  ? 10.320  1.748   -15.125 1.00 23.13 ? 72  ILE A CD1 1 
ATOM   584  N N   . LYS A 1 73  ? 14.298  5.053   -17.263 1.00 29.60 ? 73  LYS A N   1 
ATOM   585  C CA  . LYS A 1 73  ? 15.195  5.389   -18.360 1.00 31.32 ? 73  LYS A CA  1 
ATOM   586  C C   . LYS A 1 73  ? 16.550  5.872   -17.843 1.00 30.88 ? 73  LYS A C   1 
ATOM   587  O O   . LYS A 1 73  ? 17.590  5.419   -18.311 1.00 30.12 ? 73  LYS A O   1 
ATOM   588  C CB  . LYS A 1 73  ? 14.576  6.485   -19.233 1.00 33.79 ? 73  LYS A CB  1 
ATOM   589  C CG  . LYS A 1 73  ? 13.393  6.038   -20.062 1.00 38.44 ? 73  LYS A CG  1 
ATOM   590  C CD  . LYS A 1 73  ? 12.769  7.205   -20.809 1.00 43.72 ? 73  LYS A CD  1 
ATOM   591  C CE  . LYS A 1 73  ? 13.771  7.901   -21.717 1.00 44.17 ? 73  LYS A CE  1 
ATOM   592  N NZ  . LYS A 1 73  ? 13.111  9.006   -22.471 1.00 47.54 ? 73  LYS A NZ  1 
ATOM   593  N N   . GLU A 1 74  ? 16.521  6.790   -16.879 1.00 31.01 ? 74  GLU A N   1 
ATOM   594  C CA  . GLU A 1 74  ? 17.736  7.362   -16.301 1.00 32.47 ? 74  GLU A CA  1 
ATOM   595  C C   . GLU A 1 74  ? 18.565  6.355   -15.522 1.00 32.30 ? 74  GLU A C   1 
ATOM   596  O O   . GLU A 1 74  ? 19.792  6.360   -15.609 1.00 31.73 ? 74  GLU A O   1 
ATOM   597  C CB  . GLU A 1 74  ? 17.378  8.534   -15.390 1.00 33.44 ? 74  GLU A CB  1 
ATOM   598  C CG  . GLU A 1 74  ? 16.540  9.591   -16.080 1.00 36.69 ? 74  GLU A CG  1 
ATOM   599  C CD  . GLU A 1 74  ? 16.332  10.829  -15.222 1.00 39.11 ? 74  GLU A CD  1 
ATOM   600  O OE1 . GLU A 1 74  ? 16.009  10.693  -14.022 1.00 41.05 ? 74  GLU A OE1 1 
ATOM   601  O OE2 . GLU A 1 74  ? 16.476  11.942  -15.761 1.00 40.24 ? 74  GLU A OE2 1 
ATOM   602  N N   . TRP A 1 75  ? 17.903  5.492   -14.758 1.00 32.28 ? 75  TRP A N   1 
ATOM   603  C CA  . TRP A 1 75  ? 18.623  4.493   -13.978 1.00 32.25 ? 75  TRP A CA  1 
ATOM   604  C C   . TRP A 1 75  ? 19.297  3.493   -14.902 1.00 33.24 ? 75  TRP A C   1 
ATOM   605  O O   . TRP A 1 75  ? 20.496  3.227   -14.770 1.00 33.19 ? 75  TRP A O   1 
ATOM   606  C CB  . TRP A 1 75  ? 17.678  3.739   -13.047 1.00 33.24 ? 75  TRP A CB  1 
ATOM   607  C CG  . TRP A 1 75  ? 18.387  2.752   -12.167 1.00 34.00 ? 75  TRP A CG  1 
ATOM   608  C CD1 . TRP A 1 75  ? 19.038  3.017   -10.999 1.00 35.92 ? 75  TRP A CD1 1 
ATOM   609  C CD2 . TRP A 1 75  ? 18.541  1.349   -12.405 1.00 36.36 ? 75  TRP A CD2 1 
ATOM   610  N NE1 . TRP A 1 75  ? 19.591  1.862   -10.490 1.00 35.57 ? 75  TRP A NE1 1 
ATOM   611  C CE2 . TRP A 1 75  ? 19.302  0.822   -11.336 1.00 36.76 ? 75  TRP A CE2 1 
ATOM   612  C CE3 . TRP A 1 75  ? 18.112  0.481   -13.420 1.00 38.37 ? 75  TRP A CE3 1 
ATOM   613  C CZ2 . TRP A 1 75  ? 19.645  -0.533  -11.253 1.00 38.29 ? 75  TRP A CZ2 1 
ATOM   614  C CZ3 . TRP A 1 75  ? 18.453  -0.873  -13.338 1.00 39.51 ? 75  TRP A CZ3 1 
ATOM   615  C CH2 . TRP A 1 75  ? 19.213  -1.363  -12.261 1.00 39.55 ? 75  TRP A CH2 1 
ATOM   616  N N   . ARG A 1 76  ? 18.529  2.930   -15.834 1.00 33.51 ? 76  ARG A N   1 
ATOM   617  C CA  . ARG A 1 76  ? 19.081  1.947   -16.770 1.00 34.37 ? 76  ARG A CA  1 
ATOM   618  C C   . ARG A 1 76  ? 20.202  2.541   -17.628 1.00 35.75 ? 76  ARG A C   1 
ATOM   619  O O   . ARG A 1 76  ? 21.217  1.884   -17.884 1.00 37.22 ? 76  ARG A O   1 
ATOM   620  C CB  . ARG A 1 76  ? 17.975  1.361   -17.670 1.00 34.12 ? 76  ARG A CB  1 
ATOM   621  C CG  . ARG A 1 76  ? 16.953  0.492   -16.926 1.00 32.41 ? 76  ARG A CG  1 
ATOM   622  C CD  . ARG A 1 76  ? 15.941  -0.157  -17.865 1.00 34.24 ? 76  ARG A CD  1 
ATOM   623  N NE  . ARG A 1 76  ? 16.529  -1.235  -18.664 1.00 35.22 ? 76  ARG A NE  1 
ATOM   624  C CZ  . ARG A 1 76  ? 16.872  -2.430  -18.190 1.00 34.93 ? 76  ARG A CZ  1 
ATOM   625  N NH1 . ARG A 1 76  ? 16.687  -2.722  -16.915 1.00 36.05 ? 76  ARG A NH1 1 
ATOM   626  N NH2 . ARG A 1 76  ? 17.412  -3.338  -18.996 1.00 36.58 ? 76  ARG A NH2 1 
ATOM   627  N N   . ALA A 1 77  ? 20.027  3.777   -18.075 1.00 35.48 ? 77  ALA A N   1 
ATOM   628  C CA  . ALA A 1 77  ? 21.058  4.413   -18.886 1.00 36.94 ? 77  ALA A CA  1 
ATOM   629  C C   . ALA A 1 77  ? 22.336  4.588   -18.071 1.00 36.95 ? 77  ALA A C   1 
ATOM   630  O O   . ALA A 1 77  ? 23.424  4.252   -18.535 1.00 37.20 ? 77  ALA A O   1 
ATOM   631  C CB  . ALA A 1 77  ? 20.570  5.767   -19.400 1.00 36.94 ? 77  ALA A CB  1 
ATOM   632  N N   . ALA A 1 78  ? 22.201  5.105   -16.853 1.00 37.01 ? 78  ALA A N   1 
ATOM   633  C CA  . ALA A 1 78  ? 23.350  5.331   -15.980 1.00 37.99 ? 78  ALA A CA  1 
ATOM   634  C C   . ALA A 1 78  ? 24.091  4.039   -15.658 1.00 39.13 ? 78  ALA A C   1 
ATOM   635  O O   . ALA A 1 78  ? 25.295  4.056   -15.396 1.00 38.54 ? 78  ALA A O   1 
ATOM   636  C CB  . ALA A 1 78  ? 22.904  5.998   -14.689 1.00 37.02 ? 78  ALA A CB  1 
ATOM   637  N N   . ASN A 1 79  ? 23.371  2.922   -15.672 1.00 38.73 ? 79  ASN A N   1 
ATOM   638  C CA  . ASN A 1 79  ? 23.972  1.629   -15.374 1.00 39.08 ? 79  ASN A CA  1 
ATOM   639  C C   . ASN A 1 79  ? 24.347  0.841   -16.622 1.00 39.03 ? 79  ASN A C   1 
ATOM   640  O O   . ASN A 1 79  ? 24.661  -0.341  -16.537 1.00 40.92 ? 79  ASN A O   1 
ATOM   641  C CB  . ASN A 1 79  ? 23.024  0.804   -14.501 1.00 40.98 ? 79  ASN A CB  1 
ATOM   642  C CG  . ASN A 1 79  ? 23.039  1.249   -13.053 1.00 43.10 ? 79  ASN A CG  1 
ATOM   643  O OD1 . ASN A 1 79  ? 23.866  0.787   -12.267 1.00 42.69 ? 79  ASN A OD1 1 
ATOM   644  N ND2 . ASN A 1 79  ? 22.140  2.163   -12.693 1.00 43.03 ? 79  ASN A ND2 1 
ATOM   645  N N   . GLY A 1 80  ? 24.307  1.493   -17.776 1.00 39.80 ? 80  GLY A N   1 
ATOM   646  C CA  . GLY A 1 80  ? 24.669  0.831   -19.015 1.00 41.66 ? 80  GLY A CA  1 
ATOM   647  C C   . GLY A 1 80  ? 23.778  -0.316  -19.455 1.00 43.13 ? 80  GLY A C   1 
ATOM   648  O O   . GLY A 1 80  ? 24.206  -1.166  -20.237 1.00 43.05 ? 80  GLY A O   1 
ATOM   649  N N   . LYS A 1 81  ? 22.544  -0.344  -18.958 1.00 43.98 ? 81  LYS A N   1 
ATOM   650  C CA  . LYS A 1 81  ? 21.580  -1.392  -19.305 1.00 43.59 ? 81  LYS A CA  1 
ATOM   651  C C   . LYS A 1 81  ? 20.788  -0.993  -20.555 1.00 43.34 ? 81  LYS A C   1 
ATOM   652  O O   . LYS A 1 81  ? 20.598  0.193   -20.828 1.00 43.51 ? 81  LYS A O   1 
ATOM   653  C CB  . LYS A 1 81  ? 20.595  -1.608  -18.148 1.00 45.02 ? 81  LYS A CB  1 
ATOM   654  C CG  . LYS A 1 81  ? 21.152  -2.323  -16.921 1.00 45.40 ? 81  LYS A CG  1 
ATOM   655  C CD  . LYS A 1 81  ? 21.226  -3.823  -17.140 1.00 48.74 ? 81  LYS A CD  1 
ATOM   656  C CE  . LYS A 1 81  ? 21.598  -4.562  -15.858 1.00 49.75 ? 81  LYS A CE  1 
ATOM   657  N NZ  . LYS A 1 81  ? 21.544  -6.044  -16.051 1.00 49.09 ? 81  LYS A NZ  1 
ATOM   658  N N   . PRO A 1 82  ? 20.314  -1.979  -21.332 1.00 42.74 ? 82  PRO A N   1 
ATOM   659  C CA  . PRO A 1 82  ? 19.547  -1.643  -22.535 1.00 42.26 ? 82  PRO A CA  1 
ATOM   660  C C   . PRO A 1 82  ? 18.255  -0.893  -22.179 1.00 42.35 ? 82  PRO A C   1 
ATOM   661  O O   . PRO A 1 82  ? 17.600  -1.208  -21.183 1.00 42.21 ? 82  PRO A O   1 
ATOM   662  C CB  . PRO A 1 82  ? 19.287  -3.010  -23.168 1.00 43.23 ? 82  PRO A CB  1 
ATOM   663  C CG  . PRO A 1 82  ? 19.225  -3.928  -21.976 1.00 44.47 ? 82  PRO A CG  1 
ATOM   664  C CD  . PRO A 1 82  ? 20.380  -3.437  -21.131 1.00 42.20 ? 82  PRO A CD  1 
ATOM   665  N N   . GLY A 1 83  ? 17.896  0.097   -22.993 1.00 40.70 ? 83  GLY A N   1 
ATOM   666  C CA  . GLY A 1 83  ? 16.697  0.876   -22.729 1.00 41.26 ? 83  GLY A CA  1 
ATOM   667  C C   . GLY A 1 83  ? 15.448  0.445   -23.480 1.00 41.64 ? 83  GLY A C   1 
ATOM   668  O O   . GLY A 1 83  ? 15.419  -0.618  -24.095 1.00 40.46 ? 83  GLY A O   1 
ATOM   669  N N   . PHE A 1 84  ? 14.407  1.275   -23.423 1.00 41.64 ? 84  PHE A N   1 
ATOM   670  C CA  . PHE A 1 84  ? 13.143  0.985   -24.104 1.00 42.02 ? 84  PHE A CA  1 
ATOM   671  C C   . PHE A 1 84  ? 13.324  0.894   -25.620 1.00 44.15 ? 84  PHE A C   1 
ATOM   672  O O   . PHE A 1 84  ? 14.248  1.477   -26.191 1.00 43.55 ? 84  PHE A O   1 
ATOM   673  C CB  . PHE A 1 84  ? 12.099  2.063   -23.774 1.00 38.83 ? 84  PHE A CB  1 
ATOM   674  C CG  . PHE A 1 84  ? 11.659  2.060   -22.334 1.00 35.63 ? 84  PHE A CG  1 
ATOM   675  C CD1 . PHE A 1 84  ? 10.846  1.044   -21.838 1.00 35.27 ? 84  PHE A CD1 1 
ATOM   676  C CD2 . PHE A 1 84  ? 12.081  3.056   -21.463 1.00 34.14 ? 84  PHE A CD2 1 
ATOM   677  C CE1 . PHE A 1 84  ? 10.462  1.014   -20.492 1.00 33.17 ? 84  PHE A CE1 1 
ATOM   678  C CE2 . PHE A 1 84  ? 11.700  3.037   -20.110 1.00 35.45 ? 84  PHE A CE2 1 
ATOM   679  C CZ  . PHE A 1 84  ? 10.888  2.010   -19.628 1.00 32.33 ? 84  PHE A CZ  1 
ATOM   680  N N   . LYS A 1 85  ? 12.433  0.150   -26.263 1.00 46.46 ? 85  LYS A N   1 
ATOM   681  C CA  . LYS A 1 85  ? 12.465  -0.030  -27.709 1.00 49.86 ? 85  LYS A CA  1 
ATOM   682  C C   . LYS A 1 85  ? 12.185  1.312   -28.377 1.00 52.44 ? 85  LYS A C   1 
ATOM   683  O O   . LYS A 1 85  ? 11.204  1.981   -28.053 1.00 52.23 ? 85  LYS A O   1 
ATOM   684  C CB  . LYS A 1 85  ? 11.404  -1.052  -28.123 1.00 49.36 ? 85  LYS A CB  1 
ATOM   685  C CG  . LYS A 1 85  ? 11.413  -1.440  -29.590 1.00 50.37 ? 85  LYS A CG  1 
ATOM   686  C CD  . LYS A 1 85  ? 10.103  -2.122  -29.950 1.00 51.95 ? 85  LYS A CD  1 
ATOM   687  C CE  . LYS A 1 85  ? 10.051  -2.547  -31.406 1.00 55.03 ? 85  LYS A CE  1 
ATOM   688  N NZ  . LYS A 1 85  ? 10.859  -3.772  -31.661 1.00 57.19 ? 85  LYS A NZ  1 
ATOM   689  N N   . GLN A 1 86  ? 13.054  1.707   -29.301 1.00 55.64 ? 86  GLN A N   1 
ATOM   690  C CA  . GLN A 1 86  ? 12.896  2.973   -30.009 1.00 59.91 ? 86  GLN A CA  1 
ATOM   691  C C   . GLN A 1 86  ? 11.640  2.992   -30.874 1.00 61.78 ? 86  GLN A C   1 
ATOM   692  O O   . GLN A 1 86  ? 11.133  4.060   -31.221 1.00 62.38 ? 86  GLN A O   1 
ATOM   693  C CB  . GLN A 1 86  ? 14.127  3.244   -30.883 1.00 61.53 ? 86  GLN A CB  1 
ATOM   694  C CG  . GLN A 1 86  ? 15.372  3.654   -30.105 1.00 64.83 ? 86  GLN A CG  1 
ATOM   695  C CD  . GLN A 1 86  ? 15.260  5.054   -29.515 1.00 66.60 ? 86  GLN A CD  1 
ATOM   696  O OE1 . GLN A 1 86  ? 15.182  6.044   -30.247 1.00 66.69 ? 86  GLN A OE1 1 
ATOM   697  N NE2 . GLN A 1 86  ? 15.247  5.141   -28.184 1.00 67.59 ? 86  GLN A NE2 1 
ATOM   698  N N   . GLY A 1 87  ? 11.145  1.806   -31.218 1.00 63.41 ? 87  GLY A N   1 
ATOM   699  C CA  . GLY A 1 87  ? 9.957   1.707   -32.049 1.00 66.13 ? 87  GLY A CA  1 
ATOM   700  C C   . GLY A 1 87  ? 8.776   2.523   -31.558 1.00 67.86 ? 87  GLY A C   1 
ATOM   701  O O   . GLY A 1 87  ? 8.853   3.076   -30.437 1.00 69.12 ? 87  GLY A O   1 
ATOM   702  O OXT . GLY A 1 87  ? 7.767   2.607   -32.296 1.00 68.71 ? 87  GLY A OXT 1 
ATOM   703  N N   . ARG B 2 2   ? -16.225 -12.966 8.289   1.00 80.10 ? 447 ARG B N   1 
ATOM   704  C CA  . ARG B 2 2   ? -15.163 -13.728 9.010   1.00 79.99 ? 447 ARG B CA  1 
ATOM   705  C C   . ARG B 2 2   ? -15.423 -13.719 10.513  1.00 78.55 ? 447 ARG B C   1 
ATOM   706  O O   . ARG B 2 2   ? -15.756 -14.748 11.102  1.00 79.04 ? 447 ARG B O   1 
ATOM   707  C CB  . ARG B 2 2   ? -13.787 -13.118 8.722   1.00 81.36 ? 447 ARG B CB  1 
ATOM   708  C CG  . ARG B 2 2   ? -12.625 -13.873 9.357   1.00 83.33 ? 447 ARG B CG  1 
ATOM   709  C CD  . ARG B 2 2   ? -11.291 -13.265 8.958   1.00 85.15 ? 447 ARG B CD  1 
ATOM   710  N NE  . ARG B 2 2   ? -10.162 -13.977 9.554   1.00 87.15 ? 447 ARG B NE  1 
ATOM   711  C CZ  . ARG B 2 2   ? -8.888  -13.646 9.371   1.00 87.79 ? 447 ARG B CZ  1 
ATOM   712  N NH1 . ARG B 2 2   ? -8.571  -12.608 8.607   1.00 88.24 ? 447 ARG B NH1 1 
ATOM   713  N NH2 . ARG B 2 2   ? -7.927  -14.354 9.952   1.00 87.99 ? 447 ARG B NH2 1 
ATOM   714  N N   . ASN B 2 3   ? -15.267 -12.552 11.125  1.00 76.30 ? 448 ASN B N   1 
ATOM   715  C CA  . ASN B 2 3   ? -15.487 -12.407 12.556  1.00 73.57 ? 448 ASN B CA  1 
ATOM   716  C C   . ASN B 2 3   ? -16.978 -12.181 12.794  1.00 72.15 ? 448 ASN B C   1 
ATOM   717  O O   . ASN B 2 3   ? -17.807 -12.547 11.960  1.00 71.78 ? 448 ASN B O   1 
ATOM   718  C CB  . ASN B 2 3   ? -14.669 -11.225 13.087  1.00 72.50 ? 448 ASN B CB  1 
ATOM   719  C CG  . ASN B 2 3   ? -14.184 -11.440 14.508  1.00 72.17 ? 448 ASN B CG  1 
ATOM   720  O OD1 . ASN B 2 3   ? -14.969 -11.444 15.456  1.00 70.32 ? 448 ASN B OD1 1 
ATOM   721  N ND2 . ASN B 2 3   ? -12.877 -11.629 14.658  1.00 71.09 ? 448 ASN B ND2 1 
ATOM   722  N N   . LYS B 2 4   ? -17.319 -11.579 13.928  1.00 70.63 ? 449 LYS B N   1 
ATOM   723  C CA  . LYS B 2 4   ? -18.717 -11.323 14.257  1.00 68.43 ? 449 LYS B CA  1 
ATOM   724  C C   . LYS B 2 4   ? -18.995 -9.822  14.240  1.00 67.11 ? 449 LYS B C   1 
ATOM   725  O O   . LYS B 2 4   ? -18.092 -9.014  14.441  1.00 67.35 ? 449 LYS B O   1 
ATOM   726  C CB  . LYS B 2 4   ? -19.047 -11.892 15.641  1.00 68.82 ? 449 LYS B CB  1 
ATOM   727  C CG  . LYS B 2 4   ? -18.578 -13.327 15.874  1.00 68.80 ? 449 LYS B CG  1 
ATOM   728  C CD  . LYS B 2 4   ? -17.081 -13.394 16.157  1.00 67.65 ? 449 LYS B CD  1 
ATOM   729  C CE  . LYS B 2 4   ? -16.611 -14.824 16.379  1.00 67.28 ? 449 LYS B CE  1 
ATOM   730  N NZ  . LYS B 2 4   ? -15.148 -14.898 16.660  1.00 65.64 ? 449 LYS B NZ  1 
ATOM   731  N N   . PRO B 2 5   ? -20.257 -9.427  14.008  1.00 65.32 ? 450 PRO B N   1 
ATOM   732  C CA  . PRO B 2 5   ? -20.611 -8.006  13.973  1.00 64.23 ? 450 PRO B CA  1 
ATOM   733  C C   . PRO B 2 5   ? -20.315 -7.280  15.284  1.00 63.33 ? 450 PRO B C   1 
ATOM   734  O O   . PRO B 2 5   ? -20.121 -7.913  16.322  1.00 64.05 ? 450 PRO B O   1 
ATOM   735  C CB  . PRO B 2 5   ? -22.100 -8.032  13.630  1.00 63.70 ? 450 PRO B CB  1 
ATOM   736  C CG  . PRO B 2 5   ? -22.560 -9.309  14.256  1.00 65.17 ? 450 PRO B CG  1 
ATOM   737  C CD  . PRO B 2 5   ? -21.459 -10.269 13.876  1.00 65.12 ? 450 PRO B CD  1 
ATOM   738  N N   . GLY B 2 6   ? -20.274 -5.952  15.224  1.00 61.56 ? 451 GLY B N   1 
ATOM   739  C CA  . GLY B 2 6   ? -19.995 -5.159  16.409  1.00 59.62 ? 451 GLY B CA  1 
ATOM   740  C C   . GLY B 2 6   ? -19.839 -3.689  16.069  1.00 58.33 ? 451 GLY B C   1 
ATOM   741  O O   . GLY B 2 6   ? -19.843 -3.316  14.896  1.00 58.19 ? 451 GLY B O   1 
ATOM   742  N N   . LYS B 2 7   ? -19.706 -2.850  17.092  1.00 57.57 ? 452 LYS B N   1 
ATOM   743  C CA  . LYS B 2 7   ? -19.549 -1.416  16.886  1.00 55.68 ? 452 LYS B CA  1 
ATOM   744  C C   . LYS B 2 7   ? -18.151 -0.946  17.267  1.00 54.19 ? 452 LYS B C   1 
ATOM   745  O O   . LYS B 2 7   ? -17.541 -1.468  18.203  1.00 53.84 ? 452 LYS B O   1 
ATOM   746  C CB  . LYS B 2 7   ? -20.590 -0.640  17.698  1.00 56.81 ? 452 LYS B CB  1 
ATOM   747  C CG  . LYS B 2 7   ? -22.032 -0.943  17.316  1.00 58.64 ? 452 LYS B CG  1 
ATOM   748  C CD  . LYS B 2 7   ? -23.003 -0.037  18.062  1.00 59.71 ? 452 LYS B CD  1 
ATOM   749  C CE  . LYS B 2 7   ? -24.453 -0.392  17.756  1.00 60.58 ? 452 LYS B CE  1 
ATOM   750  N NZ  . LYS B 2 7   ? -24.760 -0.319  16.299  1.00 60.70 ? 452 LYS B NZ  1 
ATOM   751  N N   . ALA B 2 8   ? -17.652 0.045   16.534  1.00 52.07 ? 453 ALA B N   1 
ATOM   752  C CA  . ALA B 2 8   ? -16.321 0.593   16.773  1.00 50.30 ? 453 ALA B CA  1 
ATOM   753  C C   . ALA B 2 8   ? -16.302 1.545   17.964  1.00 49.44 ? 453 ALA B C   1 
ATOM   754  O O   . ALA B 2 8   ? -17.224 2.337   18.156  1.00 48.32 ? 453 ALA B O   1 
ATOM   755  C CB  . ALA B 2 8   ? -15.828 1.311   15.525  1.00 49.36 ? 453 ALA B CB  1 
ATOM   756  N N   . THR B 2 9   ? -15.240 1.460   18.757  1.00 48.54 ? 454 THR B N   1 
ATOM   757  C CA  . THR B 2 9   ? -15.068 2.305   19.935  1.00 48.61 ? 454 THR B CA  1 
ATOM   758  C C   . THR B 2 9   ? -13.596 2.671   20.082  1.00 47.96 ? 454 THR B C   1 
ATOM   759  O O   . THR B 2 9   ? -12.722 2.024   19.503  1.00 46.81 ? 454 THR B O   1 
ATOM   760  C CB  . THR B 2 9   ? -15.497 1.580   21.225  1.00 47.88 ? 454 THR B CB  1 
ATOM   761  O OG1 . THR B 2 9   ? -14.667 0.428   21.424  1.00 47.64 ? 454 THR B OG1 1 
ATOM   762  C CG2 . THR B 2 9   ? -16.953 1.146   21.138  1.00 49.04 ? 454 THR B CG2 1 
ATOM   763  N N   . GLY B 2 10  ? -13.324 3.704   20.870  1.00 47.61 ? 455 GLY B N   1 
ATOM   764  C CA  . GLY B 2 10  ? -11.950 4.120   21.069  1.00 47.92 ? 455 GLY B CA  1 
ATOM   765  C C   . GLY B 2 10  ? -11.748 5.570   20.692  1.00 47.28 ? 455 GLY B C   1 
ATOM   766  O O   . GLY B 2 10  ? -12.680 6.231   20.233  1.00 49.27 ? 455 GLY B O   1 
ATOM   767  N N   . LYS B 2 11  ? -10.529 6.066   20.869  1.00 46.32 ? 456 LYS B N   1 
ATOM   768  C CA  . LYS B 2 11  ? -10.232 7.458   20.557  1.00 46.24 ? 456 LYS B CA  1 
ATOM   769  C C   . LYS B 2 11  ? -9.001  7.591   19.663  1.00 44.73 ? 456 LYS B C   1 
ATOM   770  O O   . LYS B 2 11  ? -8.882  8.549   18.897  1.00 44.85 ? 456 LYS B O   1 
ATOM   771  C CB  . LYS B 2 11  ? -10.037 8.245   21.864  1.00 47.25 ? 456 LYS B CB  1 
ATOM   772  C CG  . LYS B 2 11  ? -9.893  9.752   21.692  1.00 50.18 ? 456 LYS B CG  1 
ATOM   773  C CD  . LYS B 2 11  ? -10.117 10.503  23.004  1.00 53.15 ? 456 LYS B CD  1 
ATOM   774  C CE  . LYS B 2 11  ? -11.584 10.436  23.457  1.00 55.38 ? 456 LYS B CE  1 
ATOM   775  N NZ  . LYS B 2 11  ? -11.848 11.181  24.733  1.00 54.83 ? 456 LYS B NZ  1 
ATOM   776  N N   . GLY B 2 12  ? -8.097  6.620   19.744  1.00 43.73 ? 457 GLY B N   1 
ATOM   777  C CA  . GLY B 2 12  ? -6.893  6.677   18.933  1.00 42.49 ? 457 GLY B CA  1 
ATOM   778  C C   . GLY B 2 12  ? -5.936  7.743   19.438  1.00 41.79 ? 457 GLY B C   1 
ATOM   779  O O   . GLY B 2 12  ? -5.971  8.101   20.613  1.00 41.40 ? 457 GLY B O   1 
ATOM   780  N N   . LYS B 2 13  ? -5.089  8.260   18.553  1.00 39.96 ? 458 LYS B N   1 
ATOM   781  C CA  . LYS B 2 13  ? -4.119  9.276   18.938  1.00 39.55 ? 458 LYS B CA  1 
ATOM   782  C C   . LYS B 2 13  ? -3.792  10.261  17.819  1.00 39.42 ? 458 LYS B C   1 
ATOM   783  O O   . LYS B 2 13  ? -3.963  9.964   16.631  1.00 37.88 ? 458 LYS B O   1 
ATOM   784  C CB  . LYS B 2 13  ? -2.820  8.612   19.410  1.00 40.75 ? 458 LYS B CB  1 
ATOM   785  C CG  . LYS B 2 13  ? -2.913  7.893   20.749  1.00 44.04 ? 458 LYS B CG  1 
ATOM   786  C CD  . LYS B 2 13  ? -1.559  7.324   21.157  1.00 45.52 ? 458 LYS B CD  1 
ATOM   787  C CE  . LYS B 2 13  ? -1.620  6.624   22.509  1.00 48.34 ? 458 LYS B CE  1 
ATOM   788  N NZ  . LYS B 2 13  ? -2.028  7.543   23.614  1.00 52.34 ? 458 LYS B NZ  1 
ATOM   789  N N   . PRO B 2 14  ? -3.312  11.460  18.187  1.00 39.22 ? 459 PRO B N   1 
ATOM   790  C CA  . PRO B 2 14  ? -2.969  12.447  17.161  1.00 38.23 ? 459 PRO B CA  1 
ATOM   791  C C   . PRO B 2 14  ? -1.705  11.987  16.441  1.00 37.49 ? 459 PRO B C   1 
ATOM   792  O O   . PRO B 2 14  ? -0.850  11.351  17.051  1.00 38.23 ? 459 PRO B O   1 
ATOM   793  C CB  . PRO B 2 14  ? -2.762  13.726  17.975  1.00 37.46 ? 459 PRO B CB  1 
ATOM   794  C CG  . PRO B 2 14  ? -2.217  13.205  19.280  1.00 38.91 ? 459 PRO B CG  1 
ATOM   795  C CD  . PRO B 2 14  ? -3.105  12.007  19.543  1.00 38.91 ? 459 PRO B CD  1 
ATOM   796  N N   . VAL B 2 15  ? -1.596  12.279  15.147  1.00 36.13 ? 460 VAL B N   1 
ATOM   797  C CA  . VAL B 2 15  ? -0.415  11.879  14.385  1.00 36.62 ? 460 VAL B CA  1 
ATOM   798  C C   . VAL B 2 15  ? 0.164   13.032  13.570  1.00 37.14 ? 460 VAL B C   1 
ATOM   799  O O   . VAL B 2 15  ? -0.536  13.993  13.255  1.00 37.13 ? 460 VAL B O   1 
ATOM   800  C CB  . VAL B 2 15  ? -0.722  10.710  13.410  1.00 36.21 ? 460 VAL B CB  1 
ATOM   801  C CG1 . VAL B 2 15  ? -1.255  9.513   14.169  1.00 33.30 ? 460 VAL B CG1 1 
ATOM   802  C CG2 . VAL B 2 15  ? -1.712  11.159  12.342  1.00 34.31 ? 460 VAL B CG2 1 
ATOM   803  N N   . ASN B 2 16  ? 1.446   12.924  13.235  1.00 38.45 ? 461 ASN B N   1 
ATOM   804  C CA  . ASN B 2 16  ? 2.122   13.949  12.450  1.00 40.21 ? 461 ASN B CA  1 
ATOM   805  C C   . ASN B 2 16  ? 1.985   13.653  10.955  1.00 40.97 ? 461 ASN B C   1 
ATOM   806  O O   . ASN B 2 16  ? 1.089   12.913  10.538  1.00 40.90 ? 461 ASN B O   1 
ATOM   807  C CB  . ASN B 2 16  ? 3.608   14.019  12.825  1.00 40.14 ? 461 ASN B CB  1 
ATOM   808  C CG  . ASN B 2 16  ? 4.302   12.670  12.729  1.00 42.70 ? 461 ASN B CG  1 
ATOM   809  O OD1 . ASN B 2 16  ? 3.920   11.813  11.931  1.00 40.97 ? 461 ASN B OD1 1 
ATOM   810  N ND2 . ASN B 2 16  ? 5.343   12.485  13.533  1.00 43.33 ? 461 ASN B ND2 1 
ATOM   811  N N   . ASN B 2 17  ? 2.876   14.233  10.154  1.00 40.35 ? 462 ASN B N   1 
ATOM   812  C CA  . ASN B 2 17  ? 2.860   14.040  8.707   1.00 41.73 ? 462 ASN B CA  1 
ATOM   813  C C   . ASN B 2 17  ? 3.675   12.826  8.279   1.00 39.85 ? 462 ASN B C   1 
ATOM   814  O O   . ASN B 2 17  ? 3.973   12.661  7.100   1.00 39.52 ? 462 ASN B O   1 
ATOM   815  C CB  . ASN B 2 17  ? 3.407   15.284  8.004   1.00 46.46 ? 462 ASN B CB  1 
ATOM   816  C CG  . ASN B 2 17  ? 2.448   16.455  8.060   1.00 50.28 ? 462 ASN B CG  1 
ATOM   817  O OD1 . ASN B 2 17  ? 2.824   17.587  7.753   1.00 55.17 ? 462 ASN B OD1 1 
ATOM   818  N ND2 . ASN B 2 17  ? 1.199   16.189  8.437   1.00 52.87 ? 462 ASN B ND2 1 
ATOM   819  N N   . LYS B 2 18  ? 4.036   11.988  9.241   1.00 38.46 ? 463 LYS B N   1 
ATOM   820  C CA  . LYS B 2 18  ? 4.811   10.783  8.972   1.00 39.04 ? 463 LYS B CA  1 
ATOM   821  C C   . LYS B 2 18  ? 4.139   9.651   9.744   1.00 37.26 ? 463 LYS B C   1 
ATOM   822  O O   . LYS B 2 18  ? 4.803   8.818   10.363  1.00 35.82 ? 463 LYS B O   1 
ATOM   823  C CB  . LYS B 2 18  ? 6.252   10.955  9.464   1.00 42.77 ? 463 LYS B CB  1 
ATOM   824  C CG  . LYS B 2 18  ? 6.991   12.147  8.870   1.00 48.54 ? 463 LYS B CG  1 
ATOM   825  C CD  . LYS B 2 18  ? 7.175   12.006  7.369   1.00 51.33 ? 463 LYS B CD  1 
ATOM   826  C CE  . LYS B 2 18  ? 7.773   13.270  6.759   1.00 54.09 ? 463 LYS B CE  1 
ATOM   827  N NZ  . LYS B 2 18  ? 7.807   13.204  5.266   1.00 54.46 ? 463 LYS B NZ  1 
ATOM   828  N N   . TRP B 2 19  ? 2.811   9.644   9.699   1.00 36.08 ? 464 TRP B N   1 
ATOM   829  C CA  . TRP B 2 19  ? 1.992   8.665   10.401  1.00 35.00 ? 464 TRP B CA  1 
ATOM   830  C C   . TRP B 2 19  ? 2.497   7.226   10.479  1.00 37.10 ? 464 TRP B C   1 
ATOM   831  O O   . TRP B 2 19  ? 2.602   6.656   11.567  1.00 36.70 ? 464 TRP B O   1 
ATOM   832  C CB  . TRP B 2 19  ? 0.577   8.680   9.815   1.00 32.52 ? 464 TRP B CB  1 
ATOM   833  C CG  . TRP B 2 19  ? -0.337  7.644   10.412  1.00 29.93 ? 464 TRP B CG  1 
ATOM   834  C CD1 . TRP B 2 19  ? -0.403  7.258   11.724  1.00 29.15 ? 464 TRP B CD1 1 
ATOM   835  C CD2 . TRP B 2 19  ? -1.344  6.903   9.726   1.00 28.18 ? 464 TRP B CD2 1 
ATOM   836  N NE1 . TRP B 2 19  ? -1.390  6.323   11.895  1.00 31.62 ? 464 TRP B NE1 1 
ATOM   837  C CE2 . TRP B 2 19  ? -1.986  6.080   10.683  1.00 28.64 ? 464 TRP B CE2 1 
ATOM   838  C CE3 . TRP B 2 19  ? -1.771  6.847   8.393   1.00 26.64 ? 464 TRP B CE3 1 
ATOM   839  C CZ2 . TRP B 2 19  ? -3.041  5.212   10.347  1.00 30.21 ? 464 TRP B CZ2 1 
ATOM   840  C CZ3 . TRP B 2 19  ? -2.817  5.986   8.056   1.00 25.67 ? 464 TRP B CZ3 1 
ATOM   841  C CH2 . TRP B 2 19  ? -3.439  5.179   9.028   1.00 27.38 ? 464 TRP B CH2 1 
ATOM   842  N N   . LEU B 2 20  ? 2.809   6.623   9.342   1.00 37.36 ? 465 LEU B N   1 
ATOM   843  C CA  . LEU B 2 20  ? 3.269   5.242   9.371   1.00 39.15 ? 465 LEU B CA  1 
ATOM   844  C C   . LEU B 2 20  ? 4.781   5.041   9.445   1.00 40.99 ? 465 LEU B C   1 
ATOM   845  O O   . LEU B 2 20  ? 5.266   3.924   9.284   1.00 39.84 ? 465 LEU B O   1 
ATOM   846  C CB  . LEU B 2 20  ? 2.701   4.487   8.168   1.00 36.59 ? 465 LEU B CB  1 
ATOM   847  C CG  . LEU B 2 20  ? 1.168   4.539   8.105   1.00 36.39 ? 465 LEU B CG  1 
ATOM   848  C CD1 . LEU B 2 20  ? 0.667   3.637   6.989   1.00 35.38 ? 465 LEU B CD1 1 
ATOM   849  C CD2 . LEU B 2 20  ? 0.581   4.103   9.445   1.00 35.41 ? 465 LEU B CD2 1 
ATOM   850  N N   . ASN B 2 21  ? 5.524   6.113   9.691   1.00 43.68 ? 466 ASN B N   1 
ATOM   851  C CA  . ASN B 2 21  ? 6.973   5.998   9.779   1.00 48.94 ? 466 ASN B CA  1 
ATOM   852  C C   . ASN B 2 21  ? 7.388   4.987   10.842  1.00 49.98 ? 466 ASN B C   1 
ATOM   853  O O   . ASN B 2 21  ? 8.437   4.361   10.729  1.00 49.95 ? 466 ASN B O   1 
ATOM   854  C CB  . ASN B 2 21  ? 7.605   7.362   10.073  1.00 51.60 ? 466 ASN B CB  1 
ATOM   855  C CG  . ASN B 2 21  ? 7.893   8.150   8.808   1.00 54.89 ? 466 ASN B CG  1 
ATOM   856  O OD1 . ASN B 2 21  ? 7.020   8.312   7.953   1.00 55.74 ? 466 ASN B OD1 1 
ATOM   857  N ND2 . ASN B 2 21  ? 9.123   8.647   8.685   1.00 55.07 ? 466 ASN B ND2 1 
ATOM   858  N N   . ASN B 2 22  ? 6.551   4.818   11.860  1.00 52.03 ? 467 ASN B N   1 
ATOM   859  C CA  . ASN B 2 22  ? 6.839   3.883   12.940  1.00 54.25 ? 467 ASN B CA  1 
ATOM   860  C C   . ASN B 2 22  ? 6.132   2.554   12.744  1.00 54.56 ? 467 ASN B C   1 
ATOM   861  O O   . ASN B 2 22  ? 6.168   1.695   13.622  1.00 54.31 ? 467 ASN B O   1 
ATOM   862  C CB  . ASN B 2 22  ? 6.415   4.486   14.281  1.00 56.92 ? 467 ASN B CB  1 
ATOM   863  C CG  . ASN B 2 22  ? 7.041   5.838   14.530  1.00 59.97 ? 467 ASN B CG  1 
ATOM   864  O OD1 . ASN B 2 22  ? 8.266   5.973   14.538  1.00 62.20 ? 467 ASN B OD1 1 
ATOM   865  N ND2 . ASN B 2 22  ? 6.205   6.855   14.731  1.00 62.16 ? 467 ASN B ND2 1 
ATOM   866  N N   . ALA B 2 23  ? 5.486   2.389   11.594  1.00 54.55 ? 468 ALA B N   1 
ATOM   867  C CA  . ALA B 2 23  ? 4.767   1.155   11.292  1.00 55.18 ? 468 ALA B CA  1 
ATOM   868  C C   . ALA B 2 23  ? 5.639   -0.055  11.592  1.00 56.25 ? 468 ALA B C   1 
ATOM   869  O O   . ALA B 2 23  ? 6.817   -0.096  11.233  1.00 55.67 ? 468 ALA B O   1 
ATOM   870  C CB  . ALA B 2 23  ? 4.338   1.138   9.831   1.00 54.64 ? 468 ALA B CB  1 
ATOM   871  N N   . GLY B 2 24  ? 5.056   -1.047  12.248  1.00 57.28 ? 469 GLY B N   1 
ATOM   872  C CA  . GLY B 2 24  ? 5.820   -2.230  12.587  1.00 61.41 ? 469 GLY B CA  1 
ATOM   873  C C   . GLY B 2 24  ? 6.643   -2.047  13.854  1.00 62.42 ? 469 GLY B C   1 
ATOM   874  O O   . GLY B 2 24  ? 6.364   -2.683  14.875  1.00 64.78 ? 469 GLY B O   1 
ATOM   875  N N   . LYS B 2 25  ? 7.654   -1.181  13.797  1.00 61.57 ? 470 LYS B N   1 
ATOM   876  C CA  . LYS B 2 25  ? 8.517   -0.927  14.951  1.00 60.19 ? 470 LYS B CA  1 
ATOM   877  C C   . LYS B 2 25  ? 7.663   -0.776  16.202  1.00 58.70 ? 470 LYS B C   1 
ATOM   878  O O   . LYS B 2 25  ? 6.649   -0.078  16.187  1.00 58.13 ? 470 LYS B O   1 
ATOM   879  C CB  . LYS B 2 25  ? 9.338   0.343   14.728  1.00 61.62 ? 470 LYS B CB  1 
ATOM   880  C CG  . LYS B 2 25  ? 9.938   0.475   13.332  1.00 63.24 ? 470 LYS B CG  1 
ATOM   881  C CD  . LYS B 2 25  ? 10.688  -0.785  12.890  1.00 64.42 ? 470 LYS B CD  1 
ATOM   882  C CE  . LYS B 2 25  ? 9.790   -1.742  12.105  1.00 64.12 ? 470 LYS B CE  1 
ATOM   883  N NZ  . LYS B 2 25  ? 10.473  -3.019  11.754  1.00 64.09 ? 470 LYS B NZ  1 
ATOM   884  N N   . ASP B 2 26  ? 8.083   -1.422  17.287  1.00 57.38 ? 471 ASP B N   1 
ATOM   885  C CA  . ASP B 2 26  ? 7.332   -1.388  18.538  1.00 55.50 ? 471 ASP B CA  1 
ATOM   886  C C   . ASP B 2 26  ? 5.950   -1.979  18.279  1.00 54.26 ? 471 ASP B C   1 
ATOM   887  O O   . ASP B 2 26  ? 5.826   -3.155  17.935  1.00 53.15 ? 471 ASP B O   1 
ATOM   888  C CB  . ASP B 2 26  ? 7.196   0.045   19.062  1.00 57.08 ? 471 ASP B CB  1 
ATOM   889  C CG  . ASP B 2 26  ? 8.529   0.648   19.454  1.00 59.10 ? 471 ASP B CG  1 
ATOM   890  O OD1 . ASP B 2 26  ? 9.298   -0.031  20.165  1.00 58.89 ? 471 ASP B OD1 1 
ATOM   891  O OD2 . ASP B 2 26  ? 8.801   1.805   19.065  1.00 60.53 ? 471 ASP B OD2 1 
ATOM   892  N N   . LEU B 2 27  ? 4.913   -1.164  18.440  1.00 53.16 ? 472 LEU B N   1 
ATOM   893  C CA  . LEU B 2 27  ? 3.547   -1.620  18.208  1.00 52.18 ? 472 LEU B CA  1 
ATOM   894  C C   . LEU B 2 27  ? 3.004   -1.032  16.910  1.00 50.20 ? 472 LEU B C   1 
ATOM   895  O O   . LEU B 2 27  ? 1.826   -1.181  16.593  1.00 49.41 ? 472 LEU B O   1 
ATOM   896  C CB  . LEU B 2 27  ? 2.647   -1.210  19.371  1.00 53.87 ? 472 LEU B CB  1 
ATOM   897  C CG  . LEU B 2 27  ? 2.981   -1.856  20.715  1.00 56.03 ? 472 LEU B CG  1 
ATOM   898  C CD1 . LEU B 2 27  ? 2.120   -1.246  21.814  1.00 57.24 ? 472 LEU B CD1 1 
ATOM   899  C CD2 . LEU B 2 27  ? 2.754   -3.358  20.622  1.00 55.69 ? 472 LEU B CD2 1 
ATOM   900  N N   . GLY B 2 28  ? 3.878   -0.364  16.165  1.00 48.60 ? 473 GLY B N   1 
ATOM   901  C CA  . GLY B 2 28  ? 3.474   0.236   14.910  1.00 45.21 ? 473 GLY B CA  1 
ATOM   902  C C   . GLY B 2 28  ? 2.887   1.617   15.088  1.00 42.90 ? 473 GLY B C   1 
ATOM   903  O O   . GLY B 2 28  ? 3.232   2.346   16.018  1.00 41.39 ? 473 GLY B O   1 
ATOM   904  N N   . SER B 2 29  ? 1.991   1.982   14.184  1.00 40.63 ? 474 SER B N   1 
ATOM   905  C CA  . SER B 2 29  ? 1.363   3.291   14.244  1.00 38.01 ? 474 SER B CA  1 
ATOM   906  C C   . SER B 2 29  ? -0.062  3.145   14.770  1.00 36.77 ? 474 SER B C   1 
ATOM   907  O O   . SER B 2 29  ? -0.727  2.139   14.511  1.00 36.27 ? 474 SER B O   1 
ATOM   908  C CB  . SER B 2 29  ? 1.389   3.917   12.854  1.00 36.58 ? 474 SER B CB  1 
ATOM   909  O OG  . SER B 2 29  ? 2.705   3.842   12.323  1.00 35.35 ? 474 SER B OG  1 
ATOM   910  N N   . PRO B 2 30  ? -0.542  4.139   15.533  1.00 36.26 ? 475 PRO B N   1 
ATOM   911  C CA  . PRO B 2 30  ? -1.890  4.110   16.105  1.00 36.49 ? 475 PRO B CA  1 
ATOM   912  C C   . PRO B 2 30  ? -2.989  4.563   15.158  1.00 35.87 ? 475 PRO B C   1 
ATOM   913  O O   . PRO B 2 30  ? -2.728  5.054   14.059  1.00 34.22 ? 475 PRO B O   1 
ATOM   914  C CB  . PRO B 2 30  ? -1.760  5.051   17.293  1.00 36.49 ? 475 PRO B CB  1 
ATOM   915  C CG  . PRO B 2 30  ? -0.884  6.116   16.732  1.00 36.21 ? 475 PRO B CG  1 
ATOM   916  C CD  . PRO B 2 30  ? 0.193   5.326   16.006  1.00 36.73 ? 475 PRO B CD  1 
ATOM   917  N N   . VAL B 2 31  ? -4.228  4.389   15.599  1.00 36.07 ? 476 VAL B N   1 
ATOM   918  C CA  . VAL B 2 31  ? -5.376  4.820   14.818  1.00 35.47 ? 476 VAL B CA  1 
ATOM   919  C C   . VAL B 2 31  ? -5.501  6.327   14.990  1.00 35.86 ? 476 VAL B C   1 
ATOM   920  O O   . VAL B 2 31  ? -5.628  6.819   16.112  1.00 35.51 ? 476 VAL B O   1 
ATOM   921  C CB  . VAL B 2 31  ? -6.674  4.182   15.319  1.00 34.31 ? 476 VAL B CB  1 
ATOM   922  C CG1 . VAL B 2 31  ? -7.856  4.775   14.565  1.00 34.15 ? 476 VAL B CG1 1 
ATOM   923  C CG2 . VAL B 2 31  ? -6.625  2.679   15.136  1.00 36.03 ? 476 VAL B CG2 1 
ATOM   924  N N   . PRO B 2 32  ? -5.451  7.082   13.881  1.00 36.60 ? 477 PRO B N   1 
ATOM   925  C CA  . PRO B 2 32  ? -5.567  8.540   13.968  1.00 36.96 ? 477 PRO B CA  1 
ATOM   926  C C   . PRO B 2 32  ? -6.866  8.907   14.679  1.00 38.00 ? 477 PRO B C   1 
ATOM   927  O O   . PRO B 2 32  ? -7.882  8.240   14.484  1.00 37.83 ? 477 PRO B O   1 
ATOM   928  C CB  . PRO B 2 32  ? -5.569  8.973   12.504  1.00 37.41 ? 477 PRO B CB  1 
ATOM   929  C CG  . PRO B 2 32  ? -4.723  7.920   11.842  1.00 36.81 ? 477 PRO B CG  1 
ATOM   930  C CD  . PRO B 2 32  ? -5.224  6.650   12.489  1.00 35.18 ? 477 PRO B CD  1 
ATOM   931  N N   . ASP B 2 33  ? -6.839  9.956   15.500  1.00 39.08 ? 478 ASP B N   1 
ATOM   932  C CA  . ASP B 2 33  ? -8.039  10.371  16.221  1.00 39.00 ? 478 ASP B CA  1 
ATOM   933  C C   . ASP B 2 33  ? -9.144  10.861  15.294  1.00 37.86 ? 478 ASP B C   1 
ATOM   934  O O   . ASP B 2 33  ? -10.324 10.608  15.541  1.00 36.94 ? 478 ASP B O   1 
ATOM   935  C CB  . ASP B 2 33  ? -7.716  11.451  17.267  1.00 41.28 ? 478 ASP B CB  1 
ATOM   936  C CG  . ASP B 2 33  ? -6.700  12.464  16.780  1.00 43.57 ? 478 ASP B CG  1 
ATOM   937  O OD1 . ASP B 2 33  ? -6.740  12.854  15.592  1.00 44.53 ? 478 ASP B OD1 1 
ATOM   938  O OD2 . ASP B 2 33  ? -5.866  12.885  17.607  1.00 46.35 ? 478 ASP B OD2 1 
ATOM   939  N N   . ARG B 2 34  ? -8.768  11.552  14.224  1.00 37.27 ? 479 ARG B N   1 
ATOM   940  C CA  . ARG B 2 34  ? -9.762  12.044  13.282  1.00 36.96 ? 479 ARG B CA  1 
ATOM   941  C C   . ARG B 2 34  ? -10.464 10.875  12.596  1.00 36.23 ? 479 ARG B C   1 
ATOM   942  O O   . ARG B 2 34  ? -11.620 10.987  12.196  1.00 35.25 ? 479 ARG B O   1 
ATOM   943  C CB  . ARG B 2 34  ? -9.111  12.953  12.234  1.00 39.55 ? 479 ARG B CB  1 
ATOM   944  C CG  . ARG B 2 34  ? -8.574  14.270  12.791  1.00 43.63 ? 479 ARG B CG  1 
ATOM   945  C CD  . ARG B 2 34  ? -8.391  15.300  11.681  1.00 48.39 ? 479 ARG B CD  1 
ATOM   946  N NE  . ARG B 2 34  ? -7.415  14.865  10.687  1.00 51.25 ? 479 ARG B NE  1 
ATOM   947  C CZ  . ARG B 2 34  ? -6.097  14.931  10.855  1.00 54.87 ? 479 ARG B CZ  1 
ATOM   948  N NH1 . ARG B 2 34  ? -5.594  15.424  11.980  1.00 54.66 ? 479 ARG B NH1 1 
ATOM   949  N NH2 . ARG B 2 34  ? -5.279  14.494  9.906   1.00 57.82 ? 479 ARG B NH2 1 
ATOM   950  N N   . ILE B 2 35  ? -9.767  9.747   12.470  1.00 36.76 ? 480 ILE B N   1 
ATOM   951  C CA  . ILE B 2 35  ? -10.351 8.566   11.836  1.00 36.30 ? 480 ILE B CA  1 
ATOM   952  C C   . ILE B 2 35  ? -11.304 7.881   12.811  1.00 38.04 ? 480 ILE B C   1 
ATOM   953  O O   . ILE B 2 35  ? -12.378 7.409   12.420  1.00 37.73 ? 480 ILE B O   1 
ATOM   954  C CB  . ILE B 2 35  ? -9.256  7.564   11.378  1.00 37.10 ? 480 ILE B CB  1 
ATOM   955  C CG1 . ILE B 2 35  ? -8.662  8.021   10.043  1.00 36.45 ? 480 ILE B CG1 1 
ATOM   956  C CG2 . ILE B 2 35  ? -9.849  6.170   11.196  1.00 34.78 ? 480 ILE B CG2 1 
ATOM   957  C CD1 . ILE B 2 35  ? -8.117  9.411   10.058  1.00 40.31 ? 480 ILE B CD1 1 
ATOM   958  N N   . ALA B 2 36  ? -10.912 7.832   14.081  1.00 37.98 ? 481 ALA B N   1 
ATOM   959  C CA  . ALA B 2 36  ? -11.752 7.222   15.103  1.00 39.64 ? 481 ALA B CA  1 
ATOM   960  C C   . ALA B 2 36  ? -13.070 7.985   15.187  1.00 40.21 ? 481 ALA B C   1 
ATOM   961  O O   . ALA B 2 36  ? -14.134 7.386   15.301  1.00 40.70 ? 481 ALA B O   1 
ATOM   962  C CB  . ALA B 2 36  ? -11.040 7.247   16.449  1.00 38.06 ? 481 ALA B CB  1 
ATOM   963  N N   . ASN B 2 37  ? -12.995 9.310   15.118  1.00 41.23 ? 482 ASN B N   1 
ATOM   964  C CA  . ASN B 2 37  ? -14.193 10.131  15.189  1.00 43.56 ? 482 ASN B CA  1 
ATOM   965  C C   . ASN B 2 37  ? -15.160 9.833   14.053  1.00 45.33 ? 482 ASN B C   1 
ATOM   966  O O   . ASN B 2 37  ? -16.352 10.120  14.150  1.00 47.10 ? 482 ASN B O   1 
ATOM   967  C CB  . ASN B 2 37  ? -13.824 11.615  15.172  1.00 43.30 ? 482 ASN B CB  1 
ATOM   968  C CG  . ASN B 2 37  ? -13.005 12.022  16.378  1.00 44.45 ? 482 ASN B CG  1 
ATOM   969  O OD1 . ASN B 2 37  ? -13.252 11.558  17.491  1.00 44.94 ? 482 ASN B OD1 1 
ATOM   970  N ND2 . ASN B 2 37  ? -12.034 12.907  16.169  1.00 44.53 ? 482 ASN B ND2 1 
ATOM   971  N N   . LYS B 2 38  ? -14.647 9.258   12.973  1.00 47.57 ? 483 LYS B N   1 
ATOM   972  C CA  . LYS B 2 38  ? -15.479 8.929   11.822  1.00 48.88 ? 483 LYS B CA  1 
ATOM   973  C C   . LYS B 2 38  ? -16.050 7.518   11.901  1.00 48.90 ? 483 LYS B C   1 
ATOM   974  O O   . LYS B 2 38  ? -17.073 7.221   11.291  1.00 49.50 ? 483 LYS B O   1 
ATOM   975  C CB  . LYS B 2 38  ? -14.671 9.079   10.525  1.00 50.42 ? 483 LYS B CB  1 
ATOM   976  C CG  . LYS B 2 38  ? -14.147 10.487  10.270  1.00 52.62 ? 483 LYS B CG  1 
ATOM   977  C CD  . LYS B 2 38  ? -15.279 11.482  10.043  1.00 55.68 ? 483 LYS B CD  1 
ATOM   978  C CE  . LYS B 2 38  ? -16.042 11.174  8.757   1.00 57.30 ? 483 LYS B CE  1 
ATOM   979  N NZ  . LYS B 2 38  ? -17.133 12.157  8.494   1.00 59.48 ? 483 LYS B NZ  1 
ATOM   980  N N   . LEU B 2 39  ? -15.394 6.652   12.666  1.00 49.04 ? 484 LEU B N   1 
ATOM   981  C CA  . LEU B 2 39  ? -15.830 5.268   12.780  1.00 49.11 ? 484 LEU B CA  1 
ATOM   982  C C   . LEU B 2 39  ? -16.523 4.939   14.094  1.00 50.62 ? 484 LEU B C   1 
ATOM   983  O O   . LEU B 2 39  ? -17.259 3.954   14.177  1.00 50.77 ? 484 LEU B O   1 
ATOM   984  C CB  . LEU B 2 39  ? -14.629 4.342   12.611  1.00 48.20 ? 484 LEU B CB  1 
ATOM   985  C CG  . LEU B 2 39  ? -13.723 4.624   11.412  1.00 48.41 ? 484 LEU B CG  1 
ATOM   986  C CD1 . LEU B 2 39  ? -12.569 3.638   11.417  1.00 47.82 ? 484 LEU B CD1 1 
ATOM   987  C CD2 . LEU B 2 39  ? -14.513 4.519   10.119  1.00 47.38 ? 484 LEU B CD2 1 
ATOM   988  N N   . ARG B 2 40  ? -16.286 5.755   15.117  1.00 50.85 ? 485 ARG B N   1 
ATOM   989  C CA  . ARG B 2 40  ? -16.876 5.523   16.431  1.00 53.34 ? 485 ARG B CA  1 
ATOM   990  C C   . ARG B 2 40  ? -18.385 5.276   16.405  1.00 54.82 ? 485 ARG B C   1 
ATOM   991  O O   . ARG B 2 40  ? -19.120 5.891   15.629  1.00 55.21 ? 485 ARG B O   1 
ATOM   992  C CB  . ARG B 2 40  ? -16.566 6.698   17.362  1.00 51.91 ? 485 ARG B CB  1 
ATOM   993  C CG  . ARG B 2 40  ? -16.992 6.455   18.795  1.00 51.72 ? 485 ARG B CG  1 
ATOM   994  C CD  . ARG B 2 40  ? -16.553 7.589   19.704  1.00 51.11 ? 485 ARG B CD  1 
ATOM   995  N NE  . ARG B 2 40  ? -15.110 7.800   19.646  1.00 51.18 ? 485 ARG B NE  1 
ATOM   996  C CZ  . ARG B 2 40  ? -14.531 8.856   19.084  1.00 50.91 ? 485 ARG B CZ  1 
ATOM   997  N NH1 . ARG B 2 40  ? -15.273 9.806   18.532  1.00 50.03 ? 485 ARG B NH1 1 
ATOM   998  N NH2 . ARG B 2 40  ? -13.207 8.956   19.061  1.00 49.23 ? 485 ARG B NH2 1 
ATOM   999  N N   . ASP B 2 41  ? -18.828 4.358   17.260  1.00 56.55 ? 486 ASP B N   1 
ATOM   1000 C CA  . ASP B 2 41  ? -20.237 4.004   17.390  1.00 58.31 ? 486 ASP B CA  1 
ATOM   1001 C C   . ASP B 2 41  ? -20.839 3.308   16.175  1.00 58.88 ? 486 ASP B C   1 
ATOM   1002 O O   . ASP B 2 41  ? -21.920 2.727   16.266  1.00 59.39 ? 486 ASP B O   1 
ATOM   1003 C CB  . ASP B 2 41  ? -21.073 5.245   17.729  1.00 58.74 ? 486 ASP B CB  1 
ATOM   1004 C CG  . ASP B 2 41  ? -20.676 5.873   19.050  1.00 59.78 ? 486 ASP B CG  1 
ATOM   1005 O OD1 . ASP B 2 41  ? -20.413 5.117   20.013  1.00 59.32 ? 486 ASP B OD1 1 
ATOM   1006 O OD2 . ASP B 2 41  ? -20.643 7.122   19.133  1.00 61.71 ? 486 ASP B OD2 1 
ATOM   1007 N N   . LYS B 2 42  ? -20.154 3.366   15.038  1.00 59.04 ? 487 LYS B N   1 
ATOM   1008 C CA  . LYS B 2 42  ? -20.660 2.721   13.830  1.00 59.47 ? 487 LYS B CA  1 
ATOM   1009 C C   . LYS B 2 42  ? -20.575 1.200   13.936  1.00 58.58 ? 487 LYS B C   1 
ATOM   1010 O O   . LYS B 2 42  ? -19.664 0.663   14.562  1.00 57.83 ? 487 LYS B O   1 
ATOM   1011 C CB  . LYS B 2 42  ? -19.883 3.204   12.604  1.00 60.36 ? 487 LYS B CB  1 
ATOM   1012 C CG  . LYS B 2 42  ? -20.192 4.638   12.222  1.00 62.08 ? 487 LYS B CG  1 
ATOM   1013 C CD  . LYS B 2 42  ? -19.402 5.069   10.999  1.00 65.26 ? 487 LYS B CD  1 
ATOM   1014 C CE  . LYS B 2 42  ? -19.829 6.455   10.525  1.00 66.74 ? 487 LYS B CE  1 
ATOM   1015 N NZ  . LYS B 2 42  ? -21.271 6.502   10.139  1.00 67.20 ? 487 LYS B NZ  1 
ATOM   1016 N N   . GLU B 2 43  ? -21.532 0.509   13.324  1.00 58.95 ? 488 GLU B N   1 
ATOM   1017 C CA  . GLU B 2 43  ? -21.565 -0.948  13.360  1.00 58.80 ? 488 GLU B CA  1 
ATOM   1018 C C   . GLU B 2 43  ? -20.897 -1.564  12.133  1.00 57.49 ? 488 GLU B C   1 
ATOM   1019 O O   . GLU B 2 43  ? -20.906 -0.981  11.051  1.00 57.19 ? 488 GLU B O   1 
ATOM   1020 C CB  . GLU B 2 43  ? -23.013 -1.433  13.462  1.00 61.64 ? 488 GLU B CB  1 
ATOM   1021 C CG  . GLU B 2 43  ? -23.881 -1.044  12.275  1.00 64.75 ? 488 GLU B CG  1 
ATOM   1022 C CD  . GLU B 2 43  ? -25.327 -1.472  12.445  1.00 67.18 ? 488 GLU B CD  1 
ATOM   1023 O OE1 . GLU B 2 43  ? -25.570 -2.682  12.659  1.00 67.60 ? 488 GLU B OE1 1 
ATOM   1024 O OE2 . GLU B 2 43  ? -26.218 -0.596  12.359  1.00 68.50 ? 488 GLU B OE2 1 
ATOM   1025 N N   . PHE B 2 44  ? -20.323 -2.751  12.316  1.00 56.34 ? 489 PHE B N   1 
ATOM   1026 C CA  . PHE B 2 44  ? -19.635 -3.471  11.247  1.00 55.69 ? 489 PHE B CA  1 
ATOM   1027 C C   . PHE B 2 44  ? -20.009 -4.951  11.251  1.00 55.85 ? 489 PHE B C   1 
ATOM   1028 O O   . PHE B 2 44  ? -20.227 -5.537  12.313  1.00 56.53 ? 489 PHE B O   1 
ATOM   1029 C CB  . PHE B 2 44  ? -18.123 -3.316  11.419  1.00 54.69 ? 489 PHE B CB  1 
ATOM   1030 C CG  . PHE B 2 44  ? -17.640 -1.912  11.220  1.00 54.79 ? 489 PHE B CG  1 
ATOM   1031 C CD1 . PHE B 2 44  ? -17.370 -1.434  9.942   1.00 54.30 ? 489 PHE B CD1 1 
ATOM   1032 C CD2 . PHE B 2 44  ? -17.510 -1.047  12.300  1.00 53.89 ? 489 PHE B CD2 1 
ATOM   1033 C CE1 . PHE B 2 44  ? -16.985 -0.111  9.741   1.00 53.86 ? 489 PHE B CE1 1 
ATOM   1034 C CE2 . PHE B 2 44  ? -17.124 0.281   12.108  1.00 54.57 ? 489 PHE B CE2 1 
ATOM   1035 C CZ  . PHE B 2 44  ? -16.860 0.749   10.826  1.00 53.19 ? 489 PHE B CZ  1 
ATOM   1036 N N   . LYS B 2 45  ? -20.075 -5.551  10.064  1.00 55.15 ? 490 LYS B N   1 
ATOM   1037 C CA  . LYS B 2 45  ? -20.430 -6.966  9.931   1.00 54.57 ? 490 LYS B CA  1 
ATOM   1038 C C   . LYS B 2 45  ? -19.279 -7.873  10.351  1.00 53.56 ? 490 LYS B C   1 
ATOM   1039 O O   . LYS B 2 45  ? -19.487 -9.035  10.712  1.00 53.06 ? 490 LYS B O   1 
ATOM   1040 C CB  . LYS B 2 45  ? -20.816 -7.300  8.483   1.00 56.10 ? 490 LYS B CB  1 
ATOM   1041 C CG  . LYS B 2 45  ? -21.990 -6.513  7.916   1.00 58.46 ? 490 LYS B CG  1 
ATOM   1042 C CD  . LYS B 2 45  ? -21.586 -5.099  7.527   1.00 61.33 ? 490 LYS B CD  1 
ATOM   1043 C CE  . LYS B 2 45  ? -22.711 -4.375  6.788   1.00 62.22 ? 490 LYS B CE  1 
ATOM   1044 N NZ  . LYS B 2 45  ? -23.944 -4.238  7.621   1.00 63.13 ? 490 LYS B NZ  1 
ATOM   1045 N N   . SER B 2 46  ? -18.064 -7.340  10.295  1.00 51.60 ? 491 SER B N   1 
ATOM   1046 C CA  . SER B 2 46  ? -16.878 -8.104  10.659  1.00 49.74 ? 491 SER B CA  1 
ATOM   1047 C C   . SER B 2 46  ? -15.661 -7.196  10.675  1.00 49.21 ? 491 SER B C   1 
ATOM   1048 O O   . SER B 2 46  ? -15.751 -6.029  10.292  1.00 48.95 ? 491 SER B O   1 
ATOM   1049 C CB  . SER B 2 46  ? -16.653 -9.231  9.654   1.00 49.26 ? 491 SER B CB  1 
ATOM   1050 O OG  . SER B 2 46  ? -16.496 -8.715  8.347   1.00 46.68 ? 491 SER B OG  1 
ATOM   1051 N N   . PHE B 2 47  ? -14.522 -7.733  11.107  1.00 48.29 ? 492 PHE B N   1 
ATOM   1052 C CA  . PHE B 2 47  ? -13.297 -6.945  11.158  1.00 48.24 ? 492 PHE B CA  1 
ATOM   1053 C C   . PHE B 2 47  ? -12.830 -6.589  9.756   1.00 48.46 ? 492 PHE B C   1 
ATOM   1054 O O   . PHE B 2 47  ? -12.213 -5.546  9.547   1.00 48.21 ? 492 PHE B O   1 
ATOM   1055 C CB  . PHE B 2 47  ? -12.184 -7.705  11.862  1.00 46.93 ? 492 PHE B CB  1 
ATOM   1056 C CG  . PHE B 2 47  ? -10.965 -6.873  12.107  1.00 47.34 ? 492 PHE B CG  1 
ATOM   1057 C CD1 . PHE B 2 47  ? -10.996 -5.847  13.045  1.00 47.14 ? 492 PHE B CD1 1 
ATOM   1058 C CD2 . PHE B 2 47  ? -9.797  -7.089  11.383  1.00 46.82 ? 492 PHE B CD2 1 
ATOM   1059 C CE1 . PHE B 2 47  ? -9.877  -5.040  13.258  1.00 48.09 ? 492 PHE B CE1 1 
ATOM   1060 C CE2 . PHE B 2 47  ? -8.669  -6.290  11.585  1.00 47.42 ? 492 PHE B CE2 1 
ATOM   1061 C CZ  . PHE B 2 47  ? -8.709  -5.263  12.528  1.00 48.25 ? 492 PHE B CZ  1 
ATOM   1062 N N   . ASP B 2 48  ? -13.117 -7.465  8.797   1.00 48.43 ? 493 ASP B N   1 
ATOM   1063 C CA  . ASP B 2 48  ? -12.732 -7.216  7.416   1.00 48.99 ? 493 ASP B CA  1 
ATOM   1064 C C   . ASP B 2 48  ? -13.501 -6.014  6.878   1.00 46.50 ? 493 ASP B C   1 
ATOM   1065 O O   . ASP B 2 48  ? -12.946 -5.179  6.170   1.00 45.61 ? 493 ASP B O   1 
ATOM   1066 C CB  . ASP B 2 48  ? -12.994 -8.459  6.559   1.00 53.59 ? 493 ASP B CB  1 
ATOM   1067 C CG  . ASP B 2 48  ? -12.021 -9.590  6.868   1.00 58.12 ? 493 ASP B CG  1 
ATOM   1068 O OD1 . ASP B 2 48  ? -10.803 -9.403  6.658   1.00 61.42 ? 493 ASP B OD1 1 
ATOM   1069 O OD2 . ASP B 2 48  ? -12.469 -10.667 7.323   1.00 61.60 ? 493 ASP B OD2 1 
ATOM   1070 N N   . ASP B 2 49  ? -14.781 -5.934  7.221   1.00 43.77 ? 494 ASP B N   1 
ATOM   1071 C CA  . ASP B 2 49  ? -15.615 -4.819  6.798   1.00 41.55 ? 494 ASP B CA  1 
ATOM   1072 C C   . ASP B 2 49  ? -15.073 -3.556  7.482   1.00 40.18 ? 494 ASP B C   1 
ATOM   1073 O O   . ASP B 2 49  ? -15.104 -2.466  6.913   1.00 36.84 ? 494 ASP B O   1 
ATOM   1074 C CB  . ASP B 2 49  ? -17.075 -5.087  7.195   1.00 43.62 ? 494 ASP B CB  1 
ATOM   1075 C CG  . ASP B 2 49  ? -18.006 -3.922  6.881   1.00 43.90 ? 494 ASP B CG  1 
ATOM   1076 O OD1 . ASP B 2 49  ? -17.946 -3.381  5.759   1.00 44.83 ? 494 ASP B OD1 1 
ATOM   1077 O OD2 . ASP B 2 49  ? -18.820 -3.560  7.755   1.00 44.56 ? 494 ASP B OD2 1 
ATOM   1078 N N   . PHE B 2 50  ? -14.563 -3.720  8.702   1.00 38.96 ? 495 PHE B N   1 
ATOM   1079 C CA  . PHE B 2 50  ? -13.994 -2.608  9.462   1.00 38.60 ? 495 PHE B CA  1 
ATOM   1080 C C   . PHE B 2 50  ? -12.731 -2.107  8.770   1.00 37.67 ? 495 PHE B C   1 
ATOM   1081 O O   . PHE B 2 50  ? -12.544 -0.907  8.586   1.00 37.84 ? 495 PHE B O   1 
ATOM   1082 C CB  . PHE B 2 50  ? -13.630 -3.051  10.884  1.00 38.30 ? 495 PHE B CB  1 
ATOM   1083 C CG  . PHE B 2 50  ? -12.923 -1.987  11.682  1.00 37.74 ? 495 PHE B CG  1 
ATOM   1084 C CD1 . PHE B 2 50  ? -13.631 -0.920  12.221  1.00 38.89 ? 495 PHE B CD1 1 
ATOM   1085 C CD2 . PHE B 2 50  ? -11.540 -2.022  11.847  1.00 37.87 ? 495 PHE B CD2 1 
ATOM   1086 C CE1 . PHE B 2 50  ? -12.975 0.103   12.907  1.00 39.37 ? 495 PHE B CE1 1 
ATOM   1087 C CE2 . PHE B 2 50  ? -10.873 -1.004  12.530  1.00 38.26 ? 495 PHE B CE2 1 
ATOM   1088 C CZ  . PHE B 2 50  ? -11.592 0.058   13.061  1.00 37.73 ? 495 PHE B CZ  1 
ATOM   1089 N N   . ARG B 2 51  ? -11.863 -3.044  8.406   1.00 38.34 ? 496 ARG B N   1 
ATOM   1090 C CA  . ARG B 2 51  ? -10.607 -2.725  7.739   1.00 38.95 ? 496 ARG B CA  1 
ATOM   1091 C C   . ARG B 2 51  ? -10.843 -1.963  6.438   1.00 38.29 ? 496 ARG B C   1 
ATOM   1092 O O   . ARG B 2 51  ? -10.117 -1.023  6.124   1.00 36.69 ? 496 ARG B O   1 
ATOM   1093 C CB  . ARG B 2 51  ? -9.824  -4.010  7.465   1.00 39.36 ? 496 ARG B CB  1 
ATOM   1094 C CG  . ARG B 2 51  ? -8.580  -3.825  6.616   1.00 43.55 ? 496 ARG B CG  1 
ATOM   1095 C CD  . ARG B 2 51  ? -7.440  -4.726  7.082   1.00 47.43 ? 496 ARG B CD  1 
ATOM   1096 N NE  . ARG B 2 51  ? -7.827  -6.133  7.159   1.00 50.70 ? 496 ARG B NE  1 
ATOM   1097 C CZ  . ARG B 2 51  ? -7.038  -7.094  7.631   1.00 51.35 ? 496 ARG B CZ  1 
ATOM   1098 N NH1 . ARG B 2 51  ? -5.813  -6.803  8.071   1.00 49.43 ? 496 ARG B NH1 1 
ATOM   1099 N NH2 . ARG B 2 51  ? -7.476  -8.347  7.671   1.00 52.04 ? 496 ARG B NH2 1 
ATOM   1100 N N   . LYS B 2 52  ? -11.862 -2.373  5.687   1.00 38.05 ? 497 LYS B N   1 
ATOM   1101 C CA  . LYS B 2 52  ? -12.188 -1.721  4.425   1.00 38.25 ? 497 LYS B CA  1 
ATOM   1102 C C   . LYS B 2 52  ? -12.686 -0.300  4.663   1.00 37.30 ? 497 LYS B C   1 
ATOM   1103 O O   . LYS B 2 52  ? -12.350 0.626   3.921   1.00 36.92 ? 497 LYS B O   1 
ATOM   1104 C CB  . LYS B 2 52  ? -13.247 -2.535  3.672   1.00 39.85 ? 497 LYS B CB  1 
ATOM   1105 C CG  . LYS B 2 52  ? -13.724 -1.897  2.377   1.00 45.44 ? 497 LYS B CG  1 
ATOM   1106 C CD  . LYS B 2 52  ? -14.561 -2.865  1.547   1.00 46.64 ? 497 LYS B CD  1 
ATOM   1107 C CE  . LYS B 2 52  ? -15.245 -2.148  0.386   1.00 48.66 ? 497 LYS B CE  1 
ATOM   1108 N NZ  . LYS B 2 52  ? -16.198 -1.102  0.868   1.00 49.01 ? 497 LYS B NZ  1 
ATOM   1109 N N   . LYS B 2 53  ? -13.488 -0.128  5.704   1.00 36.34 ? 498 LYS B N   1 
ATOM   1110 C CA  . LYS B 2 53  ? -14.023 1.185   6.038   1.00 36.32 ? 498 LYS B CA  1 
ATOM   1111 C C   . LYS B 2 53  ? -12.885 2.062   6.582   1.00 34.37 ? 498 LYS B C   1 
ATOM   1112 O O   . LYS B 2 53  ? -12.847 3.268   6.330   1.00 33.39 ? 498 LYS B O   1 
ATOM   1113 C CB  . LYS B 2 53  ? -15.132 1.043   7.084   1.00 39.55 ? 498 LYS B CB  1 
ATOM   1114 C CG  . LYS B 2 53  ? -16.351 1.929   6.852   1.00 45.53 ? 498 LYS B CG  1 
ATOM   1115 C CD  . LYS B 2 53  ? -16.016 3.407   6.997   1.00 48.71 ? 498 LYS B CD  1 
ATOM   1116 C CE  . LYS B 2 53  ? -16.057 4.123   5.650   1.00 51.23 ? 498 LYS B CE  1 
ATOM   1117 N NZ  . LYS B 2 53  ? -17.407 4.024   5.005   1.00 51.32 ? 498 LYS B NZ  1 
ATOM   1118 N N   . PHE B 2 54  ? -11.956 1.448   7.315   1.00 31.50 ? 499 PHE B N   1 
ATOM   1119 C CA  . PHE B 2 54  ? -10.824 2.171   7.885   1.00 30.18 ? 499 PHE B CA  1 
ATOM   1120 C C   . PHE B 2 54  ? -9.993  2.846   6.796   1.00 30.07 ? 499 PHE B C   1 
ATOM   1121 O O   . PHE B 2 54  ? -9.833  4.065   6.796   1.00 28.16 ? 499 PHE B O   1 
ATOM   1122 C CB  . PHE B 2 54  ? -9.928  1.222   8.685   1.00 29.44 ? 499 PHE B CB  1 
ATOM   1123 C CG  . PHE B 2 54  ? -8.666  1.871   9.227   1.00 29.51 ? 499 PHE B CG  1 
ATOM   1124 C CD1 . PHE B 2 54  ? -8.729  2.797   10.271  1.00 28.69 ? 499 PHE B CD1 1 
ATOM   1125 C CD2 . PHE B 2 54  ? -7.417  1.549   8.693   1.00 28.31 ? 499 PHE B CD2 1 
ATOM   1126 C CE1 . PHE B 2 54  ? -7.569  3.392   10.780  1.00 28.97 ? 499 PHE B CE1 1 
ATOM   1127 C CE2 . PHE B 2 54  ? -6.243  2.135   9.188   1.00 30.39 ? 499 PHE B CE2 1 
ATOM   1128 C CZ  . PHE B 2 54  ? -6.321  3.065   10.241  1.00 27.16 ? 499 PHE B CZ  1 
ATOM   1129 N N   . TRP B 2 55  ? -9.471  2.055   5.864   1.00 28.43 ? 500 TRP B N   1 
ATOM   1130 C CA  . TRP B 2 55  ? -8.646  2.615   4.803   1.00 27.48 ? 500 TRP B CA  1 
ATOM   1131 C C   . TRP B 2 55  ? -9.398  3.626   3.928   1.00 27.03 ? 500 TRP B C   1 
ATOM   1132 O O   . TRP B 2 55  ? -8.803  4.600   3.441   1.00 23.53 ? 500 TRP B O   1 
ATOM   1133 C CB  . TRP B 2 55  ? -8.026  1.480   3.974   1.00 24.67 ? 500 TRP B CB  1 
ATOM   1134 C CG  . TRP B 2 55  ? -7.020  0.683   4.772   1.00 25.51 ? 500 TRP B CG  1 
ATOM   1135 C CD1 . TRP B 2 55  ? -7.111  -0.629  5.136   1.00 24.87 ? 500 TRP B CD1 1 
ATOM   1136 C CD2 . TRP B 2 55  ? -5.790  1.169   5.333   1.00 25.76 ? 500 TRP B CD2 1 
ATOM   1137 N NE1 . TRP B 2 55  ? -6.017  -0.990  5.894   1.00 27.67 ? 500 TRP B NE1 1 
ATOM   1138 C CE2 . TRP B 2 55  ? -5.194  0.094   6.031   1.00 25.76 ? 500 TRP B CE2 1 
ATOM   1139 C CE3 . TRP B 2 55  ? -5.143  2.412   5.324   1.00 22.97 ? 500 TRP B CE3 1 
ATOM   1140 C CZ2 . TRP B 2 55  ? -3.968  0.221   6.698   1.00 25.85 ? 500 TRP B CZ2 1 
ATOM   1141 C CZ3 . TRP B 2 55  ? -3.925  2.537   5.994   1.00 23.32 ? 500 TRP B CZ3 1 
ATOM   1142 C CH2 . TRP B 2 55  ? -3.355  1.446   6.673   1.00 24.50 ? 500 TRP B CH2 1 
ATOM   1143 N N   . GLU B 2 56  ? -10.702 3.424   3.746   1.00 26.95 ? 501 GLU B N   1 
ATOM   1144 C CA  . GLU B 2 56  ? -11.490 4.367   2.954   1.00 28.29 ? 501 GLU B CA  1 
ATOM   1145 C C   . GLU B 2 56  ? -11.510 5.726   3.660   1.00 28.45 ? 501 GLU B C   1 
ATOM   1146 O O   . GLU B 2 56  ? -11.419 6.773   3.011   1.00 26.91 ? 501 GLU B O   1 
ATOM   1147 C CB  . GLU B 2 56  ? -12.923 3.844   2.740   1.00 30.03 ? 501 GLU B CB  1 
ATOM   1148 C CG  . GLU B 2 56  ? -13.032 2.819   1.610   1.00 31.14 ? 501 GLU B CG  1 
ATOM   1149 C CD  . GLU B 2 56  ? -14.394 2.149   1.529   1.00 35.52 ? 501 GLU B CD  1 
ATOM   1150 O OE1 . GLU B 2 56  ? -15.427 2.827   1.699   1.00 39.96 ? 501 GLU B OE1 1 
ATOM   1151 O OE2 . GLU B 2 56  ? -14.436 0.933   1.263   1.00 40.11 ? 501 GLU B OE2 1 
ATOM   1152 N N   . GLU B 2 57  ? -11.601 5.720   4.987   1.00 29.95 ? 502 GLU B N   1 
ATOM   1153 C CA  . GLU B 2 57  ? -11.619 6.985   5.727   1.00 31.82 ? 502 GLU B CA  1 
ATOM   1154 C C   . GLU B 2 57  ? -10.270 7.678   5.625   1.00 29.80 ? 502 GLU B C   1 
ATOM   1155 O O   . GLU B 2 57  ? -10.185 8.907   5.620   1.00 29.41 ? 502 GLU B O   1 
ATOM   1156 C CB  . GLU B 2 57  ? -11.961 6.766   7.205   1.00 34.23 ? 502 GLU B CB  1 
ATOM   1157 C CG  . GLU B 2 57  ? -13.445 6.574   7.508   1.00 36.74 ? 502 GLU B CG  1 
ATOM   1158 C CD  . GLU B 2 57  ? -14.313 7.703   6.971   1.00 37.29 ? 502 GLU B CD  1 
ATOM   1159 O OE1 . GLU B 2 57  ? -13.920 8.883   7.077   1.00 38.92 ? 502 GLU B OE1 1 
ATOM   1160 O OE2 . GLU B 2 57  ? -15.408 7.411   6.457   1.00 41.04 ? 502 GLU B OE2 1 
ATOM   1161 N N   . VAL B 2 58  ? -9.212  6.880   5.549   1.00 28.53 ? 503 VAL B N   1 
ATOM   1162 C CA  . VAL B 2 58  ? -7.871  7.424   5.426   1.00 27.69 ? 503 VAL B CA  1 
ATOM   1163 C C   . VAL B 2 58  ? -7.752  8.164   4.095   1.00 27.91 ? 503 VAL B C   1 
ATOM   1164 O O   . VAL B 2 58  ? -7.168  9.249   4.027   1.00 26.18 ? 503 VAL B O   1 
ATOM   1165 C CB  . VAL B 2 58  ? -6.819  6.302   5.499   1.00 28.01 ? 503 VAL B CB  1 
ATOM   1166 C CG1 . VAL B 2 58  ? -5.416  6.861   5.266   1.00 25.70 ? 503 VAL B CG1 1 
ATOM   1167 C CG2 . VAL B 2 58  ? -6.895  5.637   6.851   1.00 30.11 ? 503 VAL B CG2 1 
ATOM   1168 N N   . SER B 2 59  ? -8.331  7.589   3.042   1.00 27.99 ? 504 SER B N   1 
ATOM   1169 C CA  . SER B 2 59  ? -8.270  8.209   1.727   1.00 29.25 ? 504 SER B CA  1 
ATOM   1170 C C   . SER B 2 59  ? -9.046  9.511   1.658   1.00 29.44 ? 504 SER B C   1 
ATOM   1171 O O   . SER B 2 59  ? -8.748  10.358  0.825   1.00 31.24 ? 504 SER B O   1 
ATOM   1172 C CB  . SER B 2 59  ? -8.782  7.246   0.645   1.00 28.70 ? 504 SER B CB  1 
ATOM   1173 O OG  . SER B 2 59  ? -10.206 7.197   0.622   1.00 30.03 ? 504 SER B OG  1 
ATOM   1174 N N   . LYS B 2 60  ? -10.038 9.678   2.527   1.00 30.63 ? 505 LYS B N   1 
ATOM   1175 C CA  . LYS B 2 60  ? -10.839 10.903  2.522   1.00 33.30 ? 505 LYS B CA  1 
ATOM   1176 C C   . LYS B 2 60  ? -10.298 12.001  3.433   1.00 32.97 ? 505 LYS B C   1 
ATOM   1177 O O   . LYS B 2 60  ? -10.724 13.148  3.345   1.00 34.22 ? 505 LYS B O   1 
ATOM   1178 C CB  . LYS B 2 60  ? -12.294 10.598  2.905   1.00 34.51 ? 505 LYS B CB  1 
ATOM   1179 C CG  . LYS B 2 60  ? -13.048 9.808   1.849   1.00 37.35 ? 505 LYS B CG  1 
ATOM   1180 C CD  . LYS B 2 60  ? -14.505 9.618   2.224   1.00 40.60 ? 505 LYS B CD  1 
ATOM   1181 C CE  . LYS B 2 60  ? -14.657 8.699   3.417   1.00 42.57 ? 505 LYS B CE  1 
ATOM   1182 N NZ  . LYS B 2 60  ? -16.094 8.524   3.792   1.00 46.44 ? 505 LYS B NZ  1 
ATOM   1183 N N   . ASP B 2 61  ? -9.367  11.648  4.310   1.00 33.54 ? 506 ASP B N   1 
ATOM   1184 C CA  . ASP B 2 61  ? -8.783  12.626  5.219   1.00 33.69 ? 506 ASP B CA  1 
ATOM   1185 C C   . ASP B 2 61  ? -7.633  13.342  4.511   1.00 33.86 ? 506 ASP B C   1 
ATOM   1186 O O   . ASP B 2 61  ? -6.580  12.755  4.261   1.00 32.79 ? 506 ASP B O   1 
ATOM   1187 C CB  . ASP B 2 61  ? -8.264  11.939  6.479   1.00 33.23 ? 506 ASP B CB  1 
ATOM   1188 C CG  . ASP B 2 61  ? -7.979  12.926  7.598   1.00 34.97 ? 506 ASP B CG  1 
ATOM   1189 O OD1 . ASP B 2 61  ? -7.416  13.996  7.305   1.00 35.06 ? 506 ASP B OD1 1 
ATOM   1190 O OD2 . ASP B 2 61  ? -8.311  12.627  8.764   1.00 34.02 ? 506 ASP B OD2 1 
ATOM   1191 N N   . PRO B 2 62  ? -7.818  14.630  4.185   1.00 35.01 ? 507 PRO B N   1 
ATOM   1192 C CA  . PRO B 2 62  ? -6.808  15.438  3.495   1.00 36.00 ? 507 PRO B CA  1 
ATOM   1193 C C   . PRO B 2 62  ? -5.405  15.405  4.089   1.00 37.01 ? 507 PRO B C   1 
ATOM   1194 O O   . PRO B 2 62  ? -4.419  15.326  3.359   1.00 38.23 ? 507 PRO B O   1 
ATOM   1195 C CB  . PRO B 2 62  ? -7.408  16.840  3.537   1.00 37.18 ? 507 PRO B CB  1 
ATOM   1196 C CG  . PRO B 2 62  ? -8.868  16.569  3.466   1.00 35.94 ? 507 PRO B CG  1 
ATOM   1197 C CD  . PRO B 2 62  ? -9.023  15.433  4.453   1.00 36.16 ? 507 PRO B CD  1 
ATOM   1198 N N   . GLU B 2 63  ? -5.314  15.464  5.412   1.00 37.44 ? 508 GLU B N   1 
ATOM   1199 C CA  . GLU B 2 63  ? -4.015  15.469  6.068   1.00 38.91 ? 508 GLU B CA  1 
ATOM   1200 C C   . GLU B 2 63  ? -3.341  14.102  6.084   1.00 37.72 ? 508 GLU B C   1 
ATOM   1201 O O   . GLU B 2 63  ? -2.142  14.003  6.343   1.00 37.15 ? 508 GLU B O   1 
ATOM   1202 C CB  . GLU B 2 63  ? -4.150  16.016  7.489   1.00 41.87 ? 508 GLU B CB  1 
ATOM   1203 C CG  . GLU B 2 63  ? -4.557  17.490  7.540   1.00 46.33 ? 508 GLU B CG  1 
ATOM   1204 C CD  . GLU B 2 63  ? -3.560  18.394  6.828   1.00 50.00 ? 508 GLU B CD  1 
ATOM   1205 O OE1 . GLU B 2 63  ? -2.375  18.407  7.227   1.00 51.10 ? 508 GLU B OE1 1 
ATOM   1206 O OE2 . GLU B 2 63  ? -3.957  19.094  5.870   1.00 54.01 ? 508 GLU B OE2 1 
ATOM   1207 N N   . LEU B 2 64  ? -4.101  13.047  5.809   1.00 35.33 ? 509 LEU B N   1 
ATOM   1208 C CA  . LEU B 2 64  ? -3.526  11.709  5.788   1.00 32.19 ? 509 LEU B CA  1 
ATOM   1209 C C   . LEU B 2 64  ? -3.223  11.221  4.373   1.00 31.63 ? 509 LEU B C   1 
ATOM   1210 O O   . LEU B 2 64  ? -2.141  10.693  4.111   1.00 32.14 ? 509 LEU B O   1 
ATOM   1211 C CB  . LEU B 2 64  ? -4.452  10.712  6.486   1.00 31.42 ? 509 LEU B CB  1 
ATOM   1212 C CG  . LEU B 2 64  ? -4.590  10.844  8.006   1.00 28.02 ? 509 LEU B CG  1 
ATOM   1213 C CD1 . LEU B 2 64  ? -5.390  9.662   8.533   1.00 30.23 ? 509 LEU B CD1 1 
ATOM   1214 C CD2 . LEU B 2 64  ? -3.218  10.868  8.660   1.00 30.39 ? 509 LEU B CD2 1 
ATOM   1215 N N   . SER B 2 65  ? -4.171  11.401  3.460   1.00 31.49 ? 510 SER B N   1 
ATOM   1216 C CA  . SER B 2 65  ? -3.979  10.955  2.078   1.00 32.32 ? 510 SER B CA  1 
ATOM   1217 C C   . SER B 2 65  ? -2.768  11.618  1.423   1.00 31.79 ? 510 SER B C   1 
ATOM   1218 O O   . SER B 2 65  ? -2.122  11.031  0.559   1.00 31.34 ? 510 SER B O   1 
ATOM   1219 C CB  . SER B 2 65  ? -5.234  11.240  1.247   1.00 30.46 ? 510 SER B CB  1 
ATOM   1220 O OG  . SER B 2 65  ? -5.501  12.632  1.208   1.00 32.51 ? 510 SER B OG  1 
ATOM   1221 N N   . LYS B 2 66  ? -2.464  12.844  1.841   1.00 31.37 ? 511 LYS B N   1 
ATOM   1222 C CA  . LYS B 2 66  ? -1.321  13.566  1.291   1.00 31.62 ? 511 LYS B CA  1 
ATOM   1223 C C   . LYS B 2 66  ? -0.003  12.877  1.648   1.00 30.04 ? 511 LYS B C   1 
ATOM   1224 O O   . LYS B 2 66  ? 1.037   13.180  1.076   1.00 28.37 ? 511 LYS B O   1 
ATOM   1225 C CB  . LYS B 2 66  ? -1.311  15.017  1.801   1.00 35.13 ? 511 LYS B CB  1 
ATOM   1226 C CG  . LYS B 2 66  ? -2.355  15.920  1.151   1.00 41.22 ? 511 LYS B CG  1 
ATOM   1227 C CD  . LYS B 2 66  ? -2.310  17.348  1.703   1.00 44.98 ? 511 LYS B CD  1 
ATOM   1228 C CE  . LYS B 2 66  ? -3.224  18.287  0.911   1.00 47.21 ? 511 LYS B CE  1 
ATOM   1229 N NZ  . LYS B 2 66  ? -4.643  17.816  0.883   1.00 48.55 ? 511 LYS B NZ  1 
ATOM   1230 N N   . GLN B 2 67  ? -0.056  11.946  2.595   1.00 28.95 ? 512 GLN B N   1 
ATOM   1231 C CA  . GLN B 2 67  ? 1.141   11.223  3.020   1.00 31.43 ? 512 GLN B CA  1 
ATOM   1232 C C   . GLN B 2 67  ? 1.358   9.952   2.183   1.00 29.28 ? 512 GLN B C   1 
ATOM   1233 O O   . GLN B 2 67  ? 2.276   9.174   2.450   1.00 28.76 ? 512 GLN B O   1 
ATOM   1234 C CB  . GLN B 2 67  ? 1.030   10.839  4.502   1.00 35.44 ? 512 GLN B CB  1 
ATOM   1235 C CG  . GLN B 2 67  ? 0.645   11.991  5.428   1.00 42.08 ? 512 GLN B CG  1 
ATOM   1236 C CD  . GLN B 2 67  ? 1.636   13.148  5.388   1.00 50.17 ? 512 GLN B CD  1 
ATOM   1237 O OE1 . GLN B 2 67  ? 1.354   14.242  5.893   1.00 54.63 ? 512 GLN B OE1 1 
ATOM   1238 N NE2 . GLN B 2 67  ? 2.810   12.911  4.798   1.00 53.22 ? 512 GLN B NE2 1 
ATOM   1239 N N   . PHE B 2 68  ? 0.506   9.748   1.181   1.00 27.01 ? 513 PHE B N   1 
ATOM   1240 C CA  . PHE B 2 68  ? 0.592   8.567   0.319   1.00 26.03 ? 513 PHE B CA  1 
ATOM   1241 C C   . PHE B 2 68  ? 0.688   8.920   -1.160  1.00 25.09 ? 513 PHE B C   1 
ATOM   1242 O O   . PHE B 2 68  ? 0.269   10.004  -1.573  1.00 25.34 ? 513 PHE B O   1 
ATOM   1243 C CB  . PHE B 2 68  ? -0.632  7.677   0.556   1.00 25.50 ? 513 PHE B CB  1 
ATOM   1244 C CG  . PHE B 2 68  ? -0.657  7.049   1.914   1.00 24.92 ? 513 PHE B CG  1 
ATOM   1245 C CD1 . PHE B 2 68  ? 0.028   5.865   2.152   1.00 23.91 ? 513 PHE B CD1 1 
ATOM   1246 C CD2 . PHE B 2 68  ? -1.325  7.668   2.974   1.00 23.91 ? 513 PHE B CD2 1 
ATOM   1247 C CE1 . PHE B 2 68  ? 0.054   5.294   3.428   1.00 24.49 ? 513 PHE B CE1 1 
ATOM   1248 C CE2 . PHE B 2 68  ? -1.309  7.108   4.260   1.00 22.16 ? 513 PHE B CE2 1 
ATOM   1249 C CZ  . PHE B 2 68  ? -0.611  5.913   4.481   1.00 24.66 ? 513 PHE B CZ  1 
ATOM   1250 N N   . SER B 2 69  ? 1.231   8.002   -1.955  1.00 22.83 ? 514 SER B N   1 
ATOM   1251 C CA  . SER B 2 69  ? 1.358   8.219   -3.393  1.00 23.12 ? 514 SER B CA  1 
ATOM   1252 C C   . SER B 2 69  ? -0.018  8.073   -4.014  1.00 22.64 ? 514 SER B C   1 
ATOM   1253 O O   . SER B 2 69  ? -0.957  7.674   -3.337  1.00 22.39 ? 514 SER B O   1 
ATOM   1254 C CB  . SER B 2 69  ? 2.306   7.177   -4.006  1.00 21.59 ? 514 SER B CB  1 
ATOM   1255 O OG  . SER B 2 69  ? 1.760   5.864   -3.835  1.00 19.97 ? 514 SER B OG  1 
ATOM   1256 N N   . ARG B 2 70  ? -0.132  8.396   -5.299  1.00 22.45 ? 515 ARG B N   1 
ATOM   1257 C CA  . ARG B 2 70  ? -1.408  8.280   -6.002  1.00 22.79 ? 515 ARG B CA  1 
ATOM   1258 C C   . ARG B 2 70  ? -1.875  6.833   -6.093  1.00 22.96 ? 515 ARG B C   1 
ATOM   1259 O O   . ARG B 2 70  ? -3.067  6.553   -5.927  1.00 22.55 ? 515 ARG B O   1 
ATOM   1260 C CB  . ARG B 2 70  ? -1.302  8.835   -7.415  1.00 23.25 ? 515 ARG B CB  1 
ATOM   1261 C CG  . ARG B 2 70  ? -1.155  10.329  -7.463  1.00 27.35 ? 515 ARG B CG  1 
ATOM   1262 C CD  . ARG B 2 70  ? -0.897  10.794  -8.882  1.00 35.38 ? 515 ARG B CD  1 
ATOM   1263 N NE  . ARG B 2 70  ? -1.326  12.175  -9.030  1.00 40.61 ? 515 ARG B NE  1 
ATOM   1264 C CZ  . ARG B 2 70  ? -2.595  12.558  -8.944  1.00 42.17 ? 515 ARG B CZ  1 
ATOM   1265 N NH1 . ARG B 2 70  ? -3.543  11.655  -8.722  1.00 45.41 ? 515 ARG B NH1 1 
ATOM   1266 N NH2 . ARG B 2 70  ? -2.906  13.841  -9.056  1.00 47.46 ? 515 ARG B NH2 1 
ATOM   1267 N N   . ASN B 2 71  ? -0.948  5.920   -6.390  1.00 21.42 ? 516 ASN B N   1 
ATOM   1268 C CA  . ASN B 2 71  ? -1.303  4.509   -6.491  1.00 21.25 ? 516 ASN B CA  1 
ATOM   1269 C C   . ASN B 2 71  ? -1.769  3.974   -5.132  1.00 20.56 ? 516 ASN B C   1 
ATOM   1270 O O   . ASN B 2 71  ? -2.681  3.141   -5.072  1.00 19.12 ? 516 ASN B O   1 
ATOM   1271 C CB  . ASN B 2 71  ? -0.131  3.662   -7.023  1.00 21.71 ? 516 ASN B CB  1 
ATOM   1272 C CG  . ASN B 2 71  ? -0.011  3.702   -8.554  1.00 23.36 ? 516 ASN B CG  1 
ATOM   1273 O OD1 . ASN B 2 71  ? 0.376   4.717   -9.138  1.00 26.66 ? 516 ASN B OD1 1 
ATOM   1274 N ND2 . ASN B 2 71  ? -0.336  2.587   -9.205  1.00 28.23 ? 516 ASN B ND2 1 
ATOM   1275 N N   . ASN B 2 72  ? -1.167  4.439   -4.040  1.00 20.70 ? 517 ASN B N   1 
ATOM   1276 C CA  . ASN B 2 72  ? -1.605  3.953   -2.733  1.00 20.91 ? 517 ASN B CA  1 
ATOM   1277 C C   . ASN B 2 72  ? -2.947  4.542   -2.310  1.00 18.73 ? 517 ASN B C   1 
ATOM   1278 O O   . ASN B 2 72  ? -3.745  3.872   -1.659  1.00 20.07 ? 517 ASN B O   1 
ATOM   1279 C CB  . ASN B 2 72  ? -0.531  4.192   -1.655  1.00 19.57 ? 517 ASN B CB  1 
ATOM   1280 C CG  . ASN B 2 72  ? 0.277   2.929   -1.365  1.00 20.26 ? 517 ASN B CG  1 
ATOM   1281 O OD1 . ASN B 2 72  ? -0.167  1.821   -1.693  1.00 22.58 ? 517 ASN B OD1 1 
ATOM   1282 N ND2 . ASN B 2 72  ? 1.453   3.078   -0.749  1.00 19.08 ? 517 ASN B ND2 1 
ATOM   1283 N N   . ASN B 2 73  ? -3.207  5.787   -2.690  1.00 19.37 ? 518 ASN B N   1 
ATOM   1284 C CA  . ASN B 2 73  ? -4.477  6.398   -2.351  1.00 21.38 ? 518 ASN B CA  1 
ATOM   1285 C C   . ASN B 2 73  ? -5.613  5.657   -3.044  1.00 21.37 ? 518 ASN B C   1 
ATOM   1286 O O   . ASN B 2 73  ? -6.682  5.449   -2.459  1.00 20.64 ? 518 ASN B O   1 
ATOM   1287 C CB  . ASN B 2 73  ? -4.494  7.875   -2.749  1.00 23.32 ? 518 ASN B CB  1 
ATOM   1288 C CG  . ASN B 2 73  ? -3.959  8.770   -1.646  1.00 26.53 ? 518 ASN B CG  1 
ATOM   1289 O OD1 . ASN B 2 73  ? -2.875  9.354   -1.748  1.00 25.94 ? 518 ASN B OD1 1 
ATOM   1290 N ND2 . ASN B 2 73  ? -4.730  8.886   -0.581  1.00 26.03 ? 518 ASN B ND2 1 
ATOM   1291 N N   . ASP B 2 74  ? -5.383  5.266   -4.297  1.00 20.96 ? 519 ASP B N   1 
ATOM   1292 C CA  . ASP B 2 74  ? -6.368  4.516   -5.072  1.00 21.06 ? 519 ASP B CA  1 
ATOM   1293 C C   . ASP B 2 74  ? -6.702  3.189   -4.383  1.00 20.57 ? 519 ASP B C   1 
ATOM   1294 O O   . ASP B 2 74  ? -7.846  2.754   -4.397  1.00 18.27 ? 519 ASP B O   1 
ATOM   1295 C CB  . ASP B 2 74  ? -5.843  4.232   -6.483  1.00 19.48 ? 519 ASP B CB  1 
ATOM   1296 C CG  . ASP B 2 74  ? -6.001  5.419   -7.413  1.00 24.75 ? 519 ASP B CG  1 
ATOM   1297 O OD1 . ASP B 2 74  ? -6.726  6.374   -7.058  1.00 24.58 ? 519 ASP B OD1 1 
ATOM   1298 O OD2 . ASP B 2 74  ? -5.395  5.401   -8.503  1.00 21.63 ? 519 ASP B OD2 1 
ATOM   1299 N N   . ARG B 2 75  ? -5.700  2.550   -3.783  1.00 21.07 ? 520 ARG B N   1 
ATOM   1300 C CA  . ARG B 2 75  ? -5.921  1.279   -3.093  1.00 20.47 ? 520 ARG B CA  1 
ATOM   1301 C C   . ARG B 2 75  ? -6.834  1.500   -1.888  1.00 22.97 ? 520 ARG B C   1 
ATOM   1302 O O   . ARG B 2 75  ? -7.827  0.772   -1.694  1.00 22.57 ? 520 ARG B O   1 
ATOM   1303 C CB  . ARG B 2 75  ? -4.599  0.673   -2.604  1.00 21.19 ? 520 ARG B CB  1 
ATOM   1304 C CG  . ARG B 2 75  ? -3.675  0.146   -3.705  1.00 21.09 ? 520 ARG B CG  1 
ATOM   1305 C CD  . ARG B 2 75  ? -2.387  -0.453  -3.115  1.00 21.08 ? 520 ARG B CD  1 
ATOM   1306 N NE  . ARG B 2 75  ? -2.653  -1.551  -2.181  1.00 19.79 ? 520 ARG B NE  1 
ATOM   1307 C CZ  . ARG B 2 75  ? -3.024  -2.776  -2.538  1.00 21.02 ? 520 ARG B CZ  1 
ATOM   1308 N NH1 . ARG B 2 75  ? -3.169  -3.079  -3.821  1.00 20.49 ? 520 ARG B NH1 1 
ATOM   1309 N NH2 . ARG B 2 75  ? -3.271  -3.699  -1.614  1.00 17.69 ? 520 ARG B NH2 1 
ATOM   1310 N N   . MET B 2 76  ? -6.501  2.507   -1.079  1.00 22.29 ? 521 MET B N   1 
ATOM   1311 C CA  . MET B 2 76  ? -7.283  2.826   0.114   1.00 23.98 ? 521 MET B CA  1 
ATOM   1312 C C   . MET B 2 76  ? -8.721  3.247   -0.203  1.00 24.61 ? 521 MET B C   1 
ATOM   1313 O O   . MET B 2 76  ? -9.647  2.936   0.550   1.00 25.26 ? 521 MET B O   1 
ATOM   1314 C CB  . MET B 2 76  ? -6.583  3.922   0.927   1.00 21.01 ? 521 MET B CB  1 
ATOM   1315 C CG  . MET B 2 76  ? -5.241  3.495   1.514   1.00 21.69 ? 521 MET B CG  1 
ATOM   1316 S SD  . MET B 2 76  ? -4.444  4.753   2.567   1.00 23.47 ? 521 MET B SD  1 
ATOM   1317 C CE  . MET B 2 76  ? -4.165  6.077   1.392   1.00 21.57 ? 521 MET B CE  1 
ATOM   1318 N N   . LYS B 2 77  ? -8.901  3.939   -1.323  1.00 23.68 ? 522 LYS B N   1 
ATOM   1319 C CA  . LYS B 2 77  ? -10.219 4.392   -1.747  1.00 24.87 ? 522 LYS B CA  1 
ATOM   1320 C C   . LYS B 2 77  ? -11.193 3.228   -1.947  1.00 24.84 ? 522 LYS B C   1 
ATOM   1321 O O   . LYS B 2 77  ? -12.410 3.406   -1.833  1.00 24.65 ? 522 LYS B O   1 
ATOM   1322 C CB  . LYS B 2 77  ? -10.108 5.194   -3.045  1.00 26.30 ? 522 LYS B CB  1 
ATOM   1323 C CG  . LYS B 2 77  ? -11.388 5.905   -3.448  1.00 27.92 ? 522 LYS B CG  1 
ATOM   1324 C CD  . LYS B 2 77  ? -11.875 6.809   -2.330  1.00 31.13 ? 522 LYS B CD  1 
ATOM   1325 C CE  . LYS B 2 77  ? -12.997 7.698   -2.795  1.00 32.17 ? 522 LYS B CE  1 
ATOM   1326 N NZ  . LYS B 2 77  ? -14.033 6.906   -3.486  1.00 36.80 ? 522 LYS B NZ  1 
ATOM   1327 N N   . VAL B 2 78  ? -10.669 2.047   -2.267  1.00 23.28 ? 523 VAL B N   1 
ATOM   1328 C CA  . VAL B 2 78  ? -11.528 0.881   -2.457  1.00 25.00 ? 523 VAL B CA  1 
ATOM   1329 C C   . VAL B 2 78  ? -11.458 -0.067  -1.268  1.00 24.50 ? 523 VAL B C   1 
ATOM   1330 O O   . VAL B 2 78  ? -11.838 -1.229  -1.380  1.00 24.76 ? 523 VAL B O   1 
ATOM   1331 C CB  . VAL B 2 78  ? -11.194 0.084   -3.766  1.00 24.35 ? 523 VAL B CB  1 
ATOM   1332 C CG1 . VAL B 2 78  ? -11.409 0.977   -4.996  1.00 25.79 ? 523 VAL B CG1 1 
ATOM   1333 C CG2 . VAL B 2 78  ? -9.760  -0.445  -3.728  1.00 29.42 ? 523 VAL B CG2 1 
ATOM   1334 N N   . GLY B 2 79  ? -10.947 0.427   -0.141  1.00 24.35 ? 524 GLY B N   1 
ATOM   1335 C CA  . GLY B 2 79  ? -10.887 -0.385  1.060   1.00 24.38 ? 524 GLY B CA  1 
ATOM   1336 C C   . GLY B 2 79  ? -9.683  -1.283  1.242   1.00 27.20 ? 524 GLY B C   1 
ATOM   1337 O O   . GLY B 2 79  ? -9.632  -2.066  2.187   1.00 29.86 ? 524 GLY B O   1 
ATOM   1338 N N   . LYS B 2 80  ? -8.711  -1.190  0.350   1.00 25.92 ? 525 LYS B N   1 
ATOM   1339 C CA  . LYS B 2 80  ? -7.535  -2.022  0.482   1.00 25.60 ? 525 LYS B CA  1 
ATOM   1340 C C   . LYS B 2 80  ? -6.411  -1.269  1.181   1.00 25.41 ? 525 LYS B C   1 
ATOM   1341 O O   . LYS B 2 80  ? -6.309  -0.041  1.097   1.00 23.44 ? 525 LYS B O   1 
ATOM   1342 C CB  . LYS B 2 80  ? -7.082  -2.530  -0.888  1.00 26.01 ? 525 LYS B CB  1 
ATOM   1343 C CG  . LYS B 2 80  ? -8.077  -3.511  -1.511  1.00 28.31 ? 525 LYS B CG  1 
ATOM   1344 C CD  . LYS B 2 80  ? -7.446  -4.324  -2.629  1.00 27.50 ? 525 LYS B CD  1 
ATOM   1345 C CE  . LYS B 2 80  ? -7.087  -3.455  -3.816  1.00 28.47 ? 525 LYS B CE  1 
ATOM   1346 N NZ  . LYS B 2 80  ? -6.643  -4.269  -4.990  1.00 27.96 ? 525 LYS B NZ  1 
ATOM   1347 N N   . ALA B 2 81  ? -5.576  -2.013  1.892   1.00 24.61 ? 526 ALA B N   1 
ATOM   1348 C CA  . ALA B 2 81  ? -4.461  -1.410  2.604   1.00 24.59 ? 526 ALA B CA  1 
ATOM   1349 C C   . ALA B 2 81  ? -3.394  -0.998  1.612   1.00 23.66 ? 526 ALA B C   1 
ATOM   1350 O O   . ALA B 2 81  ? -3.228  -1.616  0.557   1.00 23.72 ? 526 ALA B O   1 
ATOM   1351 C CB  . ALA B 2 81  ? -3.877  -2.391  3.611   1.00 22.58 ? 526 ALA B CB  1 
ATOM   1352 N N   . PRO B 2 82  ? -2.666  0.070   1.932   1.00 23.66 ? 527 PRO B N   1 
ATOM   1353 C CA  . PRO B 2 82  ? -1.610  0.525   1.030   1.00 25.36 ? 527 PRO B CA  1 
ATOM   1354 C C   . PRO B 2 82  ? -0.446  -0.459  1.016   1.00 26.92 ? 527 PRO B C   1 
ATOM   1355 O O   . PRO B 2 82  ? -0.247  -1.228  1.966   1.00 25.86 ? 527 PRO B O   1 
ATOM   1356 C CB  . PRO B 2 82  ? -1.223  1.894   1.597   1.00 24.93 ? 527 PRO B CB  1 
ATOM   1357 C CG  . PRO B 2 82  ? -1.669  1.837   3.035   1.00 25.24 ? 527 PRO B CG  1 
ATOM   1358 C CD  . PRO B 2 82  ? -2.952  1.069   2.978   1.00 24.39 ? 527 PRO B CD  1 
ATOM   1359 N N   . GLN B 2 83  ? 0.295   -0.456  -0.086  1.00 25.22 ? 528 GLN B N   1 
ATOM   1360 C CA  . GLN B 2 83  ? 1.452   -1.320  -0.225  1.00 26.77 ? 528 GLN B CA  1 
ATOM   1361 C C   . GLN B 2 83  ? 2.559   -0.674  0.605   1.00 27.30 ? 528 GLN B C   1 
ATOM   1362 O O   . GLN B 2 83  ? 2.627   0.550   0.720   1.00 25.81 ? 528 GLN B O   1 
ATOM   1363 C CB  . GLN B 2 83  ? 1.890   -1.412  -1.696  1.00 25.21 ? 528 GLN B CB  1 
ATOM   1364 C CG  . GLN B 2 83  ? 0.869   -2.083  -2.623  1.00 24.18 ? 528 GLN B CG  1 
ATOM   1365 C CD  . GLN B 2 83  ? 0.823   -3.594  -2.458  1.00 25.03 ? 528 GLN B CD  1 
ATOM   1366 O OE1 . GLN B 2 83  ? 1.711   -4.309  -2.927  1.00 30.09 ? 528 GLN B OE1 1 
ATOM   1367 N NE2 . GLN B 2 83  ? -0.207  -4.087  -1.773  1.00 25.65 ? 528 GLN B NE2 1 
ATOM   1368 N N   . THR B 2 84  ? 3.413   -1.501  1.200   1.00 26.87 ? 529 THR B N   1 
ATOM   1369 C CA  . THR B 2 84  ? 4.527   -0.994  1.995   1.00 29.18 ? 529 THR B CA  1 
ATOM   1370 C C   . THR B 2 84  ? 5.716   -0.928  1.071   1.00 30.06 ? 529 THR B C   1 
ATOM   1371 O O   . THR B 2 84  ? 5.650   -1.382  -0.071  1.00 30.76 ? 529 THR B O   1 
ATOM   1372 C CB  . THR B 2 84  ? 4.904   -1.954  3.138   1.00 28.70 ? 529 THR B CB  1 
ATOM   1373 O OG1 . THR B 2 84  ? 5.450   -3.151  2.578   1.00 30.06 ? 529 THR B OG1 1 
ATOM   1374 C CG2 . THR B 2 84  ? 3.695   -2.294  3.983   1.00 29.45 ? 529 THR B CG2 1 
ATOM   1375 N N   . ARG B 2 85  ? 6.807   -0.371  1.568   1.00 30.67 ? 530 ARG B N   1 
ATOM   1376 C CA  . ARG B 2 85  ? 8.028   -0.305  0.782   1.00 34.78 ? 530 ARG B CA  1 
ATOM   1377 C C   . ARG B 2 85  ? 8.503   -1.744  0.596   1.00 34.95 ? 530 ARG B C   1 
ATOM   1378 O O   . ARG B 2 85  ? 8.224   -2.599  1.436   1.00 34.20 ? 530 ARG B O   1 
ATOM   1379 C CB  . ARG B 2 85  ? 9.092   0.498   1.526   1.00 35.14 ? 530 ARG B CB  1 
ATOM   1380 C CG  . ARG B 2 85  ? 8.784   1.975   1.621   1.00 38.93 ? 530 ARG B CG  1 
ATOM   1381 C CD  . ARG B 2 85  ? 9.840   2.701   2.434   1.00 42.98 ? 530 ARG B CD  1 
ATOM   1382 N NE  . ARG B 2 85  ? 9.834   4.135   2.159   1.00 45.03 ? 530 ARG B NE  1 
ATOM   1383 C CZ  . ARG B 2 85  ? 10.196  4.667   0.995   1.00 45.03 ? 530 ARG B CZ  1 
ATOM   1384 N NH1 . ARG B 2 85  ? 10.595  3.887   -0.002  1.00 47.01 ? 530 ARG B NH1 1 
ATOM   1385 N NH2 . ARG B 2 85  ? 10.155  5.979   0.826   1.00 46.19 ? 530 ARG B NH2 1 
ATOM   1386 N N   . THR B 2 86  ? 9.205   -2.008  -0.501  1.00 36.51 ? 531 THR B N   1 
ATOM   1387 C CA  . THR B 2 86  ? 9.714   -3.345  -0.788  1.00 38.07 ? 531 THR B CA  1 
ATOM   1388 C C   . THR B 2 86  ? 10.413  -3.961  0.432   1.00 38.58 ? 531 THR B C   1 
ATOM   1389 O O   . THR B 2 86  ? 10.115  -5.087  0.830   1.00 36.36 ? 531 THR B O   1 
ATOM   1390 C CB  . THR B 2 86  ? 10.721  -3.312  -1.959  1.00 38.62 ? 531 THR B CB  1 
ATOM   1391 O OG1 . THR B 2 86  ? 10.078  -2.799  -3.131  1.00 40.98 ? 531 THR B OG1 1 
ATOM   1392 C CG2 . THR B 2 86  ? 11.260  -4.708  -2.246  1.00 41.73 ? 531 THR B CG2 1 
ATOM   1393 N N   . GLN B 2 87  ? 11.331  -3.204  1.027   1.00 40.67 ? 532 GLN B N   1 
ATOM   1394 C CA  . GLN B 2 87  ? 12.092  -3.669  2.186   1.00 42.67 ? 532 GLN B CA  1 
ATOM   1395 C C   . GLN B 2 87  ? 11.263  -4.102  3.390   1.00 42.01 ? 532 GLN B C   1 
ATOM   1396 O O   . GLN B 2 87  ? 11.791  -4.708  4.320   1.00 43.31 ? 532 GLN B O   1 
ATOM   1397 C CB  . GLN B 2 87  ? 13.074  -2.581  2.623   1.00 44.33 ? 532 GLN B CB  1 
ATOM   1398 C CG  . GLN B 2 87  ? 12.419  -1.242  2.904   1.00 48.16 ? 532 GLN B CG  1 
ATOM   1399 C CD  . GLN B 2 87  ? 13.429  -0.143  3.158   1.00 51.03 ? 532 GLN B CD  1 
ATOM   1400 O OE1 . GLN B 2 87  ? 13.071  1.030   3.292   1.00 52.41 ? 532 GLN B OE1 1 
ATOM   1401 N NE2 . GLN B 2 87  ? 14.703  -0.516  3.228   1.00 53.49 ? 532 GLN B NE2 1 
ATOM   1402 N N   . ASP B 2 88  ? 9.970   -3.803  3.382   1.00 40.96 ? 533 ASP B N   1 
ATOM   1403 C CA  . ASP B 2 88  ? 9.123   -4.172  4.507   1.00 40.45 ? 533 ASP B CA  1 
ATOM   1404 C C   . ASP B 2 88  ? 8.166   -5.312  4.202   1.00 40.28 ? 533 ASP B C   1 
ATOM   1405 O O   . ASP B 2 88  ? 7.386   -5.729  5.060   1.00 39.36 ? 533 ASP B O   1 
ATOM   1406 C CB  . ASP B 2 88  ? 8.349   -2.946  4.993   1.00 40.76 ? 533 ASP B CB  1 
ATOM   1407 C CG  . ASP B 2 88  ? 9.230   -1.977  5.753   1.00 42.02 ? 533 ASP B CG  1 
ATOM   1408 O OD1 . ASP B 2 88  ? 9.790   -2.401  6.787   1.00 43.07 ? 533 ASP B OD1 1 
ATOM   1409 O OD2 . ASP B 2 88  ? 9.367   -0.806  5.330   1.00 39.41 ? 533 ASP B OD2 1 
ATOM   1410 N N   . VAL B 2 89  ? 8.250   -5.822  2.979   1.00 40.63 ? 534 VAL B N   1 
ATOM   1411 C CA  . VAL B 2 89  ? 7.401   -6.913  2.518   1.00 42.04 ? 534 VAL B CA  1 
ATOM   1412 C C   . VAL B 2 89  ? 7.825   -8.269  3.091   1.00 43.83 ? 534 VAL B C   1 
ATOM   1413 O O   . VAL B 2 89  ? 8.980   -8.462  3.483   1.00 42.48 ? 534 VAL B O   1 
ATOM   1414 C CB  . VAL B 2 89  ? 7.430   -6.996  0.972   1.00 43.82 ? 534 VAL B CB  1 
ATOM   1415 C CG1 . VAL B 2 89  ? 6.626   -8.179  0.489   1.00 43.84 ? 534 VAL B CG1 1 
ATOM   1416 C CG2 . VAL B 2 89  ? 6.887   -5.700  0.375   1.00 40.22 ? 534 VAL B CG2 1 
ATOM   1417 N N   . SER B 2 90  ? 6.880   -9.204  3.137   1.00 45.05 ? 535 SER B N   1 
ATOM   1418 C CA  . SER B 2 90  ? 7.144   -10.549 3.630   1.00 46.88 ? 535 SER B CA  1 
ATOM   1419 C C   . SER B 2 90  ? 6.281   -11.571 2.889   1.00 46.94 ? 535 SER B C   1 
ATOM   1420 O O   . SER B 2 90  ? 5.150   -11.842 3.284   1.00 46.19 ? 535 SER B O   1 
ATOM   1421 C CB  . SER B 2 90  ? 6.857   -10.631 5.128   1.00 48.79 ? 535 SER B CB  1 
ATOM   1422 O OG  . SER B 2 90  ? 7.321   -11.864 5.657   1.00 51.50 ? 535 SER B OG  1 
ATOM   1423 N N   . GLY B 2 91  ? 6.825   -12.133 1.812   1.00 47.17 ? 536 GLY B N   1 
ATOM   1424 C CA  . GLY B 2 91  ? 6.090   -13.117 1.039   1.00 46.57 ? 536 GLY B CA  1 
ATOM   1425 C C   . GLY B 2 91  ? 4.931   -12.497 0.281   1.00 47.23 ? 536 GLY B C   1 
ATOM   1426 O O   . GLY B 2 91  ? 5.088   -11.453 -0.353  1.00 48.05 ? 536 GLY B O   1 
ATOM   1427 N N   . LYS B 2 92  ? 3.769   -13.143 0.339   1.00 46.46 ? 537 LYS B N   1 
ATOM   1428 C CA  . LYS B 2 92  ? 2.571   -12.652 -0.345  1.00 46.47 ? 537 LYS B CA  1 
ATOM   1429 C C   . LYS B 2 92  ? 2.035   -11.398 0.340   1.00 45.00 ? 537 LYS B C   1 
ATOM   1430 O O   . LYS B 2 92  ? 1.204   -10.675 -0.220  1.00 44.17 ? 537 LYS B O   1 
ATOM   1431 C CB  . LYS B 2 92  ? 1.479   -13.721 -0.332  1.00 48.79 ? 537 LYS B CB  1 
ATOM   1432 C CG  . LYS B 2 92  ? 1.776   -14.944 -1.178  1.00 52.49 ? 537 LYS B CG  1 
ATOM   1433 C CD  . LYS B 2 92  ? 1.696   -14.623 -2.661  1.00 54.50 ? 537 LYS B CD  1 
ATOM   1434 C CE  . LYS B 2 92  ? 1.870   -15.879 -3.497  1.00 56.44 ? 537 LYS B CE  1 
ATOM   1435 N NZ  . LYS B 2 92  ? 1.703   -15.604 -4.947  1.00 57.42 ? 537 LYS B NZ  1 
ATOM   1436 N N   . ARG B 2 93  ? 2.513   -11.154 1.558   1.00 41.70 ? 538 ARG B N   1 
ATOM   1437 C CA  . ARG B 2 93  ? 2.093   -10.005 2.347   1.00 40.83 ? 538 ARG B CA  1 
ATOM   1438 C C   . ARG B 2 93  ? 2.949   -8.781  2.052   1.00 38.62 ? 538 ARG B C   1 
ATOM   1439 O O   . ARG B 2 93  ? 4.043   -8.639  2.594   1.00 37.06 ? 538 ARG B O   1 
ATOM   1440 C CB  . ARG B 2 93  ? 2.181   -10.348 3.836   1.00 41.25 ? 538 ARG B CB  1 
ATOM   1441 C CG  . ARG B 2 93  ? 1.327   -11.547 4.230   1.00 44.88 ? 538 ARG B CG  1 
ATOM   1442 C CD  . ARG B 2 93  ? 1.879   -12.267 5.451   1.00 45.41 ? 538 ARG B CD  1 
ATOM   1443 N NE  . ARG B 2 93  ? 1.813   -11.453 6.661   1.00 47.97 ? 538 ARG B NE  1 
ATOM   1444 C CZ  . ARG B 2 93  ? 2.353   -11.804 7.826   1.00 49.19 ? 538 ARG B CZ  1 
ATOM   1445 N NH1 . ARG B 2 93  ? 3.004   -12.956 7.937   1.00 50.28 ? 538 ARG B NH1 1 
ATOM   1446 N NH2 . ARG B 2 93  ? 2.242   -11.010 8.882   1.00 48.76 ? 538 ARG B NH2 1 
ATOM   1447 N N   . ARG B 2 94  ? 2.457   -7.897  1.189   1.00 37.04 ? 539 ARG B N   1 
ATOM   1448 C CA  . ARG B 2 94  ? 3.212   -6.694  0.866   1.00 36.77 ? 539 ARG B CA  1 
ATOM   1449 C C   . ARG B 2 94  ? 2.485   -5.388  1.174   1.00 34.25 ? 539 ARG B C   1 
ATOM   1450 O O   . ARG B 2 94  ? 2.847   -4.335  0.651   1.00 33.95 ? 539 ARG B O   1 
ATOM   1451 C CB  . ARG B 2 94  ? 3.670   -6.703  -0.601  1.00 38.20 ? 539 ARG B CB  1 
ATOM   1452 C CG  . ARG B 2 94  ? 2.771   -7.418  -1.584  1.00 42.03 ? 539 ARG B CG  1 
ATOM   1453 C CD  . ARG B 2 94  ? 3.308   -8.816  -1.909  1.00 43.24 ? 539 ARG B CD  1 
ATOM   1454 N NE  . ARG B 2 94  ? 4.765   -8.829  -2.050  1.00 44.35 ? 539 ARG B NE  1 
ATOM   1455 C CZ  . ARG B 2 94  ? 5.450   -8.124  -2.946  1.00 45.23 ? 539 ARG B CZ  1 
ATOM   1456 N NH1 . ARG B 2 94  ? 6.776   -8.205  -2.981  1.00 43.92 ? 539 ARG B NH1 1 
ATOM   1457 N NH2 . ARG B 2 94  ? 4.813   -7.340  -3.811  1.00 48.36 ? 539 ARG B NH2 1 
ATOM   1458 N N   . SER B 2 95  ? 1.467   -5.452  2.028   1.00 33.84 ? 540 SER B N   1 
ATOM   1459 C CA  . SER B 2 95  ? 0.725   -4.250  2.410   1.00 34.29 ? 540 SER B CA  1 
ATOM   1460 C C   . SER B 2 95  ? 0.640   -4.121  3.932   1.00 33.69 ? 540 SER B C   1 
ATOM   1461 O O   . SER B 2 95  ? 0.896   -5.083  4.655   1.00 33.61 ? 540 SER B O   1 
ATOM   1462 C CB  . SER B 2 95  ? -0.689  -4.269  1.806   1.00 32.66 ? 540 SER B CB  1 
ATOM   1463 O OG  . SER B 2 95  ? -1.404  -5.426  2.187   1.00 32.73 ? 540 SER B OG  1 
ATOM   1464 N N   . PHE B 2 96  ? 0.290   -2.929  4.415   1.00 33.64 ? 541 PHE B N   1 
ATOM   1465 C CA  . PHE B 2 96  ? 0.169   -2.699  5.853   1.00 33.91 ? 541 PHE B CA  1 
ATOM   1466 C C   . PHE B 2 96  ? -0.965  -3.527  6.424   1.00 34.34 ? 541 PHE B C   1 
ATOM   1467 O O   . PHE B 2 96  ? -2.033  -3.641  5.817   1.00 34.38 ? 541 PHE B O   1 
ATOM   1468 C CB  . PHE B 2 96  ? -0.072  -1.216  6.144   1.00 30.92 ? 541 PHE B CB  1 
ATOM   1469 C CG  . PHE B 2 96  ? 1.120   -0.354  5.869   1.00 29.84 ? 541 PHE B CG  1 
ATOM   1470 C CD1 . PHE B 2 96  ? 2.155   -0.254  6.799   1.00 29.82 ? 541 PHE B CD1 1 
ATOM   1471 C CD2 . PHE B 2 96  ? 1.224   0.338   4.668   1.00 27.34 ? 541 PHE B CD2 1 
ATOM   1472 C CE1 . PHE B 2 96  ? 3.285   0.525   6.531   1.00 28.81 ? 541 PHE B CE1 1 
ATOM   1473 C CE2 . PHE B 2 96  ? 2.342   1.115   4.386   1.00 28.69 ? 541 PHE B CE2 1 
ATOM   1474 C CZ  . PHE B 2 96  ? 3.382   1.215   5.328   1.00 29.30 ? 541 PHE B CZ  1 
ATOM   1475 N N   . GLU B 2 97  ? -0.725  -4.108  7.596   1.00 35.13 ? 542 GLU B N   1 
ATOM   1476 C CA  . GLU B 2 97  ? -1.718  -4.949  8.254   1.00 36.16 ? 542 GLU B CA  1 
ATOM   1477 C C   . GLU B 2 97  ? -2.177  -4.337  9.580   1.00 37.33 ? 542 GLU B C   1 
ATOM   1478 O O   . GLU B 2 97  ? -1.428  -3.608  10.231  1.00 35.95 ? 542 GLU B O   1 
ATOM   1479 C CB  . GLU B 2 97  ? -1.120  -6.336  8.504   1.00 36.95 ? 542 GLU B CB  1 
ATOM   1480 C CG  . GLU B 2 97  ? -0.308  -6.868  7.328   1.00 37.13 ? 542 GLU B CG  1 
ATOM   1481 C CD  . GLU B 2 97  ? 0.306   -8.236  7.594   1.00 40.30 ? 542 GLU B CD  1 
ATOM   1482 O OE1 . GLU B 2 97  ? 0.740   -8.481  8.740   1.00 40.89 ? 542 GLU B OE1 1 
ATOM   1483 O OE2 . GLU B 2 97  ? 0.370   -9.061  6.657   1.00 38.74 ? 542 GLU B OE2 1 
ATOM   1484 N N   . LEU B 2 98  ? -3.418  -4.625  9.962   1.00 38.73 ? 543 LEU B N   1 
ATOM   1485 C CA  . LEU B 2 98  ? -3.976  -4.135  11.217  1.00 41.65 ? 543 LEU B CA  1 
ATOM   1486 C C   . LEU B 2 98  ? -3.756  -5.210  12.281  1.00 44.59 ? 543 LEU B C   1 
ATOM   1487 O O   . LEU B 2 98  ? -4.213  -6.343  12.127  1.00 44.91 ? 543 LEU B O   1 
ATOM   1488 C CB  . LEU B 2 98  ? -5.473  -3.851  11.065  1.00 40.02 ? 543 LEU B CB  1 
ATOM   1489 C CG  . LEU B 2 98  ? -5.876  -2.751  10.079  1.00 39.41 ? 543 LEU B CG  1 
ATOM   1490 C CD1 . LEU B 2 98  ? -7.385  -2.588  10.102  1.00 38.54 ? 543 LEU B CD1 1 
ATOM   1491 C CD2 . LEU B 2 98  ? -5.198  -1.438  10.447  1.00 37.39 ? 543 LEU B CD2 1 
ATOM   1492 N N   . HIS B 2 99  ? -3.057  -4.841  13.353  1.00 47.81 ? 544 HIS B N   1 
ATOM   1493 C CA  . HIS B 2 99  ? -2.737  -5.763  14.442  1.00 50.76 ? 544 HIS B CA  1 
ATOM   1494 C C   . HIS B 2 99  ? -3.441  -5.415  15.754  1.00 51.67 ? 544 HIS B C   1 
ATOM   1495 O O   . HIS B 2 99  ? -3.548  -4.244  16.121  1.00 51.75 ? 544 HIS B O   1 
ATOM   1496 C CB  . HIS B 2 99  ? -1.217  -5.768  14.660  1.00 52.45 ? 544 HIS B CB  1 
ATOM   1497 C CG  . HIS B 2 99  ? -0.770  -6.548  15.859  1.00 55.62 ? 544 HIS B CG  1 
ATOM   1498 N ND1 . HIS B 2 99  ? -0.910  -7.916  15.956  1.00 57.74 ? 544 HIS B ND1 1 
ATOM   1499 C CD2 . HIS B 2 99  ? -0.173  -6.148  17.009  1.00 56.57 ? 544 HIS B CD2 1 
ATOM   1500 C CE1 . HIS B 2 99  ? -0.419  -8.326  17.113  1.00 57.73 ? 544 HIS B CE1 1 
ATOM   1501 N NE2 . HIS B 2 99  ? 0.035   -7.272  17.771  1.00 57.20 ? 544 HIS B NE2 1 
ATOM   1502 N N   . HIS B 2 100 ? -3.931  -6.438  16.450  1.00 53.42 ? 545 HIS B N   1 
ATOM   1503 C CA  . HIS B 2 100 ? -4.587  -6.239  17.742  1.00 55.62 ? 545 HIS B CA  1 
ATOM   1504 C C   . HIS B 2 100 ? -3.544  -6.394  18.842  1.00 57.70 ? 545 HIS B C   1 
ATOM   1505 O O   . HIS B 2 100 ? -2.913  -7.444  18.958  1.00 57.76 ? 545 HIS B O   1 
ATOM   1506 C CB  . HIS B 2 100 ? -5.693  -7.268  17.972  1.00 54.15 ? 545 HIS B CB  1 
ATOM   1507 C CG  . HIS B 2 100 ? -6.887  -7.089  17.092  1.00 52.51 ? 545 HIS B CG  1 
ATOM   1508 N ND1 . HIS B 2 100 ? -6.949  -7.588  15.810  1.00 53.14 ? 545 HIS B ND1 1 
ATOM   1509 C CD2 . HIS B 2 100 ? -8.066  -6.459  17.309  1.00 51.57 ? 545 HIS B CD2 1 
ATOM   1510 C CE1 . HIS B 2 100 ? -8.116  -7.276  15.274  1.00 52.83 ? 545 HIS B CE1 1 
ATOM   1511 N NE2 . HIS B 2 100 ? -8.813  -6.590  16.163  1.00 51.79 ? 545 HIS B NE2 1 
ATOM   1512 N N   . GLU B 2 101 ? -3.367  -5.351  19.647  1.00 61.39 ? 546 GLU B N   1 
ATOM   1513 C CA  . GLU B 2 101 ? -2.391  -5.380  20.736  1.00 64.54 ? 546 GLU B CA  1 
ATOM   1514 C C   . GLU B 2 101 ? -2.692  -6.568  21.641  1.00 65.17 ? 546 GLU B C   1 
ATOM   1515 O O   . GLU B 2 101 ? -1.843  -7.438  21.844  1.00 64.96 ? 546 GLU B O   1 
ATOM   1516 C CB  . GLU B 2 101 ? -2.457  -4.078  21.537  1.00 66.74 ? 546 GLU B CB  1 
ATOM   1517 C CG  . GLU B 2 101 ? -2.502  -2.830  20.665  1.00 71.18 ? 546 GLU B CG  1 
ATOM   1518 C CD  . GLU B 2 101 ? -1.395  -2.803  19.622  1.00 73.47 ? 546 GLU B CD  1 
ATOM   1519 O OE1 . GLU B 2 101 ? -0.211  -2.673  20.003  1.00 75.40 ? 546 GLU B OE1 1 
ATOM   1520 O OE2 . GLU B 2 101 ? -1.714  -2.924  18.418  1.00 73.79 ? 546 GLU B OE2 1 
ATOM   1521 N N   . LYS B 2 102 ? -3.902  -6.592  22.187  1.00 66.67 ? 547 LYS B N   1 
ATOM   1522 C CA  . LYS B 2 102 ? -4.334  -7.685  23.044  1.00 68.25 ? 547 LYS B CA  1 
ATOM   1523 C C   . LYS B 2 102 ? -5.151  -8.611  22.154  1.00 69.31 ? 547 LYS B C   1 
ATOM   1524 O O   . LYS B 2 102 ? -6.320  -8.348  21.873  1.00 69.21 ? 547 LYS B O   1 
ATOM   1525 C CB  . LYS B 2 102 ? -5.191  -7.165  24.203  1.00 68.86 ? 547 LYS B CB  1 
ATOM   1526 C CG  . LYS B 2 102 ? -5.726  -8.265  25.115  1.00 69.42 ? 547 LYS B CG  1 
ATOM   1527 C CD  . LYS B 2 102 ? -6.278  -7.711  26.421  1.00 69.94 ? 547 LYS B CD  1 
ATOM   1528 C CE  . LYS B 2 102 ? -5.167  -7.298  27.379  1.00 70.68 ? 547 LYS B CE  1 
ATOM   1529 N NZ  . LYS B 2 102 ? -4.317  -6.192  26.857  1.00 71.01 ? 547 LYS B NZ  1 
ATOM   1530 N N   . PRO B 2 103 ? -4.535  -9.714  21.698  1.00 70.56 ? 548 PRO B N   1 
ATOM   1531 C CA  . PRO B 2 103 ? -5.160  -10.711 20.825  1.00 71.55 ? 548 PRO B CA  1 
ATOM   1532 C C   . PRO B 2 103 ? -6.588  -11.083 21.189  1.00 72.75 ? 548 PRO B C   1 
ATOM   1533 O O   . PRO B 2 103 ? -6.949  -11.145 22.363  1.00 73.06 ? 548 PRO B O   1 
ATOM   1534 C CB  . PRO B 2 103 ? -4.200  -11.900 20.907  1.00 71.31 ? 548 PRO B CB  1 
ATOM   1535 C CG  . PRO B 2 103 ? -3.536  -11.717 22.245  1.00 71.76 ? 548 PRO B CG  1 
ATOM   1536 C CD  . PRO B 2 103 ? -3.277  -10.237 22.256  1.00 70.65 ? 548 PRO B CD  1 
ATOM   1537 N N   . ILE B 2 104 ? -7.395  -11.325 20.161  1.00 74.24 ? 549 ILE B N   1 
ATOM   1538 C CA  . ILE B 2 104 ? -8.793  -11.695 20.339  1.00 75.93 ? 549 ILE B CA  1 
ATOM   1539 C C   . ILE B 2 104 ? -8.892  -12.870 21.307  1.00 76.73 ? 549 ILE B C   1 
ATOM   1540 O O   . ILE B 2 104 ? -9.878  -13.011 22.034  1.00 76.46 ? 549 ILE B O   1 
ATOM   1541 C CB  . ILE B 2 104 ? -9.431  -12.100 18.993  1.00 76.01 ? 549 ILE B CB  1 
ATOM   1542 C CG1 . ILE B 2 104 ? -9.122  -11.038 17.929  1.00 76.11 ? 549 ILE B CG1 1 
ATOM   1543 C CG2 . ILE B 2 104 ? -10.934 -12.263 19.156  1.00 76.05 ? 549 ILE B CG2 1 
ATOM   1544 C CD1 . ILE B 2 104 ? -9.649  -9.653  18.257  1.00 75.55 ? 549 ILE B CD1 1 
ATOM   1545 N N   . SER B 2 105 ? -7.857  -13.708 21.308  1.00 77.74 ? 550 SER B N   1 
ATOM   1546 C CA  . SER B 2 105 ? -7.803  -14.876 22.181  1.00 78.48 ? 550 SER B CA  1 
ATOM   1547 C C   . SER B 2 105 ? -8.082  -14.471 23.624  1.00 79.17 ? 550 SER B C   1 
ATOM   1548 O O   . SER B 2 105 ? -9.098  -14.856 24.204  1.00 79.50 ? 550 SER B O   1 
ATOM   1549 C CB  . SER B 2 105 ? -6.423  -15.535 22.098  1.00 78.20 ? 550 SER B CB  1 
ATOM   1550 O OG  . SER B 2 105 ? -6.104  -15.902 20.767  1.00 77.22 ? 550 SER B OG  1 
ATOM   1551 N N   . GLN B 2 106 ? -7.168  -13.692 24.196  1.00 79.47 ? 551 GLN B N   1 
ATOM   1552 C CA  . GLN B 2 106 ? -7.300  -13.228 25.570  1.00 80.25 ? 551 GLN B CA  1 
ATOM   1553 C C   . GLN B 2 106 ? -8.065  -11.907 25.628  1.00 80.07 ? 551 GLN B C   1 
ATOM   1554 O O   . GLN B 2 106 ? -7.717  -10.947 24.939  1.00 80.72 ? 551 GLN B O   1 
ATOM   1555 C CB  . GLN B 2 106 ? -5.910  -13.070 26.197  1.00 80.96 ? 551 GLN B CB  1 
ATOM   1556 C CG  . GLN B 2 106 ? -4.979  -12.138 25.429  1.00 81.93 ? 551 GLN B CG  1 
ATOM   1557 C CD  . GLN B 2 106 ? -3.523  -12.283 25.844  1.00 82.23 ? 551 GLN B CD  1 
ATOM   1558 O OE1 . GLN B 2 106 ? -2.661  -11.525 25.399  1.00 81.94 ? 551 GLN B OE1 1 
ATOM   1559 N NE2 . GLN B 2 106 ? -3.241  -13.271 26.689  1.00 82.65 ? 551 GLN B NE2 1 
ATOM   1560 N N   . ASN B 2 107 ? -9.108  -11.868 26.453  1.00 79.83 ? 552 ASN B N   1 
ATOM   1561 C CA  . ASN B 2 107 ? -9.935  -10.674 26.609  1.00 79.12 ? 552 ASN B CA  1 
ATOM   1562 C C   . ASN B 2 107 ? -10.653 -10.330 25.308  1.00 77.71 ? 552 ASN B C   1 
ATOM   1563 O O   . ASN B 2 107 ? -11.847 -10.604 25.159  1.00 78.48 ? 552 ASN B O   1 
ATOM   1564 C CB  . ASN B 2 107 ? -9.080  -9.485  27.065  1.00 80.04 ? 552 ASN B CB  1 
ATOM   1565 C CG  . ASN B 2 107 ? -9.852  -8.176  27.065  1.00 81.33 ? 552 ASN B CG  1 
ATOM   1566 O OD1 . ASN B 2 107 ? -10.929 -8.075  27.654  1.00 82.26 ? 552 ASN B OD1 1 
ATOM   1567 N ND2 . ASN B 2 107 ? -9.301  -7.164  26.403  1.00 81.72 ? 552 ASN B ND2 1 
ATOM   1568 N N   . GLY B 2 108 ? -9.924  -9.727  24.373  1.00 75.40 ? 553 GLY B N   1 
ATOM   1569 C CA  . GLY B 2 108 ? -10.512 -9.370  23.095  1.00 72.39 ? 553 GLY B CA  1 
ATOM   1570 C C   . GLY B 2 108 ? -10.173 -7.970  22.625  1.00 69.84 ? 553 GLY B C   1 
ATOM   1571 O O   . GLY B 2 108 ? -9.011  -7.566  22.638  1.00 69.49 ? 553 GLY B O   1 
ATOM   1572 N N   . GLY B 2 109 ? -11.198 -7.227  22.218  1.00 67.82 ? 554 GLY B N   1 
ATOM   1573 C CA  . GLY B 2 109 ? -10.999 -5.874  21.730  1.00 65.40 ? 554 GLY B CA  1 
ATOM   1574 C C   . GLY B 2 109 ? -10.914 -5.875  20.215  1.00 63.65 ? 554 GLY B C   1 
ATOM   1575 O O   . GLY B 2 109 ? -9.940  -5.383  19.640  1.00 63.33 ? 554 GLY B O   1 
ATOM   1576 N N   . VAL B 2 110 ? -11.939 -6.432  19.570  1.00 61.28 ? 555 VAL B N   1 
ATOM   1577 C CA  . VAL B 2 110 ? -12.002 -6.529  18.111  1.00 58.72 ? 555 VAL B CA  1 
ATOM   1578 C C   . VAL B 2 110 ? -12.134 -5.182  17.403  1.00 56.97 ? 555 VAL B C   1 
ATOM   1579 O O   . VAL B 2 110 ? -11.290 -4.826  16.577  1.00 56.48 ? 555 VAL B O   1 
ATOM   1580 C CB  . VAL B 2 110 ? -13.179 -7.424  17.666  1.00 58.90 ? 555 VAL B CB  1 
ATOM   1581 C CG1 . VAL B 2 110 ? -13.208 -7.531  16.146  1.00 58.83 ? 555 VAL B CG1 1 
ATOM   1582 C CG2 . VAL B 2 110 ? -13.045 -8.804  18.292  1.00 59.93 ? 555 VAL B CG2 1 
ATOM   1583 N N   . TYR B 2 111 ? -13.193 -4.443  17.722  1.00 54.50 ? 556 TYR B N   1 
ATOM   1584 C CA  . TYR B 2 111 ? -13.427 -3.143  17.108  1.00 52.10 ? 556 TYR B CA  1 
ATOM   1585 C C   . TYR B 2 111 ? -12.942 -1.977  17.956  1.00 50.15 ? 556 TYR B C   1 
ATOM   1586 O O   . TYR B 2 111 ? -13.269 -0.828  17.681  1.00 50.48 ? 556 TYR B O   1 
ATOM   1587 C CB  . TYR B 2 111 ? -14.914 -2.962  16.802  1.00 52.31 ? 556 TYR B CB  1 
ATOM   1588 C CG  . TYR B 2 111 ? -15.470 -4.030  15.897  1.00 54.36 ? 556 TYR B CG  1 
ATOM   1589 C CD1 . TYR B 2 111 ? -15.958 -5.229  16.418  1.00 54.57 ? 556 TYR B CD1 1 
ATOM   1590 C CD2 . TYR B 2 111 ? -15.466 -3.866  14.513  1.00 54.72 ? 556 TYR B CD2 1 
ATOM   1591 C CE1 . TYR B 2 111 ? -16.427 -6.239  15.583  1.00 55.26 ? 556 TYR B CE1 1 
ATOM   1592 C CE2 . TYR B 2 111 ? -15.930 -4.871  13.668  1.00 55.81 ? 556 TYR B CE2 1 
ATOM   1593 C CZ  . TYR B 2 111 ? -16.409 -6.054  14.211  1.00 55.17 ? 556 TYR B CZ  1 
ATOM   1594 O OH  . TYR B 2 111 ? -16.866 -7.048  13.383  1.00 54.94 ? 556 TYR B OH  1 
ATOM   1595 N N   . ASP B 2 112 ? -12.166 -2.273  18.990  1.00 48.62 ? 557 ASP B N   1 
ATOM   1596 C CA  . ASP B 2 112 ? -11.640 -1.225  19.853  1.00 47.04 ? 557 ASP B CA  1 
ATOM   1597 C C   . ASP B 2 112 ? -10.417 -0.602  19.193  1.00 45.70 ? 557 ASP B C   1 
ATOM   1598 O O   . ASP B 2 112 ? -9.319  -1.168  19.211  1.00 43.05 ? 557 ASP B O   1 
ATOM   1599 C CB  . ASP B 2 112 ? -11.277 -1.796  21.227  1.00 47.89 ? 557 ASP B CB  1 
ATOM   1600 C CG  . ASP B 2 112 ? -10.559 -0.788  22.108  1.00 49.67 ? 557 ASP B CG  1 
ATOM   1601 O OD1 . ASP B 2 112 ? -11.032 0.363   22.221  1.00 49.18 ? 557 ASP B OD1 1 
ATOM   1602 O OD2 . ASP B 2 112 ? -9.521  -1.157  22.695  1.00 51.94 ? 557 ASP B OD2 1 
ATOM   1603 N N   . MET B 2 113 ? -10.619 0.575   18.610  1.00 44.35 ? 558 MET B N   1 
ATOM   1604 C CA  . MET B 2 113 ? -9.552  1.280   17.913  1.00 43.46 ? 558 MET B CA  1 
ATOM   1605 C C   . MET B 2 113 ? -8.334  1.587   18.787  1.00 43.13 ? 558 MET B C   1 
ATOM   1606 O O   . MET B 2 113 ? -7.263  1.910   18.273  1.00 42.38 ? 558 MET B O   1 
ATOM   1607 C CB  . MET B 2 113 ? -10.122 2.549   17.274  1.00 42.35 ? 558 MET B CB  1 
ATOM   1608 C CG  . MET B 2 113 ? -11.251 2.234   16.296  1.00 42.61 ? 558 MET B CG  1 
ATOM   1609 S SD  . MET B 2 113 ? -12.093 3.662   15.599  1.00 43.10 ? 558 MET B SD  1 
ATOM   1610 C CE  . MET B 2 113 ? -13.015 4.255   17.027  1.00 42.39 ? 558 MET B CE  1 
ATOM   1611 N N   . ASP B 2 114 ? -8.490  1.477   20.105  1.00 42.99 ? 559 ASP B N   1 
ATOM   1612 C CA  . ASP B 2 114 ? -7.362  1.713   21.002  1.00 43.67 ? 559 ASP B CA  1 
ATOM   1613 C C   . ASP B 2 114 ? -6.551  0.425   21.145  1.00 42.97 ? 559 ASP B C   1 
ATOM   1614 O O   . ASP B 2 114 ? -5.461  0.426   21.716  1.00 43.74 ? 559 ASP B O   1 
ATOM   1615 C CB  . ASP B 2 114 ? -7.832  2.193   22.380  1.00 44.73 ? 559 ASP B CB  1 
ATOM   1616 C CG  . ASP B 2 114 ? -8.458  3.573   22.336  1.00 44.99 ? 559 ASP B CG  1 
ATOM   1617 O OD1 . ASP B 2 114 ? -7.812  4.513   21.821  1.00 46.49 ? 559 ASP B OD1 1 
ATOM   1618 O OD2 . ASP B 2 114 ? -9.599  3.725   22.823  1.00 46.09 ? 559 ASP B OD2 1 
ATOM   1619 N N   . ASN B 2 115 ? -7.089  -0.676  20.627  1.00 42.42 ? 560 ASN B N   1 
ATOM   1620 C CA  . ASN B 2 115 ? -6.394  -1.960  20.680  1.00 41.75 ? 560 ASN B CA  1 
ATOM   1621 C C   . ASN B 2 115 ? -5.990  -2.370  19.261  1.00 40.21 ? 560 ASN B C   1 
ATOM   1622 O O   . ASN B 2 115 ? -5.626  -3.520  19.011  1.00 39.73 ? 560 ASN B O   1 
ATOM   1623 C CB  . ASN B 2 115 ? -7.294  -3.037  21.306  1.00 42.54 ? 560 ASN B CB  1 
ATOM   1624 C CG  . ASN B 2 115 ? -6.577  -4.372  21.481  1.00 42.25 ? 560 ASN B CG  1 
ATOM   1625 O OD1 . ASN B 2 115 ? -5.481  -4.431  22.035  1.00 42.39 ? 560 ASN B OD1 1 
ATOM   1626 N ND2 . ASN B 2 115 ? -7.199  -5.450  21.007  1.00 45.03 ? 560 ASN B ND2 1 
ATOM   1627 N N   . ILE B 2 116 ? -6.046  -1.408  18.344  1.00 39.26 ? 561 ILE B N   1 
ATOM   1628 C CA  . ILE B 2 116 ? -5.699  -1.640  16.945  1.00 37.87 ? 561 ILE B CA  1 
ATOM   1629 C C   . ILE B 2 116 ? -4.583  -0.705  16.490  1.00 38.42 ? 561 ILE B C   1 
ATOM   1630 O O   . ILE B 2 116 ? -4.555  0.473   16.852  1.00 38.27 ? 561 ILE B O   1 
ATOM   1631 C CB  . ILE B 2 116 ? -6.938  -1.440  16.040  1.00 38.08 ? 561 ILE B CB  1 
ATOM   1632 C CG1 . ILE B 2 116 ? -7.998  -2.485  16.391  1.00 35.73 ? 561 ILE B CG1 1 
ATOM   1633 C CG2 . ILE B 2 116 ? -6.543  -1.553  14.565  1.00 36.96 ? 561 ILE B CG2 1 
ATOM   1634 C CD1 . ILE B 2 116 ? -9.333  -2.262  15.720  1.00 36.05 ? 561 ILE B CD1 1 
ATOM   1635 N N   . SER B 2 117 ? -3.659  -1.242  15.699  1.00 38.23 ? 562 SER B N   1 
ATOM   1636 C CA  . SER B 2 117 ? -2.535  -0.466  15.191  1.00 38.49 ? 562 SER B CA  1 
ATOM   1637 C C   . SER B 2 117 ? -2.133  -0.947  13.799  1.00 37.87 ? 562 SER B C   1 
ATOM   1638 O O   . SER B 2 117 ? -2.487  -2.053  13.379  1.00 37.89 ? 562 SER B O   1 
ATOM   1639 C CB  . SER B 2 117 ? -1.332  -0.603  16.127  1.00 38.67 ? 562 SER B CB  1 
ATOM   1640 O OG  . SER B 2 117 ? -0.886  -1.953  16.168  1.00 39.00 ? 562 SER B OG  1 
ATOM   1641 N N   . VAL B 2 118 ? -1.381  -0.107  13.099  1.00 35.40 ? 563 VAL B N   1 
ATOM   1642 C CA  . VAL B 2 118 ? -0.911  -0.415  11.756  1.00 34.12 ? 563 VAL B CA  1 
ATOM   1643 C C   . VAL B 2 118 ? 0.550   -0.816  11.803  1.00 33.49 ? 563 VAL B C   1 
ATOM   1644 O O   . VAL B 2 118 ? 1.388   -0.051  12.280  1.00 31.76 ? 563 VAL B O   1 
ATOM   1645 C CB  . VAL B 2 118 ? -1.032  0.801   10.833  1.00 32.06 ? 563 VAL B CB  1 
ATOM   1646 C CG1 . VAL B 2 118 ? -0.690  0.400   9.408   1.00 32.54 ? 563 VAL B CG1 1 
ATOM   1647 C CG2 . VAL B 2 118 ? -2.423  1.382   10.927  1.00 32.71 ? 563 VAL B CG2 1 
ATOM   1648 N N   . VAL B 2 119 ? 0.849   -2.010  11.299  1.00 33.91 ? 564 VAL B N   1 
ATOM   1649 C CA  . VAL B 2 119 ? 2.220   -2.516  11.282  1.00 35.58 ? 564 VAL B CA  1 
ATOM   1650 C C   . VAL B 2 119 ? 2.588   -3.091  9.915   1.00 36.90 ? 564 VAL B C   1 
ATOM   1651 O O   . VAL B 2 119 ? 1.711   -3.419  9.113   1.00 36.37 ? 564 VAL B O   1 
ATOM   1652 C CB  . VAL B 2 119 ? 2.421   -3.627  12.338  1.00 36.25 ? 564 VAL B CB  1 
ATOM   1653 C CG1 . VAL B 2 119 ? 2.177   -3.064  13.739  1.00 35.78 ? 564 VAL B CG1 1 
ATOM   1654 C CG2 . VAL B 2 119 ? 1.479   -4.786  12.062  1.00 37.04 ? 564 VAL B CG2 1 
ATOM   1655 N N   . THR B 2 120 ? 3.887   -3.199  9.655   1.00 37.90 ? 565 THR B N   1 
ATOM   1656 C CA  . THR B 2 120 ? 4.388   -3.755  8.404   1.00 38.99 ? 565 THR B CA  1 
ATOM   1657 C C   . THR B 2 120 ? 4.348   -5.278  8.506   1.00 40.79 ? 565 THR B C   1 
ATOM   1658 O O   . THR B 2 120 ? 4.267   -5.831  9.605   1.00 39.50 ? 565 THR B O   1 
ATOM   1659 C CB  . THR B 2 120 ? 5.848   -3.347  8.152   1.00 39.38 ? 565 THR B CB  1 
ATOM   1660 O OG1 . THR B 2 120 ? 6.686   -3.915  9.170   1.00 40.40 ? 565 THR B OG1 1 
ATOM   1661 C CG2 . THR B 2 120 ? 5.990   -1.838  8.167   1.00 38.73 ? 565 THR B CG2 1 
ATOM   1662 N N   . PRO B 2 121 ? 4.400   -5.976  7.358   1.00 42.36 ? 566 PRO B N   1 
ATOM   1663 C CA  . PRO B 2 121 ? 4.374   -7.442  7.344   1.00 44.45 ? 566 PRO B CA  1 
ATOM   1664 C C   . PRO B 2 121 ? 5.552   -8.028  8.115   1.00 47.04 ? 566 PRO B C   1 
ATOM   1665 O O   . PRO B 2 121 ? 5.394   -8.977  8.881   1.00 45.90 ? 566 PRO B O   1 
ATOM   1666 C CB  . PRO B 2 121 ? 4.447   -7.772  5.855   1.00 44.62 ? 566 PRO B CB  1 
ATOM   1667 C CG  . PRO B 2 121 ? 3.731   -6.603  5.231   1.00 44.29 ? 566 PRO B CG  1 
ATOM   1668 C CD  . PRO B 2 121 ? 4.322   -5.442  5.987   1.00 41.92 ? 566 PRO B CD  1 
ATOM   1669 N N   . LYS B 2 122 ? 6.732   -7.449  7.900   1.00 50.41 ? 567 LYS B N   1 
ATOM   1670 C CA  . LYS B 2 122 ? 7.951   -7.900  8.565   1.00 54.07 ? 567 LYS B CA  1 
ATOM   1671 C C   . LYS B 2 122 ? 7.818   -7.889  10.085  1.00 55.80 ? 567 LYS B C   1 
ATOM   1672 O O   . LYS B 2 122 ? 8.061   -8.907  10.738  1.00 56.35 ? 567 LYS B O   1 
ATOM   1673 C CB  . LYS B 2 122 ? 9.139   -7.023  8.152   1.00 55.26 ? 567 LYS B CB  1 
ATOM   1674 C CG  . LYS B 2 122 ? 9.548   -7.176  6.690   1.00 58.38 ? 567 LYS B CG  1 
ATOM   1675 C CD  . LYS B 2 122 ? 10.297  -8.480  6.444   1.00 59.11 ? 567 LYS B CD  1 
ATOM   1676 C CE  . LYS B 2 122 ? 11.775  -8.360  6.815   1.00 59.87 ? 567 LYS B CE  1 
ATOM   1677 N NZ  . LYS B 2 122 ? 12.509  -7.443  5.888   1.00 58.29 ? 567 LYS B NZ  1 
ATOM   1678 N N   . ARG B 2 123 ? 7.431   -6.751  10.656  1.00 57.03 ? 568 ARG B N   1 
ATOM   1679 C CA  . ARG B 2 123 ? 7.299   -6.677  12.106  1.00 59.29 ? 568 ARG B CA  1 
ATOM   1680 C C   . ARG B 2 123 ? 6.060   -7.416  12.603  1.00 60.10 ? 568 ARG B C   1 
ATOM   1681 O O   . ARG B 2 123 ? 6.031   -7.897  13.737  1.00 59.37 ? 568 ARG B O   1 
ATOM   1682 C CB  . ARG B 2 123 ? 7.258   -5.226  12.587  1.00 59.09 ? 568 ARG B CB  1 
ATOM   1683 C CG  . ARG B 2 123 ? 7.432   -5.116  14.100  1.00 61.07 ? 568 ARG B CG  1 
ATOM   1684 C CD  . ARG B 2 123 ? 8.822   -5.578  14.528  1.00 62.45 ? 568 ARG B CD  1 
ATOM   1685 N NE  . ARG B 2 123 ? 8.875   -5.982  15.935  1.00 64.70 ? 568 ARG B NE  1 
ATOM   1686 C CZ  . ARG B 2 123 ? 8.563   -5.194  16.959  1.00 63.72 ? 568 ARG B CZ  1 
ATOM   1687 N NH1 . ARG B 2 123 ? 8.172   -3.946  16.747  1.00 64.18 ? 568 ARG B NH1 1 
ATOM   1688 N NH2 . ARG B 2 123 ? 8.636   -5.658  18.198  1.00 63.50 ? 568 ARG B NH2 1 
ATOM   1689 N N   . ALA B 2 124 ? 5.042   -7.505  11.756  1.00 61.05 ? 569 ALA B N   1 
ATOM   1690 C CA  . ALA B 2 124 ? 3.818   -8.201  12.123  1.00 62.70 ? 569 ALA B CA  1 
ATOM   1691 C C   . ALA B 2 124 ? 4.176   -9.632  12.519  1.00 64.85 ? 569 ALA B C   1 
ATOM   1692 O O   . ALA B 2 124 ? 3.526   -10.241 13.370  1.00 65.01 ? 569 ALA B O   1 
ATOM   1693 C CB  . ALA B 2 124 ? 2.847   -8.207  10.950  1.00 62.51 ? 569 ALA B CB  1 
ATOM   1694 N N   . ILE B 2 125 ? 5.223   -10.158 11.893  1.00 66.44 ? 570 ILE B N   1 
ATOM   1695 C CA  . ILE B 2 125 ? 5.689   -11.513 12.160  1.00 68.90 ? 570 ILE B CA  1 
ATOM   1696 C C   . ILE B 2 125 ? 6.679   -11.487 13.318  1.00 70.69 ? 570 ILE B C   1 
ATOM   1697 O O   . ILE B 2 125 ? 6.639   -12.331 14.216  1.00 70.78 ? 570 ILE B O   1 
ATOM   1698 C CB  . ILE B 2 125 ? 6.397   -12.101 10.926  1.00 68.14 ? 570 ILE B CB  1 
ATOM   1699 C CG1 . ILE B 2 125 ? 5.472   -12.019 9.713   1.00 67.43 ? 570 ILE B CG1 1 
ATOM   1700 C CG2 . ILE B 2 125 ? 6.804   -13.544 11.194  1.00 69.16 ? 570 ILE B CG2 1 
ATOM   1701 C CD1 . ILE B 2 125 ? 6.120   -12.417 8.416   1.00 66.07 ? 570 ILE B CD1 1 
ATOM   1702 N N   . ASP B 2 126 ? 7.569   -10.505 13.275  1.00 72.81 ? 571 ASP B N   1 
ATOM   1703 C CA  . ASP B 2 126 ? 8.588   -10.324 14.295  1.00 75.01 ? 571 ASP B CA  1 
ATOM   1704 C C   . ASP B 2 126 ? 7.970   -10.311 15.693  1.00 75.81 ? 571 ASP B C   1 
ATOM   1705 O O   . ASP B 2 126 ? 8.348   -11.109 16.552  1.00 75.86 ? 571 ASP B O   1 
ATOM   1706 C CB  . ASP B 2 126 ? 9.334   -9.012  14.029  1.00 76.86 ? 571 ASP B CB  1 
ATOM   1707 C CG  . ASP B 2 126 ? 10.586  -8.870  14.864  1.00 78.65 ? 571 ASP B CG  1 
ATOM   1708 O OD1 . ASP B 2 126 ? 10.476  -8.871  16.111  1.00 80.43 ? 571 ASP B OD1 1 
ATOM   1709 O OD2 . ASP B 2 126 ? 11.680  -8.752  14.270  1.00 79.81 ? 571 ASP B OD2 1 
ATOM   1710 N N   . ILE B 2 127 ? 7.015   -9.412  15.917  1.00 76.69 ? 572 ILE B N   1 
ATOM   1711 C CA  . ILE B 2 127 ? 6.361   -9.301  17.221  1.00 77.83 ? 572 ILE B CA  1 
ATOM   1712 C C   . ILE B 2 127 ? 5.828   -10.644 17.711  1.00 78.55 ? 572 ILE B C   1 
ATOM   1713 O O   . ILE B 2 127 ? 5.673   -10.856 18.912  1.00 78.86 ? 572 ILE B O   1 
ATOM   1714 C CB  . ILE B 2 127 ? 5.187   -8.294  17.192  1.00 77.57 ? 572 ILE B CB  1 
ATOM   1715 C CG1 . ILE B 2 127 ? 4.111   -8.774  16.220  1.00 78.12 ? 572 ILE B CG1 1 
ATOM   1716 C CG2 . ILE B 2 127 ? 5.694   -6.913  16.799  1.00 76.79 ? 572 ILE B CG2 1 
ATOM   1717 C CD1 . ILE B 2 127 ? 2.859   -7.914  16.226  1.00 79.54 ? 572 ILE B CD1 1 
ATOM   1718 N N   . HIS B 2 128 ? 5.545   -11.546 16.779  1.00 79.43 ? 573 HIS B N   1 
ATOM   1719 C CA  . HIS B 2 128 ? 5.038   -12.864 17.133  1.00 81.02 ? 573 HIS B CA  1 
ATOM   1720 C C   . HIS B 2 128 ? 6.112   -13.933 16.967  1.00 81.33 ? 573 HIS B C   1 
ATOM   1721 O O   . HIS B 2 128 ? 7.273   -13.563 16.679  1.00 81.12 ? 573 HIS B O   1 
ATOM   1722 C CB  . HIS B 2 128 ? 3.818   -13.212 16.279  1.00 82.20 ? 573 HIS B CB  1 
ATOM   1723 C CG  . HIS B 2 128 ? 2.622   -12.357 16.561  1.00 84.61 ? 573 HIS B CG  1 
ATOM   1724 N ND1 . HIS B 2 128 ? 2.102   -12.205 17.830  1.00 85.27 ? 573 HIS B ND1 1 
ATOM   1725 C CD2 . HIS B 2 128 ? 1.834   -11.621 15.742  1.00 85.37 ? 573 HIS B CD2 1 
ATOM   1726 C CE1 . HIS B 2 128 ? 1.044   -11.411 17.778  1.00 85.83 ? 573 HIS B CE1 1 
ATOM   1727 N NE2 . HIS B 2 128 ? 0.862   -11.044 16.523  1.00 86.07 ? 573 HIS B NE2 1 
ATOM   1728 O OXT . HIS B 2 128 ? 5.783   -15.128 17.139  1.00 81.90 ? 573 HIS B OXT 1 
HETATM 1729 O O   . HOH C 3 .   ? 1.714   6.583   -7.205  1.00 16.41 ? 88  HOH A O   1 
HETATM 1730 O O   . HOH C 3 .   ? 1.250   4.605   -12.225 1.00 26.89 ? 89  HOH A O   1 
HETATM 1731 O O   . HOH C 3 .   ? 6.622   -0.727  -2.811  1.00 24.98 ? 90  HOH A O   1 
HETATM 1732 O O   . HOH C 3 .   ? -10.514 -2.502  -11.352 1.00 22.35 ? 91  HOH A O   1 
HETATM 1733 O O   . HOH C 3 .   ? -0.160  11.861  -16.220 1.00 25.44 ? 92  HOH A O   1 
HETATM 1734 O O   . HOH C 3 .   ? -5.815  -7.701  -8.609  1.00 22.85 ? 93  HOH A O   1 
HETATM 1735 O O   . HOH C 3 .   ? 14.446  -6.232  -18.814 1.00 27.50 ? 94  HOH A O   1 
HETATM 1736 O O   . HOH C 3 .   ? 20.945  8.694   -16.655 1.00 29.04 ? 95  HOH A O   1 
HETATM 1737 O O   . HOH C 3 .   ? 9.262   13.467  -13.785 1.00 31.78 ? 96  HOH A O   1 
HETATM 1738 O O   . HOH C 3 .   ? -0.280  -7.900  0.771   1.00 39.70 ? 97  HOH A O   1 
HETATM 1739 O O   . HOH C 3 .   ? 4.744   13.724  -15.126 1.00 37.94 ? 98  HOH A O   1 
HETATM 1740 O O   . HOH C 3 .   ? 8.711   9.871   -19.324 1.00 31.83 ? 99  HOH A O   1 
HETATM 1741 O O   . HOH C 3 .   ? 4.552   -3.975  -4.015  1.00 29.47 ? 100 HOH A O   1 
HETATM 1742 O O   . HOH C 3 .   ? 16.387  5.606   -9.720  1.00 32.30 ? 101 HOH A O   1 
HETATM 1743 O O   . HOH C 3 .   ? 3.402   4.446   3.715   1.00 39.00 ? 102 HOH A O   1 
HETATM 1744 O O   . HOH C 3 .   ? 16.969  7.025   -11.753 1.00 37.77 ? 103 HOH A O   1 
HETATM 1745 O O   . HOH C 3 .   ? -6.246  -10.092 -2.296  1.00 34.42 ? 104 HOH A O   1 
HETATM 1746 O O   . HOH C 3 .   ? 4.229   -11.377 -4.940  1.00 45.32 ? 105 HOH A O   1 
HETATM 1747 O O   . HOH C 3 .   ? -3.207  -0.868  -20.626 1.00 31.94 ? 106 HOH A O   1 
HETATM 1748 O O   . HOH C 3 .   ? 11.177  7.271   -6.999  1.00 33.16 ? 107 HOH A O   1 
HETATM 1749 O O   . HOH C 3 .   ? 1.139   1.780   -11.886 1.00 20.48 ? 108 HOH A O   1 
HETATM 1750 O O   . HOH C 3 .   ? 17.349  3.869   -20.374 1.00 35.03 ? 109 HOH A O   1 
HETATM 1751 O O   . HOH C 3 .   ? 17.032  -1.613  -26.120 1.00 39.32 ? 110 HOH A O   1 
HETATM 1752 O O   . HOH C 3 .   ? 6.709   11.918  -6.812  1.00 33.00 ? 111 HOH A O   1 
HETATM 1753 O O   . HOH C 3 .   ? 3.745   14.384  -9.024  1.00 33.29 ? 112 HOH A O   1 
HETATM 1754 O O   . HOH C 3 .   ? -10.317 -9.121  -7.955  1.00 39.57 ? 113 HOH A O   1 
HETATM 1755 O O   . HOH C 3 .   ? 8.632   -10.685 -25.268 1.00 40.24 ? 114 HOH A O   1 
HETATM 1756 O O   . HOH C 3 .   ? 13.726  -2.492  -32.743 1.00 49.72 ? 115 HOH A O   1 
HETATM 1757 O O   . HOH C 3 .   ? 12.231  -0.436  0.000   1.00 38.11 ? 116 HOH A O   1 
HETATM 1758 O O   . HOH C 3 .   ? 15.409  3.938   -22.453 1.00 34.18 ? 117 HOH A O   1 
HETATM 1759 O O   . HOH C 3 .   ? 14.398  -7.230  -26.733 1.00 48.98 ? 118 HOH A O   1 
HETATM 1760 O O   . HOH C 3 .   ? 4.401   2.099   -29.091 1.00 30.99 ? 119 HOH A O   1 
HETATM 1761 O O   . HOH C 3 .   ? 6.247   -3.623  -29.787 1.00 49.33 ? 120 HOH A O   1 
HETATM 1762 O O   . HOH C 3 .   ? 19.409  2.370   -21.189 1.00 35.66 ? 121 HOH A O   1 
HETATM 1763 O O   . HOH C 3 .   ? 14.795  10.735  -10.170 1.00 45.09 ? 122 HOH A O   1 
HETATM 1764 O O   . HOH C 3 .   ? 4.167   -8.757  -6.417  1.00 42.94 ? 123 HOH A O   1 
HETATM 1765 O O   . HOH C 3 .   ? 6.704   5.299   -26.943 1.00 41.28 ? 124 HOH A O   1 
HETATM 1766 O O   . HOH C 3 .   ? -1.862  -11.342 -19.622 1.00 36.94 ? 125 HOH A O   1 
HETATM 1767 O O   . HOH C 3 .   ? 10.889  9.673   -20.438 1.00 46.81 ? 126 HOH A O   1 
HETATM 1768 O O   . HOH C 3 .   ? 16.431  9.600   -11.785 1.00 43.71 ? 127 HOH A O   1 
HETATM 1769 O O   . HOH C 3 .   ? 4.906   7.065   -9.343  1.00 23.77 ? 128 HOH A O   1 
HETATM 1770 O O   . HOH C 3 .   ? 1.768   7.341   -11.091 1.00 28.86 ? 129 HOH A O   1 
HETATM 1771 O O   . HOH C 3 .   ? 0.990   14.062  -15.635 1.00 29.16 ? 130 HOH A O   1 
HETATM 1772 O O   . HOH C 3 .   ? 8.486   12.899  -19.047 1.00 34.99 ? 131 HOH A O   1 
HETATM 1773 O O   . HOH C 3 .   ? 3.620   14.452  -17.174 1.00 40.18 ? 132 HOH A O   1 
HETATM 1774 O O   . HOH C 3 .   ? 10.055  4.166   -26.891 1.00 38.30 ? 133 HOH A O   1 
HETATM 1775 O O   . HOH C 3 .   ? 19.649  9.494   -18.953 1.00 37.02 ? 134 HOH A O   1 
HETATM 1776 O O   . HOH C 3 .   ? -1.156  -13.684 -7.221  1.00 39.20 ? 135 HOH A O   1 
HETATM 1777 O O   . HOH C 3 .   ? 6.922   11.727  -3.997  1.00 45.97 ? 136 HOH A O   1 
HETATM 1778 O O   . HOH C 3 .   ? 4.615   -12.262 -13.421 1.00 31.84 ? 137 HOH A O   1 
HETATM 1779 O O   . HOH C 3 .   ? -7.106  -9.913  -8.918  1.00 34.65 ? 138 HOH A O   1 
HETATM 1780 O O   . HOH C 3 .   ? 6.248   -14.501 -11.334 1.00 42.96 ? 139 HOH A O   1 
HETATM 1781 O O   . HOH C 3 .   ? 3.071   11.186  -4.541  1.00 43.51 ? 140 HOH A O   1 
HETATM 1782 O O   . HOH C 3 .   ? -3.611  -10.709 -24.228 1.00 33.02 ? 141 HOH A O   1 
HETATM 1783 O O   . HOH C 3 .   ? 15.038  -1.380  -1.920  1.00 43.65 ? 142 HOH A O   1 
HETATM 1784 O O   . HOH C 3 .   ? 7.701   13.367  -16.322 1.00 43.12 ? 143 HOH A O   1 
HETATM 1785 O O   . HOH C 3 .   ? 16.756  2.596   -25.807 1.00 43.07 ? 144 HOH A O   1 
HETATM 1786 O O   . HOH C 3 .   ? 7.390   8.463   -1.829  1.00 39.69 ? 145 HOH A O   1 
HETATM 1787 O O   . HOH D 3 .   ? -3.978  3.077   -9.052  1.00 19.19 ? 4   HOH B O   1 
HETATM 1788 O O   . HOH D 3 .   ? 2.675   5.708   -0.477  1.00 21.11 ? 5   HOH B O   1 
HETATM 1789 O O   . HOH D 3 .   ? 4.708   -3.636  -1.079  1.00 26.20 ? 7   HOH B O   1 
HETATM 1790 O O   . HOH D 3 .   ? -7.293  9.667   -1.666  1.00 34.06 ? 8   HOH B O   1 
HETATM 1791 O O   . HOH D 3 .   ? 2.129   7.927   6.585   1.00 28.06 ? 11  HOH B O   1 
HETATM 1792 O O   . HOH D 3 .   ? 9.756   -4.503  -5.229  1.00 28.92 ? 13  HOH B O   1 
HETATM 1793 O O   . HOH D 3 .   ? -14.936 4.555   -1.462  1.00 36.87 ? 14  HOH B O   1 
HETATM 1794 O O   . HOH D 3 .   ? 4.071   12.662  16.066  1.00 44.05 ? 20  HOH B O   1 
HETATM 1795 O O   . HOH D 3 .   ? 6.684   0.398   4.395   1.00 28.00 ? 22  HOH B O   1 
HETATM 1796 O O   . HOH D 3 .   ? 2.845   10.457  14.491  1.00 44.90 ? 23  HOH B O   1 
HETATM 1797 O O   . HOH D 3 .   ? -4.668  -3.566  6.732   1.00 32.67 ? 25  HOH B O   1 
HETATM 1798 O O   . HOH D 3 .   ? -5.738  -4.986  1.469   1.00 38.81 ? 26  HOH B O   1 
HETATM 1799 O O   . HOH D 3 .   ? -10.750 11.877  9.095   1.00 33.29 ? 32  HOH B O   1 
HETATM 1800 O O   . HOH D 3 .   ? 3.567   6.722   1.839   1.00 33.87 ? 33  HOH B O   1 
HETATM 1801 O O   . HOH D 3 .   ? -11.799 10.551  6.957   1.00 31.63 ? 39  HOH B O   1 
HETATM 1802 O O   . HOH D 3 .   ? 0.003   -7.789  4.329   1.00 29.68 ? 43  HOH B O   1 
HETATM 1803 O O   . HOH D 3 .   ? -5.926  10.860  21.701  1.00 38.93 ? 47  HOH B O   1 
HETATM 1804 O O   . HOH D 3 .   ? -4.720  2.933   18.275  1.00 35.20 ? 52  HOH B O   1 
HETATM 1805 O O   . HOH D 3 .   ? -10.106 -10.566 9.684   1.00 46.96 ? 54  HOH B O   1 
HETATM 1806 O O   . HOH D 3 .   ? -12.730 9.119   26.822  1.00 47.07 ? 58  HOH B O   1 
HETATM 1807 O O   . HOH D 3 .   ? -11.501 9.584   -0.862  1.00 42.37 ? 60  HOH B O   1 
HETATM 1808 O O   . HOH D 3 .   ? -1.944  -0.025  19.586  1.00 65.54 ? 62  HOH B O   1 
HETATM 1809 O O   . HOH D 3 .   ? -2.704  -5.894  4.483   1.00 37.99 ? 64  HOH B O   1 
HETATM 1810 O O   . HOH D 3 .   ? 9.915   -10.735 19.340  1.00 43.70 ? 70  HOH B O   1 
HETATM 1811 O O   . HOH D 3 .   ? -10.657 10.326  18.676  1.00 46.43 ? 71  HOH B O   1 
HETATM 1812 O O   . HOH D 3 .   ? 8.259   6.083   3.258   1.00 46.75 ? 73  HOH B O   1 
HETATM 1813 O O   . HOH D 3 .   ? -4.620  7.641   -9.381  1.00 35.32 ? 76  HOH B O   1 
HETATM 1814 O O   . HOH D 3 .   ? -4.921  4.460   20.627  1.00 46.95 ? 80  HOH B O   1 
HETATM 1815 O O   . HOH D 3 .   ? -7.152  16.279  8.326   1.00 42.73 ? 82  HOH B O   1 
HETATM 1816 O O   . HOH D 3 .   ? -13.093 12.894  6.062   1.00 42.58 ? 86  HOH B O   1 
HETATM 1817 O O   . HOH D 3 .   ? -9.156  -4.560  3.461   1.00 43.48 ? 87  HOH B O   1 
HETATM 1818 O O   . HOH D 3 .   ? 9.412   -14.905 15.528  1.00 40.33 ? 91  HOH B O   1 
HETATM 1819 O O   . HOH D 3 .   ? -12.648 -13.161 5.992   1.00 48.21 ? 92  HOH B O   1 
# 
loop_
_pdbx_poly_seq_scheme.asym_id 
_pdbx_poly_seq_scheme.entity_id 
_pdbx_poly_seq_scheme.seq_id 
_pdbx_poly_seq_scheme.mon_id 
_pdbx_poly_seq_scheme.ndb_seq_num 
_pdbx_poly_seq_scheme.pdb_seq_num 
_pdbx_poly_seq_scheme.auth_seq_num 
_pdbx_poly_seq_scheme.pdb_mon_id 
_pdbx_poly_seq_scheme.auth_mon_id 
_pdbx_poly_seq_scheme.pdb_strand_id 
_pdbx_poly_seq_scheme.pdb_ins_code 
_pdbx_poly_seq_scheme.hetero 
A 1 1   MET 1   1   1   MET MET A . n 
A 1 2   GLU 2   2   2   GLU GLU A . n 
A 1 3   LEU 3   3   3   LEU LEU A . n 
A 1 4   LYS 4   4   4   LYS LYS A . n 
A 1 5   ASN 5   5   5   ASN ASN A . n 
A 1 6   SER 6   6   6   SER SER A . n 
A 1 7   ILE 7   7   7   ILE ILE A . n 
A 1 8   SER 8   8   8   SER SER A . n 
A 1 9   ASP 9   9   9   ASP ASP A . n 
A 1 10  TYR 10  10  10  TYR TYR A . n 
A 1 11  THR 11  11  11  THR THR A . n 
A 1 12  GLU 12  12  12  GLU GLU A . n 
A 1 13  ALA 13  13  13  ALA ALA A . n 
A 1 14  GLU 14  14  14  GLU GLU A . n 
A 1 15  PHE 15  15  15  PHE PHE A . n 
A 1 16  VAL 16  16  16  VAL VAL A . n 
A 1 17  GLN 17  17  17  GLN GLN A . n 
A 1 18  LEU 18  18  18  LEU LEU A . n 
A 1 19  LEU 19  19  19  LEU LEU A . n 
A 1 20  LYS 20  20  20  LYS LYS A . n 
A 1 21  GLU 21  21  21  GLU GLU A . n 
A 1 22  ILE 22  22  22  ILE ILE A . n 
A 1 23  GLU 23  23  23  GLU GLU A . n 
A 1 24  LYS 24  24  24  LYS LYS A . n 
A 1 25  GLU 25  25  25  GLU GLU A . n 
A 1 26  ASN 26  26  26  ASN ASN A . n 
A 1 27  VAL 27  27  27  VAL VAL A . n 
A 1 28  ALA 28  28  28  ALA ALA A . n 
A 1 29  ALA 29  29  29  ALA ALA A . n 
A 1 30  THR 30  30  30  THR THR A . n 
A 1 31  ASP 31  31  31  ASP ASP A . n 
A 1 32  ASP 32  32  32  ASP ASP A . n 
A 1 33  VAL 33  33  33  VAL VAL A . n 
A 1 34  LEU 34  34  34  LEU LEU A . n 
A 1 35  TYR 35  35  35  TYR TYR A . n 
A 1 36  VAL 36  36  36  VAL VAL A . n 
A 1 37  LEU 37  37  37  LEU LEU A . n 
A 1 38  LEU 38  38  38  LEU LEU A . n 
A 1 39  GLU 39  39  39  GLU GLU A . n 
A 1 40  HIS 40  40  40  HIS HIS A . n 
A 1 41  PHE 41  41  41  PHE PHE A . n 
A 1 42  VAL 42  42  42  VAL VAL A . n 
A 1 43  LYS 43  43  43  LYS LYS A . n 
A 1 44  ILE 44  44  44  ILE ILE A . n 
A 1 45  THR 45  45  45  THR THR A . n 
A 1 46  GLU 46  46  46  GLU GLU A . n 
A 1 47  HIS 47  47  47  HIS HIS A . n 
A 1 48  PRO 48  48  48  PRO PRO A . n 
A 1 49  ASP 49  49  49  ASP ASP A . n 
A 1 50  GLY 50  50  50  GLY GLY A . n 
A 1 51  THR 51  51  51  THR THR A . n 
A 1 52  ASP 52  52  52  ASP ASP A . n 
A 1 53  LEU 53  53  53  LEU LEU A . n 
A 1 54  ILE 54  54  54  ILE ILE A . n 
A 1 55  TYR 55  55  55  TYR TYR A . n 
A 1 56  TYR 56  56  56  TYR TYR A . n 
A 1 57  PRO 57  57  57  PRO PRO A . n 
A 1 58  SER 58  58  58  SER SER A . n 
A 1 59  ASP 59  59  59  ASP ASP A . n 
A 1 60  ASN 60  60  60  ASN ASN A . n 
A 1 61  ARG 61  61  61  ARG ARG A . n 
A 1 62  ASP 62  62  62  ASP ASP A . n 
A 1 63  ASP 63  63  63  ASP ASP A . n 
A 1 64  SER 64  64  64  SER SER A . n 
A 1 65  PRO 65  65  65  PRO PRO A . n 
A 1 66  GLU 66  66  66  GLU GLU A . n 
A 1 67  GLY 67  67  67  GLY GLY A . n 
A 1 68  ILE 68  68  68  ILE ILE A . n 
A 1 69  VAL 69  69  69  VAL VAL A . n 
A 1 70  LYS 70  70  70  LYS LYS A . n 
A 1 71  GLU 71  71  71  GLU GLU A . n 
A 1 72  ILE 72  72  72  ILE ILE A . n 
A 1 73  LYS 73  73  73  LYS LYS A . n 
A 1 74  GLU 74  74  74  GLU GLU A . n 
A 1 75  TRP 75  75  75  TRP TRP A . n 
A 1 76  ARG 76  76  76  ARG ARG A . n 
A 1 77  ALA 77  77  77  ALA ALA A . n 
A 1 78  ALA 78  78  78  ALA ALA A . n 
A 1 79  ASN 79  79  79  ASN ASN A . n 
A 1 80  GLY 80  80  80  GLY GLY A . n 
A 1 81  LYS 81  81  81  LYS LYS A . n 
A 1 82  PRO 82  82  82  PRO PRO A . n 
A 1 83  GLY 83  83  83  GLY GLY A . n 
A 1 84  PHE 84  84  84  PHE PHE A . n 
A 1 85  LYS 85  85  85  LYS LYS A . n 
A 1 86  GLN 86  86  86  GLN GLN A . n 
A 1 87  GLY 87  87  87  GLY GLY A . n 
B 2 1   LYS 1   446 ?   ?   ?   B . n 
B 2 2   ARG 2   447 447 ARG ARG B . n 
B 2 3   ASN 3   448 448 ASN ASN B . n 
B 2 4   LYS 4   449 449 LYS LYS B . n 
B 2 5   PRO 5   450 450 PRO PRO B . n 
B 2 6   GLY 6   451 451 GLY GLY B . n 
B 2 7   LYS 7   452 452 LYS LYS B . n 
B 2 8   ALA 8   453 453 ALA ALA B . n 
B 2 9   THR 9   454 454 THR THR B . n 
B 2 10  GLY 10  455 455 GLY GLY B . n 
B 2 11  LYS 11  456 456 LYS LYS B . n 
B 2 12  GLY 12  457 457 GLY GLY B . n 
B 2 13  LYS 13  458 458 LYS LYS B . n 
B 2 14  PRO 14  459 459 PRO PRO B . n 
B 2 15  VAL 15  460 460 VAL VAL B . n 
B 2 16  ASN 16  461 461 ASN ASN B . n 
B 2 17  ASN 17  462 462 ASN ASN B . n 
B 2 18  LYS 18  463 463 LYS LYS B . n 
B 2 19  TRP 19  464 464 TRP TRP B . n 
B 2 20  LEU 20  465 465 LEU LEU B . n 
B 2 21  ASN 21  466 466 ASN ASN B . n 
B 2 22  ASN 22  467 467 ASN ASN B . n 
B 2 23  ALA 23  468 468 ALA ALA B . n 
B 2 24  GLY 24  469 469 GLY GLY B . n 
B 2 25  LYS 25  470 470 LYS LYS B . n 
B 2 26  ASP 26  471 471 ASP ASP B . n 
B 2 27  LEU 27  472 472 LEU LEU B . n 
B 2 28  GLY 28  473 473 GLY GLY B . n 
B 2 29  SER 29  474 474 SER SER B . n 
B 2 30  PRO 30  475 475 PRO PRO B . n 
B 2 31  VAL 31  476 476 VAL VAL B . n 
B 2 32  PRO 32  477 477 PRO PRO B . n 
B 2 33  ASP 33  478 478 ASP ASP B . n 
B 2 34  ARG 34  479 479 ARG ARG B . n 
B 2 35  ILE 35  480 480 ILE ILE B . n 
B 2 36  ALA 36  481 481 ALA ALA B . n 
B 2 37  ASN 37  482 482 ASN ASN B . n 
B 2 38  LYS 38  483 483 LYS LYS B . n 
B 2 39  LEU 39  484 484 LEU LEU B . n 
B 2 40  ARG 40  485 485 ARG ARG B . n 
B 2 41  ASP 41  486 486 ASP ASP B . n 
B 2 42  LYS 42  487 487 LYS LYS B . n 
B 2 43  GLU 43  488 488 GLU GLU B . n 
B 2 44  PHE 44  489 489 PHE PHE B . n 
B 2 45  LYS 45  490 490 LYS LYS B . n 
B 2 46  SER 46  491 491 SER SER B . n 
B 2 47  PHE 47  492 492 PHE PHE B . n 
B 2 48  ASP 48  493 493 ASP ASP B . n 
B 2 49  ASP 49  494 494 ASP ASP B . n 
B 2 50  PHE 50  495 495 PHE PHE B . n 
B 2 51  ARG 51  496 496 ARG ARG B . n 
B 2 52  LYS 52  497 497 LYS LYS B . n 
B 2 53  LYS 53  498 498 LYS LYS B . n 
B 2 54  PHE 54  499 499 PHE PHE B . n 
B 2 55  TRP 55  500 500 TRP TRP B . n 
B 2 56  GLU 56  501 501 GLU GLU B . n 
B 2 57  GLU 57  502 502 GLU GLU B . n 
B 2 58  VAL 58  503 503 VAL VAL B . n 
B 2 59  SER 59  504 504 SER SER B . n 
B 2 60  LYS 60  505 505 LYS LYS B . n 
B 2 61  ASP 61  506 506 ASP ASP B . n 
B 2 62  PRO 62  507 507 PRO PRO B . n 
B 2 63  GLU 63  508 508 GLU GLU B . n 
B 2 64  LEU 64  509 509 LEU LEU B . n 
B 2 65  SER 65  510 510 SER SER B . n 
B 2 66  LYS 66  511 511 LYS LYS B . n 
B 2 67  GLN 67  512 512 GLN GLN B . n 
B 2 68  PHE 68  513 513 PHE PHE B . n 
B 2 69  SER 69  514 514 SER SER B . n 
B 2 70  ARG 70  515 515 ARG ARG B . n 
B 2 71  ASN 71  516 516 ASN ASN B . n 
B 2 72  ASN 72  517 517 ASN ASN B . n 
B 2 73  ASN 73  518 518 ASN ASN B . n 
B 2 74  ASP 74  519 519 ASP ASP B . n 
B 2 75  ARG 75  520 520 ARG ARG B . n 
B 2 76  MET 76  521 521 MET MET B . n 
B 2 77  LYS 77  522 522 LYS LYS B . n 
B 2 78  VAL 78  523 523 VAL VAL B . n 
B 2 79  GLY 79  524 524 GLY GLY B . n 
B 2 80  LYS 80  525 525 LYS LYS B . n 
B 2 81  ALA 81  526 526 ALA ALA B . n 
B 2 82  PRO 82  527 527 PRO PRO B . n 
B 2 83  GLN 83  528 528 GLN GLN B . n 
B 2 84  THR 84  529 529 THR THR B . n 
B 2 85  ARG 85  530 530 ARG ARG B . n 
B 2 86  THR 86  531 531 THR THR B . n 
B 2 87  GLN 87  532 532 GLN GLN B . n 
B 2 88  ASP 88  533 533 ASP ASP B . n 
B 2 89  VAL 89  534 534 VAL VAL B . n 
B 2 90  SER 90  535 535 SER SER B . n 
B 2 91  GLY 91  536 536 GLY GLY B . n 
B 2 92  LYS 92  537 537 LYS LYS B . n 
B 2 93  ARG 93  538 538 ARG ARG B . n 
B 2 94  ARG 94  539 539 ARG ARG B . n 
B 2 95  SER 95  540 540 SER SER B . n 
B 2 96  PHE 96  541 541 PHE PHE B . n 
B 2 97  GLU 97  542 542 GLU GLU B . n 
B 2 98  LEU 98  543 543 LEU LEU B . n 
B 2 99  HIS 99  544 544 HIS HIS B . n 
B 2 100 HIS 100 545 545 HIS HIS B . n 
B 2 101 GLU 101 546 546 GLU GLU B . n 
B 2 102 LYS 102 547 547 LYS LYS B . n 
B 2 103 PRO 103 548 548 PRO PRO B . n 
B 2 104 ILE 104 549 549 ILE ILE B . n 
B 2 105 SER 105 550 550 SER SER B . n 
B 2 106 GLN 106 551 551 GLN GLN B . n 
B 2 107 ASN 107 552 552 ASN ASN B . n 
B 2 108 GLY 108 553 553 GLY GLY B . n 
B 2 109 GLY 109 554 554 GLY GLY B . n 
B 2 110 VAL 110 555 555 VAL VAL B . n 
B 2 111 TYR 111 556 556 TYR TYR B . n 
B 2 112 ASP 112 557 557 ASP ASP B . n 
B 2 113 MET 113 558 558 MET MET B . n 
B 2 114 ASP 114 559 559 ASP ASP B . n 
B 2 115 ASN 115 560 560 ASN ASN B . n 
B 2 116 ILE 116 561 561 ILE ILE B . n 
B 2 117 SER 117 562 562 SER SER B . n 
B 2 118 VAL 118 563 563 VAL VAL B . n 
B 2 119 VAL 119 564 564 VAL VAL B . n 
B 2 120 THR 120 565 565 THR THR B . n 
B 2 121 PRO 121 566 566 PRO PRO B . n 
B 2 122 LYS 122 567 567 LYS LYS B . n 
B 2 123 ARG 123 568 568 ARG ARG B . n 
B 2 124 ALA 124 569 569 ALA ALA B . n 
B 2 125 ILE 125 570 570 ILE ILE B . n 
B 2 126 ASP 126 571 571 ASP ASP B . n 
B 2 127 ILE 127 572 572 ILE ILE B . n 
B 2 128 HIS 128 573 573 HIS HIS B . n 
# 
loop_
_pdbx_nonpoly_scheme.asym_id 
_pdbx_nonpoly_scheme.entity_id 
_pdbx_nonpoly_scheme.mon_id 
_pdbx_nonpoly_scheme.ndb_seq_num 
_pdbx_nonpoly_scheme.pdb_seq_num 
_pdbx_nonpoly_scheme.auth_seq_num 
_pdbx_nonpoly_scheme.pdb_mon_id 
_pdbx_nonpoly_scheme.auth_mon_id 
_pdbx_nonpoly_scheme.pdb_strand_id 
_pdbx_nonpoly_scheme.pdb_ins_code 
C 3 HOH 1  88  1  HOH TIP A . 
C 3 HOH 2  89  2  HOH TIP A . 
C 3 HOH 3  90  6  HOH TIP A . 
C 3 HOH 4  91  9  HOH TIP A . 
C 3 HOH 5  92  10 HOH TIP A . 
C 3 HOH 6  93  12 HOH TIP A . 
C 3 HOH 7  94  15 HOH TIP A . 
C 3 HOH 8  95  16 HOH TIP A . 
C 3 HOH 9  96  17 HOH TIP A . 
C 3 HOH 10 97  18 HOH TIP A . 
C 3 HOH 11 98  19 HOH TIP A . 
C 3 HOH 12 99  21 HOH TIP A . 
C 3 HOH 13 100 24 HOH TIP A . 
C 3 HOH 14 101 27 HOH TIP A . 
C 3 HOH 15 102 28 HOH TIP A . 
C 3 HOH 16 103 30 HOH TIP A . 
C 3 HOH 17 104 31 HOH TIP A . 
C 3 HOH 18 105 34 HOH TIP A . 
C 3 HOH 19 106 35 HOH TIP A . 
C 3 HOH 20 107 36 HOH TIP A . 
C 3 HOH 21 108 37 HOH TIP A . 
C 3 HOH 22 109 40 HOH TIP A . 
C 3 HOH 23 110 41 HOH TIP A . 
C 3 HOH 24 111 42 HOH TIP A . 
C 3 HOH 25 112 44 HOH TIP A . 
C 3 HOH 26 113 45 HOH TIP A . 
C 3 HOH 27 114 46 HOH TIP A . 
C 3 HOH 28 115 48 HOH TIP A . 
C 3 HOH 29 116 49 HOH TIP A . 
C 3 HOH 30 117 50 HOH TIP A . 
C 3 HOH 31 118 51 HOH TIP A . 
C 3 HOH 32 119 53 HOH TIP A . 
C 3 HOH 33 120 55 HOH TIP A . 
C 3 HOH 34 121 56 HOH TIP A . 
C 3 HOH 35 122 57 HOH TIP A . 
C 3 HOH 36 123 59 HOH TIP A . 
C 3 HOH 37 124 61 HOH TIP A . 
C 3 HOH 38 125 63 HOH TIP A . 
C 3 HOH 39 126 65 HOH TIP A . 
C 3 HOH 40 127 66 HOH TIP A . 
C 3 HOH 41 128 67 HOH TIP A . 
C 3 HOH 42 129 68 HOH TIP A . 
C 3 HOH 43 130 69 HOH TIP A . 
C 3 HOH 44 131 72 HOH TIP A . 
C 3 HOH 45 132 74 HOH TIP A . 
C 3 HOH 46 133 75 HOH TIP A . 
C 3 HOH 47 134 77 HOH TIP A . 
C 3 HOH 48 135 78 HOH TIP A . 
C 3 HOH 49 136 79 HOH TIP A . 
C 3 HOH 50 137 81 HOH TIP A . 
C 3 HOH 51 138 83 HOH TIP A . 
C 3 HOH 52 139 84 HOH TIP A . 
C 3 HOH 53 140 85 HOH TIP A . 
C 3 HOH 54 141 88 HOH TIP A . 
C 3 HOH 55 142 89 HOH TIP A . 
C 3 HOH 56 143 90 HOH TIP A . 
C 3 HOH 57 144 93 HOH TIP A . 
C 3 HOH 58 145 94 HOH TIP A . 
D 3 HOH 1  4   4  HOH TIP B . 
D 3 HOH 2  5   5  HOH TIP B . 
D 3 HOH 3  7   7  HOH TIP B . 
D 3 HOH 4  8   8  HOH TIP B . 
D 3 HOH 5  11  11 HOH TIP B . 
D 3 HOH 6  13  13 HOH TIP B . 
D 3 HOH 7  14  14 HOH TIP B . 
D 3 HOH 8  20  20 HOH TIP B . 
D 3 HOH 9  22  22 HOH TIP B . 
D 3 HOH 10 23  23 HOH TIP B . 
D 3 HOH 11 25  25 HOH TIP B . 
D 3 HOH 12 26  26 HOH TIP B . 
D 3 HOH 13 32  32 HOH TIP B . 
D 3 HOH 14 33  33 HOH TIP B . 
D 3 HOH 15 39  39 HOH TIP B . 
D 3 HOH 16 43  43 HOH TIP B . 
D 3 HOH 17 47  47 HOH TIP B . 
D 3 HOH 18 52  52 HOH TIP B . 
D 3 HOH 19 54  54 HOH TIP B . 
D 3 HOH 20 58  58 HOH TIP B . 
D 3 HOH 21 60  60 HOH TIP B . 
D 3 HOH 22 62  62 HOH TIP B . 
D 3 HOH 23 64  64 HOH TIP B . 
D 3 HOH 24 70  70 HOH TIP B . 
D 3 HOH 25 71  71 HOH TIP B . 
D 3 HOH 26 73  73 HOH TIP B . 
D 3 HOH 27 76  76 HOH TIP B . 
D 3 HOH 28 80  80 HOH TIP B . 
D 3 HOH 29 82  82 HOH TIP B . 
D 3 HOH 30 86  86 HOH TIP B . 
D 3 HOH 31 87  87 HOH TIP B . 
D 3 HOH 32 91  91 HOH TIP B . 
D 3 HOH 33 92  92 HOH TIP B . 
# 
_pdbx_struct_assembly.id                   1 
_pdbx_struct_assembly.details              author_defined_assembly 
_pdbx_struct_assembly.method_details       ? 
_pdbx_struct_assembly.oligomeric_details   dimeric 
_pdbx_struct_assembly.oligomeric_count     2 
# 
_pdbx_struct_assembly_gen.assembly_id       1 
_pdbx_struct_assembly_gen.oper_expression   1 
_pdbx_struct_assembly_gen.asym_id_list      A,B,C,D 
# 
_pdbx_struct_oper_list.id                   1 
_pdbx_struct_oper_list.type                 'identity operation' 
_pdbx_struct_oper_list.name                 1_555 
_pdbx_struct_oper_list.symmetry_operation   x,y,z 
_pdbx_struct_oper_list.matrix[1][1]         1.0000000000 
_pdbx_struct_oper_list.matrix[1][2]         0.0000000000 
_pdbx_struct_oper_list.matrix[1][3]         0.0000000000 
_pdbx_struct_oper_list.vector[1]            0.0000000000 
_pdbx_struct_oper_list.matrix[2][1]         0.0000000000 
_pdbx_struct_oper_list.matrix[2][2]         1.0000000000 
_pdbx_struct_oper_list.matrix[2][3]         0.0000000000 
_pdbx_struct_oper_list.vector[2]            0.0000000000 
_pdbx_struct_oper_list.matrix[3][1]         0.0000000000 
_pdbx_struct_oper_list.matrix[3][2]         0.0000000000 
_pdbx_struct_oper_list.matrix[3][3]         1.0000000000 
_pdbx_struct_oper_list.vector[3]            0.0000000000 
# 
loop_
_pdbx_audit_revision_history.ordinal 
_pdbx_audit_revision_history.data_content_type 
_pdbx_audit_revision_history.major_revision 
_pdbx_audit_revision_history.minor_revision 
_pdbx_audit_revision_history.revision_date 
1 'Structure model' 1 0 2004-04-06 
2 'Structure model' 1 1 2008-04-27 
3 'Structure model' 1 2 2011-07-13 
4 'Structure model' 1 3 2021-11-10 
5 'Structure model' 1 4 2023-10-25 
# 
_pdbx_audit_revision_details.ordinal             1 
_pdbx_audit_revision_details.revision_ordinal    1 
_pdbx_audit_revision_details.data_content_type   'Structure model' 
_pdbx_audit_revision_details.provider            repository 
_pdbx_audit_revision_details.type                'Initial release' 
_pdbx_audit_revision_details.description         ? 
_pdbx_audit_revision_details.details             ? 
# 
loop_
_pdbx_audit_revision_group.ordinal 
_pdbx_audit_revision_group.revision_ordinal 
_pdbx_audit_revision_group.data_content_type 
_pdbx_audit_revision_group.group 
1 2 'Structure model' 'Version format compliance' 
2 3 'Structure model' 'Version format compliance' 
3 4 'Structure model' 'Database references'       
4 5 'Structure model' 'Data collection'           
5 5 'Structure model' 'Refinement description'    
# 
loop_
_pdbx_audit_revision_category.ordinal 
_pdbx_audit_revision_category.revision_ordinal 
_pdbx_audit_revision_category.data_content_type 
_pdbx_audit_revision_category.category 
1 4 'Structure model' database_2                    
2 4 'Structure model' struct_ref_seq_dif            
3 5 'Structure model' chem_comp_atom                
4 5 'Structure model' chem_comp_bond                
5 5 'Structure model' pdbx_initial_refinement_model 
# 
loop_
_pdbx_audit_revision_item.ordinal 
_pdbx_audit_revision_item.revision_ordinal 
_pdbx_audit_revision_item.data_content_type 
_pdbx_audit_revision_item.item 
1 4 'Structure model' '_database_2.pdbx_DOI'                
2 4 'Structure model' '_database_2.pdbx_database_accession' 
3 4 'Structure model' '_struct_ref_seq_dif.details'         
# 
loop_
_software.name 
_software.classification 
_software.version 
_software.citation_id 
_software.pdbx_ordinal 
CNS       refinement       1.0 ? 1 
HKL-2000  'data reduction' .   ? 2 
SCALEPACK 'data scaling'   .   ? 3 
EPMR      phasing          .   ? 4 
# 
loop_
_pdbx_validate_torsion.id 
_pdbx_validate_torsion.PDB_model_num 
_pdbx_validate_torsion.auth_comp_id 
_pdbx_validate_torsion.auth_asym_id 
_pdbx_validate_torsion.auth_seq_id 
_pdbx_validate_torsion.PDB_ins_code 
_pdbx_validate_torsion.label_alt_id 
_pdbx_validate_torsion.phi 
_pdbx_validate_torsion.psi 
1 1 ASN B 448 ? ? -84.50 -157.23 
2 1 ASN B 461 ? ? -89.44 -159.45 
3 1 ASP B 471 ? ? 60.38  -116.56 
4 1 ASP B 486 ? ? 67.14  -15.12  
5 1 ASN B 552 ? ? 64.10  -77.98  
# 
_pdbx_unobs_or_zero_occ_residues.id               1 
_pdbx_unobs_or_zero_occ_residues.PDB_model_num    1 
_pdbx_unobs_or_zero_occ_residues.polymer_flag     Y 
_pdbx_unobs_or_zero_occ_residues.occupancy_flag   1 
_pdbx_unobs_or_zero_occ_residues.auth_asym_id     B 
_pdbx_unobs_or_zero_occ_residues.auth_comp_id     LYS 
_pdbx_unobs_or_zero_occ_residues.auth_seq_id      446 
_pdbx_unobs_or_zero_occ_residues.PDB_ins_code     ? 
_pdbx_unobs_or_zero_occ_residues.label_asym_id    B 
_pdbx_unobs_or_zero_occ_residues.label_comp_id    LYS 
_pdbx_unobs_or_zero_occ_residues.label_seq_id     1 
# 
loop_
_chem_comp_atom.comp_id 
_chem_comp_atom.atom_id 
_chem_comp_atom.type_symbol 
_chem_comp_atom.pdbx_aromatic_flag 
_chem_comp_atom.pdbx_stereo_config 
_chem_comp_atom.pdbx_ordinal 
ALA N    N N N 1   
ALA CA   C N S 2   
ALA C    C N N 3   
ALA O    O N N 4   
ALA CB   C N N 5   
ALA OXT  O N N 6   
ALA H    H N N 7   
ALA H2   H N N 8   
ALA HA   H N N 9   
ALA HB1  H N N 10  
ALA HB2  H N N 11  
ALA HB3  H N N 12  
ALA HXT  H N N 13  
ARG N    N N N 14  
ARG CA   C N S 15  
ARG C    C N N 16  
ARG O    O N N 17  
ARG CB   C N N 18  
ARG CG   C N N 19  
ARG CD   C N N 20  
ARG NE   N N N 21  
ARG CZ   C N N 22  
ARG NH1  N N N 23  
ARG NH2  N N N 24  
ARG OXT  O N N 25  
ARG H    H N N 26  
ARG H2   H N N 27  
ARG HA   H N N 28  
ARG HB2  H N N 29  
ARG HB3  H N N 30  
ARG HG2  H N N 31  
ARG HG3  H N N 32  
ARG HD2  H N N 33  
ARG HD3  H N N 34  
ARG HE   H N N 35  
ARG HH11 H N N 36  
ARG HH12 H N N 37  
ARG HH21 H N N 38  
ARG HH22 H N N 39  
ARG HXT  H N N 40  
ASN N    N N N 41  
ASN CA   C N S 42  
ASN C    C N N 43  
ASN O    O N N 44  
ASN CB   C N N 45  
ASN CG   C N N 46  
ASN OD1  O N N 47  
ASN ND2  N N N 48  
ASN OXT  O N N 49  
ASN H    H N N 50  
ASN H2   H N N 51  
ASN HA   H N N 52  
ASN HB2  H N N 53  
ASN HB3  H N N 54  
ASN HD21 H N N 55  
ASN HD22 H N N 56  
ASN HXT  H N N 57  
ASP N    N N N 58  
ASP CA   C N S 59  
ASP C    C N N 60  
ASP O    O N N 61  
ASP CB   C N N 62  
ASP CG   C N N 63  
ASP OD1  O N N 64  
ASP OD2  O N N 65  
ASP OXT  O N N 66  
ASP H    H N N 67  
ASP H2   H N N 68  
ASP HA   H N N 69  
ASP HB2  H N N 70  
ASP HB3  H N N 71  
ASP HD2  H N N 72  
ASP HXT  H N N 73  
GLN N    N N N 74  
GLN CA   C N S 75  
GLN C    C N N 76  
GLN O    O N N 77  
GLN CB   C N N 78  
GLN CG   C N N 79  
GLN CD   C N N 80  
GLN OE1  O N N 81  
GLN NE2  N N N 82  
GLN OXT  O N N 83  
GLN H    H N N 84  
GLN H2   H N N 85  
GLN HA   H N N 86  
GLN HB2  H N N 87  
GLN HB3  H N N 88  
GLN HG2  H N N 89  
GLN HG3  H N N 90  
GLN HE21 H N N 91  
GLN HE22 H N N 92  
GLN HXT  H N N 93  
GLU N    N N N 94  
GLU CA   C N S 95  
GLU C    C N N 96  
GLU O    O N N 97  
GLU CB   C N N 98  
GLU CG   C N N 99  
GLU CD   C N N 100 
GLU OE1  O N N 101 
GLU OE2  O N N 102 
GLU OXT  O N N 103 
GLU H    H N N 104 
GLU H2   H N N 105 
GLU HA   H N N 106 
GLU HB2  H N N 107 
GLU HB3  H N N 108 
GLU HG2  H N N 109 
GLU HG3  H N N 110 
GLU HE2  H N N 111 
GLU HXT  H N N 112 
GLY N    N N N 113 
GLY CA   C N N 114 
GLY C    C N N 115 
GLY O    O N N 116 
GLY OXT  O N N 117 
GLY H    H N N 118 
GLY H2   H N N 119 
GLY HA2  H N N 120 
GLY HA3  H N N 121 
GLY HXT  H N N 122 
HIS N    N N N 123 
HIS CA   C N S 124 
HIS C    C N N 125 
HIS O    O N N 126 
HIS CB   C N N 127 
HIS CG   C Y N 128 
HIS ND1  N Y N 129 
HIS CD2  C Y N 130 
HIS CE1  C Y N 131 
HIS NE2  N Y N 132 
HIS OXT  O N N 133 
HIS H    H N N 134 
HIS H2   H N N 135 
HIS HA   H N N 136 
HIS HB2  H N N 137 
HIS HB3  H N N 138 
HIS HD1  H N N 139 
HIS HD2  H N N 140 
HIS HE1  H N N 141 
HIS HE2  H N N 142 
HIS HXT  H N N 143 
HOH O    O N N 144 
HOH H1   H N N 145 
HOH H2   H N N 146 
ILE N    N N N 147 
ILE CA   C N S 148 
ILE C    C N N 149 
ILE O    O N N 150 
ILE CB   C N S 151 
ILE CG1  C N N 152 
ILE CG2  C N N 153 
ILE CD1  C N N 154 
ILE OXT  O N N 155 
ILE H    H N N 156 
ILE H2   H N N 157 
ILE HA   H N N 158 
ILE HB   H N N 159 
ILE HG12 H N N 160 
ILE HG13 H N N 161 
ILE HG21 H N N 162 
ILE HG22 H N N 163 
ILE HG23 H N N 164 
ILE HD11 H N N 165 
ILE HD12 H N N 166 
ILE HD13 H N N 167 
ILE HXT  H N N 168 
LEU N    N N N 169 
LEU CA   C N S 170 
LEU C    C N N 171 
LEU O    O N N 172 
LEU CB   C N N 173 
LEU CG   C N N 174 
LEU CD1  C N N 175 
LEU CD2  C N N 176 
LEU OXT  O N N 177 
LEU H    H N N 178 
LEU H2   H N N 179 
LEU HA   H N N 180 
LEU HB2  H N N 181 
LEU HB3  H N N 182 
LEU HG   H N N 183 
LEU HD11 H N N 184 
LEU HD12 H N N 185 
LEU HD13 H N N 186 
LEU HD21 H N N 187 
LEU HD22 H N N 188 
LEU HD23 H N N 189 
LEU HXT  H N N 190 
LYS N    N N N 191 
LYS CA   C N S 192 
LYS C    C N N 193 
LYS O    O N N 194 
LYS CB   C N N 195 
LYS CG   C N N 196 
LYS CD   C N N 197 
LYS CE   C N N 198 
LYS NZ   N N N 199 
LYS OXT  O N N 200 
LYS H    H N N 201 
LYS H2   H N N 202 
LYS HA   H N N 203 
LYS HB2  H N N 204 
LYS HB3  H N N 205 
LYS HG2  H N N 206 
LYS HG3  H N N 207 
LYS HD2  H N N 208 
LYS HD3  H N N 209 
LYS HE2  H N N 210 
LYS HE3  H N N 211 
LYS HZ1  H N N 212 
LYS HZ2  H N N 213 
LYS HZ3  H N N 214 
LYS HXT  H N N 215 
MET N    N N N 216 
MET CA   C N S 217 
MET C    C N N 218 
MET O    O N N 219 
MET CB   C N N 220 
MET CG   C N N 221 
MET SD   S N N 222 
MET CE   C N N 223 
MET OXT  O N N 224 
MET H    H N N 225 
MET H2   H N N 226 
MET HA   H N N 227 
MET HB2  H N N 228 
MET HB3  H N N 229 
MET HG2  H N N 230 
MET HG3  H N N 231 
MET HE1  H N N 232 
MET HE2  H N N 233 
MET HE3  H N N 234 
MET HXT  H N N 235 
PHE N    N N N 236 
PHE CA   C N S 237 
PHE C    C N N 238 
PHE O    O N N 239 
PHE CB   C N N 240 
PHE CG   C Y N 241 
PHE CD1  C Y N 242 
PHE CD2  C Y N 243 
PHE CE1  C Y N 244 
PHE CE2  C Y N 245 
PHE CZ   C Y N 246 
PHE OXT  O N N 247 
PHE H    H N N 248 
PHE H2   H N N 249 
PHE HA   H N N 250 
PHE HB2  H N N 251 
PHE HB3  H N N 252 
PHE HD1  H N N 253 
PHE HD2  H N N 254 
PHE HE1  H N N 255 
PHE HE2  H N N 256 
PHE HZ   H N N 257 
PHE HXT  H N N 258 
PRO N    N N N 259 
PRO CA   C N S 260 
PRO C    C N N 261 
PRO O    O N N 262 
PRO CB   C N N 263 
PRO CG   C N N 264 
PRO CD   C N N 265 
PRO OXT  O N N 266 
PRO H    H N N 267 
PRO HA   H N N 268 
PRO HB2  H N N 269 
PRO HB3  H N N 270 
PRO HG2  H N N 271 
PRO HG3  H N N 272 
PRO HD2  H N N 273 
PRO HD3  H N N 274 
PRO HXT  H N N 275 
SER N    N N N 276 
SER CA   C N S 277 
SER C    C N N 278 
SER O    O N N 279 
SER CB   C N N 280 
SER OG   O N N 281 
SER OXT  O N N 282 
SER H    H N N 283 
SER H2   H N N 284 
SER HA   H N N 285 
SER HB2  H N N 286 
SER HB3  H N N 287 
SER HG   H N N 288 
SER HXT  H N N 289 
THR N    N N N 290 
THR CA   C N S 291 
THR C    C N N 292 
THR O    O N N 293 
THR CB   C N R 294 
THR OG1  O N N 295 
THR CG2  C N N 296 
THR OXT  O N N 297 
THR H    H N N 298 
THR H2   H N N 299 
THR HA   H N N 300 
THR HB   H N N 301 
THR HG1  H N N 302 
THR HG21 H N N 303 
THR HG22 H N N 304 
THR HG23 H N N 305 
THR HXT  H N N 306 
TRP N    N N N 307 
TRP CA   C N S 308 
TRP C    C N N 309 
TRP O    O N N 310 
TRP CB   C N N 311 
TRP CG   C Y N 312 
TRP CD1  C Y N 313 
TRP CD2  C Y N 314 
TRP NE1  N Y N 315 
TRP CE2  C Y N 316 
TRP CE3  C Y N 317 
TRP CZ2  C Y N 318 
TRP CZ3  C Y N 319 
TRP CH2  C Y N 320 
TRP OXT  O N N 321 
TRP H    H N N 322 
TRP H2   H N N 323 
TRP HA   H N N 324 
TRP HB2  H N N 325 
TRP HB3  H N N 326 
TRP HD1  H N N 327 
TRP HE1  H N N 328 
TRP HE3  H N N 329 
TRP HZ2  H N N 330 
TRP HZ3  H N N 331 
TRP HH2  H N N 332 
TRP HXT  H N N 333 
TYR N    N N N 334 
TYR CA   C N S 335 
TYR C    C N N 336 
TYR O    O N N 337 
TYR CB   C N N 338 
TYR CG   C Y N 339 
TYR CD1  C Y N 340 
TYR CD2  C Y N 341 
TYR CE1  C Y N 342 
TYR CE2  C Y N 343 
TYR CZ   C Y N 344 
TYR OH   O N N 345 
TYR OXT  O N N 346 
TYR H    H N N 347 
TYR H2   H N N 348 
TYR HA   H N N 349 
TYR HB2  H N N 350 
TYR HB3  H N N 351 
TYR HD1  H N N 352 
TYR HD2  H N N 353 
TYR HE1  H N N 354 
TYR HE2  H N N 355 
TYR HH   H N N 356 
TYR HXT  H N N 357 
VAL N    N N N 358 
VAL CA   C N S 359 
VAL C    C N N 360 
VAL O    O N N 361 
VAL CB   C N N 362 
VAL CG1  C N N 363 
VAL CG2  C N N 364 
VAL OXT  O N N 365 
VAL H    H N N 366 
VAL H2   H N N 367 
VAL HA   H N N 368 
VAL HB   H N N 369 
VAL HG11 H N N 370 
VAL HG12 H N N 371 
VAL HG13 H N N 372 
VAL HG21 H N N 373 
VAL HG22 H N N 374 
VAL HG23 H N N 375 
VAL HXT  H N N 376 
# 
loop_
_chem_comp_bond.comp_id 
_chem_comp_bond.atom_id_1 
_chem_comp_bond.atom_id_2 
_chem_comp_bond.value_order 
_chem_comp_bond.pdbx_aromatic_flag 
_chem_comp_bond.pdbx_stereo_config 
_chem_comp_bond.pdbx_ordinal 
ALA N   CA   sing N N 1   
ALA N   H    sing N N 2   
ALA N   H2   sing N N 3   
ALA CA  C    sing N N 4   
ALA CA  CB   sing N N 5   
ALA CA  HA   sing N N 6   
ALA C   O    doub N N 7   
ALA C   OXT  sing N N 8   
ALA CB  HB1  sing N N 9   
ALA CB  HB2  sing N N 10  
ALA CB  HB3  sing N N 11  
ALA OXT HXT  sing N N 12  
ARG N   CA   sing N N 13  
ARG N   H    sing N N 14  
ARG N   H2   sing N N 15  
ARG CA  C    sing N N 16  
ARG CA  CB   sing N N 17  
ARG CA  HA   sing N N 18  
ARG C   O    doub N N 19  
ARG C   OXT  sing N N 20  
ARG CB  CG   sing N N 21  
ARG CB  HB2  sing N N 22  
ARG CB  HB3  sing N N 23  
ARG CG  CD   sing N N 24  
ARG CG  HG2  sing N N 25  
ARG CG  HG3  sing N N 26  
ARG CD  NE   sing N N 27  
ARG CD  HD2  sing N N 28  
ARG CD  HD3  sing N N 29  
ARG NE  CZ   sing N N 30  
ARG NE  HE   sing N N 31  
ARG CZ  NH1  sing N N 32  
ARG CZ  NH2  doub N N 33  
ARG NH1 HH11 sing N N 34  
ARG NH1 HH12 sing N N 35  
ARG NH2 HH21 sing N N 36  
ARG NH2 HH22 sing N N 37  
ARG OXT HXT  sing N N 38  
ASN N   CA   sing N N 39  
ASN N   H    sing N N 40  
ASN N   H2   sing N N 41  
ASN CA  C    sing N N 42  
ASN CA  CB   sing N N 43  
ASN CA  HA   sing N N 44  
ASN C   O    doub N N 45  
ASN C   OXT  sing N N 46  
ASN CB  CG   sing N N 47  
ASN CB  HB2  sing N N 48  
ASN CB  HB3  sing N N 49  
ASN CG  OD1  doub N N 50  
ASN CG  ND2  sing N N 51  
ASN ND2 HD21 sing N N 52  
ASN ND2 HD22 sing N N 53  
ASN OXT HXT  sing N N 54  
ASP N   CA   sing N N 55  
ASP N   H    sing N N 56  
ASP N   H2   sing N N 57  
ASP CA  C    sing N N 58  
ASP CA  CB   sing N N 59  
ASP CA  HA   sing N N 60  
ASP C   O    doub N N 61  
ASP C   OXT  sing N N 62  
ASP CB  CG   sing N N 63  
ASP CB  HB2  sing N N 64  
ASP CB  HB3  sing N N 65  
ASP CG  OD1  doub N N 66  
ASP CG  OD2  sing N N 67  
ASP OD2 HD2  sing N N 68  
ASP OXT HXT  sing N N 69  
GLN N   CA   sing N N 70  
GLN N   H    sing N N 71  
GLN N   H2   sing N N 72  
GLN CA  C    sing N N 73  
GLN CA  CB   sing N N 74  
GLN CA  HA   sing N N 75  
GLN C   O    doub N N 76  
GLN C   OXT  sing N N 77  
GLN CB  CG   sing N N 78  
GLN CB  HB2  sing N N 79  
GLN CB  HB3  sing N N 80  
GLN CG  CD   sing N N 81  
GLN CG  HG2  sing N N 82  
GLN CG  HG3  sing N N 83  
GLN CD  OE1  doub N N 84  
GLN CD  NE2  sing N N 85  
GLN NE2 HE21 sing N N 86  
GLN NE2 HE22 sing N N 87  
GLN OXT HXT  sing N N 88  
GLU N   CA   sing N N 89  
GLU N   H    sing N N 90  
GLU N   H2   sing N N 91  
GLU CA  C    sing N N 92  
GLU CA  CB   sing N N 93  
GLU CA  HA   sing N N 94  
GLU C   O    doub N N 95  
GLU C   OXT  sing N N 96  
GLU CB  CG   sing N N 97  
GLU CB  HB2  sing N N 98  
GLU CB  HB3  sing N N 99  
GLU CG  CD   sing N N 100 
GLU CG  HG2  sing N N 101 
GLU CG  HG3  sing N N 102 
GLU CD  OE1  doub N N 103 
GLU CD  OE2  sing N N 104 
GLU OE2 HE2  sing N N 105 
GLU OXT HXT  sing N N 106 
GLY N   CA   sing N N 107 
GLY N   H    sing N N 108 
GLY N   H2   sing N N 109 
GLY CA  C    sing N N 110 
GLY CA  HA2  sing N N 111 
GLY CA  HA3  sing N N 112 
GLY C   O    doub N N 113 
GLY C   OXT  sing N N 114 
GLY OXT HXT  sing N N 115 
HIS N   CA   sing N N 116 
HIS N   H    sing N N 117 
HIS N   H2   sing N N 118 
HIS CA  C    sing N N 119 
HIS CA  CB   sing N N 120 
HIS CA  HA   sing N N 121 
HIS C   O    doub N N 122 
HIS C   OXT  sing N N 123 
HIS CB  CG   sing N N 124 
HIS CB  HB2  sing N N 125 
HIS CB  HB3  sing N N 126 
HIS CG  ND1  sing Y N 127 
HIS CG  CD2  doub Y N 128 
HIS ND1 CE1  doub Y N 129 
HIS ND1 HD1  sing N N 130 
HIS CD2 NE2  sing Y N 131 
HIS CD2 HD2  sing N N 132 
HIS CE1 NE2  sing Y N 133 
HIS CE1 HE1  sing N N 134 
HIS NE2 HE2  sing N N 135 
HIS OXT HXT  sing N N 136 
HOH O   H1   sing N N 137 
HOH O   H2   sing N N 138 
ILE N   CA   sing N N 139 
ILE N   H    sing N N 140 
ILE N   H2   sing N N 141 
ILE CA  C    sing N N 142 
ILE CA  CB   sing N N 143 
ILE CA  HA   sing N N 144 
ILE C   O    doub N N 145 
ILE C   OXT  sing N N 146 
ILE CB  CG1  sing N N 147 
ILE CB  CG2  sing N N 148 
ILE CB  HB   sing N N 149 
ILE CG1 CD1  sing N N 150 
ILE CG1 HG12 sing N N 151 
ILE CG1 HG13 sing N N 152 
ILE CG2 HG21 sing N N 153 
ILE CG2 HG22 sing N N 154 
ILE CG2 HG23 sing N N 155 
ILE CD1 HD11 sing N N 156 
ILE CD1 HD12 sing N N 157 
ILE CD1 HD13 sing N N 158 
ILE OXT HXT  sing N N 159 
LEU N   CA   sing N N 160 
LEU N   H    sing N N 161 
LEU N   H2   sing N N 162 
LEU CA  C    sing N N 163 
LEU CA  CB   sing N N 164 
LEU CA  HA   sing N N 165 
LEU C   O    doub N N 166 
LEU C   OXT  sing N N 167 
LEU CB  CG   sing N N 168 
LEU CB  HB2  sing N N 169 
LEU CB  HB3  sing N N 170 
LEU CG  CD1  sing N N 171 
LEU CG  CD2  sing N N 172 
LEU CG  HG   sing N N 173 
LEU CD1 HD11 sing N N 174 
LEU CD1 HD12 sing N N 175 
LEU CD1 HD13 sing N N 176 
LEU CD2 HD21 sing N N 177 
LEU CD2 HD22 sing N N 178 
LEU CD2 HD23 sing N N 179 
LEU OXT HXT  sing N N 180 
LYS N   CA   sing N N 181 
LYS N   H    sing N N 182 
LYS N   H2   sing N N 183 
LYS CA  C    sing N N 184 
LYS CA  CB   sing N N 185 
LYS CA  HA   sing N N 186 
LYS C   O    doub N N 187 
LYS C   OXT  sing N N 188 
LYS CB  CG   sing N N 189 
LYS CB  HB2  sing N N 190 
LYS CB  HB3  sing N N 191 
LYS CG  CD   sing N N 192 
LYS CG  HG2  sing N N 193 
LYS CG  HG3  sing N N 194 
LYS CD  CE   sing N N 195 
LYS CD  HD2  sing N N 196 
LYS CD  HD3  sing N N 197 
LYS CE  NZ   sing N N 198 
LYS CE  HE2  sing N N 199 
LYS CE  HE3  sing N N 200 
LYS NZ  HZ1  sing N N 201 
LYS NZ  HZ2  sing N N 202 
LYS NZ  HZ3  sing N N 203 
LYS OXT HXT  sing N N 204 
MET N   CA   sing N N 205 
MET N   H    sing N N 206 
MET N   H2   sing N N 207 
MET CA  C    sing N N 208 
MET CA  CB   sing N N 209 
MET CA  HA   sing N N 210 
MET C   O    doub N N 211 
MET C   OXT  sing N N 212 
MET CB  CG   sing N N 213 
MET CB  HB2  sing N N 214 
MET CB  HB3  sing N N 215 
MET CG  SD   sing N N 216 
MET CG  HG2  sing N N 217 
MET CG  HG3  sing N N 218 
MET SD  CE   sing N N 219 
MET CE  HE1  sing N N 220 
MET CE  HE2  sing N N 221 
MET CE  HE3  sing N N 222 
MET OXT HXT  sing N N 223 
PHE N   CA   sing N N 224 
PHE N   H    sing N N 225 
PHE N   H2   sing N N 226 
PHE CA  C    sing N N 227 
PHE CA  CB   sing N N 228 
PHE CA  HA   sing N N 229 
PHE C   O    doub N N 230 
PHE C   OXT  sing N N 231 
PHE CB  CG   sing N N 232 
PHE CB  HB2  sing N N 233 
PHE CB  HB3  sing N N 234 
PHE CG  CD1  doub Y N 235 
PHE CG  CD2  sing Y N 236 
PHE CD1 CE1  sing Y N 237 
PHE CD1 HD1  sing N N 238 
PHE CD2 CE2  doub Y N 239 
PHE CD2 HD2  sing N N 240 
PHE CE1 CZ   doub Y N 241 
PHE CE1 HE1  sing N N 242 
PHE CE2 CZ   sing Y N 243 
PHE CE2 HE2  sing N N 244 
PHE CZ  HZ   sing N N 245 
PHE OXT HXT  sing N N 246 
PRO N   CA   sing N N 247 
PRO N   CD   sing N N 248 
PRO N   H    sing N N 249 
PRO CA  C    sing N N 250 
PRO CA  CB   sing N N 251 
PRO CA  HA   sing N N 252 
PRO C   O    doub N N 253 
PRO C   OXT  sing N N 254 
PRO CB  CG   sing N N 255 
PRO CB  HB2  sing N N 256 
PRO CB  HB3  sing N N 257 
PRO CG  CD   sing N N 258 
PRO CG  HG2  sing N N 259 
PRO CG  HG3  sing N N 260 
PRO CD  HD2  sing N N 261 
PRO CD  HD3  sing N N 262 
PRO OXT HXT  sing N N 263 
SER N   CA   sing N N 264 
SER N   H    sing N N 265 
SER N   H2   sing N N 266 
SER CA  C    sing N N 267 
SER CA  CB   sing N N 268 
SER CA  HA   sing N N 269 
SER C   O    doub N N 270 
SER C   OXT  sing N N 271 
SER CB  OG   sing N N 272 
SER CB  HB2  sing N N 273 
SER CB  HB3  sing N N 274 
SER OG  HG   sing N N 275 
SER OXT HXT  sing N N 276 
THR N   CA   sing N N 277 
THR N   H    sing N N 278 
THR N   H2   sing N N 279 
THR CA  C    sing N N 280 
THR CA  CB   sing N N 281 
THR CA  HA   sing N N 282 
THR C   O    doub N N 283 
THR C   OXT  sing N N 284 
THR CB  OG1  sing N N 285 
THR CB  CG2  sing N N 286 
THR CB  HB   sing N N 287 
THR OG1 HG1  sing N N 288 
THR CG2 HG21 sing N N 289 
THR CG2 HG22 sing N N 290 
THR CG2 HG23 sing N N 291 
THR OXT HXT  sing N N 292 
TRP N   CA   sing N N 293 
TRP N   H    sing N N 294 
TRP N   H2   sing N N 295 
TRP CA  C    sing N N 296 
TRP CA  CB   sing N N 297 
TRP CA  HA   sing N N 298 
TRP C   O    doub N N 299 
TRP C   OXT  sing N N 300 
TRP CB  CG   sing N N 301 
TRP CB  HB2  sing N N 302 
TRP CB  HB3  sing N N 303 
TRP CG  CD1  doub Y N 304 
TRP CG  CD2  sing Y N 305 
TRP CD1 NE1  sing Y N 306 
TRP CD1 HD1  sing N N 307 
TRP CD2 CE2  doub Y N 308 
TRP CD2 CE3  sing Y N 309 
TRP NE1 CE2  sing Y N 310 
TRP NE1 HE1  sing N N 311 
TRP CE2 CZ2  sing Y N 312 
TRP CE3 CZ3  doub Y N 313 
TRP CE3 HE3  sing N N 314 
TRP CZ2 CH2  doub Y N 315 
TRP CZ2 HZ2  sing N N 316 
TRP CZ3 CH2  sing Y N 317 
TRP CZ3 HZ3  sing N N 318 
TRP CH2 HH2  sing N N 319 
TRP OXT HXT  sing N N 320 
TYR N   CA   sing N N 321 
TYR N   H    sing N N 322 
TYR N   H2   sing N N 323 
TYR CA  C    sing N N 324 
TYR CA  CB   sing N N 325 
TYR CA  HA   sing N N 326 
TYR C   O    doub N N 327 
TYR C   OXT  sing N N 328 
TYR CB  CG   sing N N 329 
TYR CB  HB2  sing N N 330 
TYR CB  HB3  sing N N 331 
TYR CG  CD1  doub Y N 332 
TYR CG  CD2  sing Y N 333 
TYR CD1 CE1  sing Y N 334 
TYR CD1 HD1  sing N N 335 
TYR CD2 CE2  doub Y N 336 
TYR CD2 HD2  sing N N 337 
TYR CE1 CZ   doub Y N 338 
TYR CE1 HE1  sing N N 339 
TYR CE2 CZ   sing Y N 340 
TYR CE2 HE2  sing N N 341 
TYR CZ  OH   sing N N 342 
TYR OH  HH   sing N N 343 
TYR OXT HXT  sing N N 344 
VAL N   CA   sing N N 345 
VAL N   H    sing N N 346 
VAL N   H2   sing N N 347 
VAL CA  C    sing N N 348 
VAL CA  CB   sing N N 349 
VAL CA  HA   sing N N 350 
VAL C   O    doub N N 351 
VAL C   OXT  sing N N 352 
VAL CB  CG1  sing N N 353 
VAL CB  CG2  sing N N 354 
VAL CB  HB   sing N N 355 
VAL CG1 HG11 sing N N 356 
VAL CG1 HG12 sing N N 357 
VAL CG1 HG13 sing N N 358 
VAL CG2 HG21 sing N N 359 
VAL CG2 HG22 sing N N 360 
VAL CG2 HG23 sing N N 361 
VAL OXT HXT  sing N N 362 
# 
_pdbx_entity_nonpoly.entity_id   3 
_pdbx_entity_nonpoly.name        water 
_pdbx_entity_nonpoly.comp_id     HOH 
# 
_pdbx_initial_refinement_model.id               1 
_pdbx_initial_refinement_model.entity_id_list   ? 
_pdbx_initial_refinement_model.type             'experimental model' 
_pdbx_initial_refinement_model.source_name      PDB 
_pdbx_initial_refinement_model.accession_code   7CEI 
_pdbx_initial_refinement_model.details          ? 
# 
